data_6M7G
#
_entry.id   6M7G
#
_cell.length_a   53.841
_cell.length_b   142.693
_cell.length_c   178.308
_cell.angle_alpha   90.00
_cell.angle_beta   89.99
_cell.angle_gamma   90.00
#
_symmetry.space_group_name_H-M   'P 1 21 1'
#
loop_
_entity.id
_entity.type
_entity.pdbx_description
1 polymer 'Phosphinothricin N-acetyltransferase'
2 non-polymer PHOSPHINOTHRICIN
3 water water
#
_entity_poly.entity_id   1
_entity_poly.type   'polypeptide(L)'
_entity_poly.pdbx_seq_one_letter_code
;MHSGIDIRVARPEDAEEIQIIYAPIVLNTAISFEEAVPSVEQMRERISTTLQTYPYLVAVREGRVVGYAYASQHRARAAY
RWAVDVTVYVAEGQRRSGIARQLYDVLLPVLKRLGYRSAYAGIALPNEGSVGLHERLGFQHIGTFPQVGFKLDAWHDVGY
WRFDFGDEGLHPEAPLGFLSQIPLGPEQKLISEEDLNSAVDHHHHHH
;
_entity_poly.pdbx_strand_id   A,B,C,D,E,F,G,H,I,J,K,L
#
# COMPACT_ATOMS: atom_id res chain seq x y z
N GLY A 4 -20.26 30.80 38.10
CA GLY A 4 -19.25 31.40 37.25
C GLY A 4 -17.84 31.08 37.70
N ILE A 5 -17.37 29.88 37.35
CA ILE A 5 -16.06 29.38 37.77
C ILE A 5 -15.90 29.44 39.28
N ASP A 6 -16.49 28.48 39.97
CA ASP A 6 -16.43 28.41 41.42
C ASP A 6 -15.84 27.08 41.89
N ILE A 7 -14.93 27.15 42.86
CA ILE A 7 -14.23 25.95 43.34
C ILE A 7 -14.88 25.39 44.60
N ARG A 8 -15.33 24.15 44.53
CA ARG A 8 -16.00 23.52 45.68
C ARG A 8 -15.34 22.21 46.09
N VAL A 9 -15.40 21.92 47.39
CA VAL A 9 -15.00 20.60 47.89
C VAL A 9 -15.98 19.58 47.31
N ALA A 10 -15.45 18.54 46.68
CA ALA A 10 -16.30 17.56 46.01
C ALA A 10 -17.09 16.73 47.02
N ARG A 11 -18.19 16.15 46.55
CA ARG A 11 -18.97 15.18 47.33
C ARG A 11 -19.41 14.06 46.40
N PRO A 12 -19.61 12.85 46.95
CA PRO A 12 -19.94 11.67 46.14
C PRO A 12 -21.13 11.87 45.20
N GLU A 13 -21.99 12.84 45.46
CA GLU A 13 -23.09 13.14 44.56
C GLU A 13 -22.61 13.71 43.23
N ASP A 14 -21.36 14.16 43.19
CA ASP A 14 -20.76 14.68 41.96
C ASP A 14 -20.21 13.57 41.07
N ALA A 15 -20.33 12.33 41.53
CA ALA A 15 -19.78 11.16 40.83
C ALA A 15 -20.13 11.11 39.35
N GLU A 16 -21.42 11.18 39.05
CA GLU A 16 -21.89 11.16 37.68
C GLU A 16 -21.13 12.13 36.77
N GLU A 17 -21.19 13.43 37.07
CA GLU A 17 -20.56 14.44 36.22
C GLU A 17 -19.03 14.31 36.14
N ILE A 18 -18.43 13.81 37.22
CA ILE A 18 -16.99 13.52 37.22
C ILE A 18 -16.66 12.42 36.20
N GLN A 19 -17.45 11.36 36.16
CA GLN A 19 -17.28 10.29 35.17
C GLN A 19 -17.42 10.78 33.73
N ILE A 20 -18.46 11.58 33.47
CA ILE A 20 -18.71 12.13 32.13
C ILE A 20 -17.46 12.80 31.56
N ILE A 21 -16.75 13.53 32.41
CA ILE A 21 -15.46 14.10 32.04
C ILE A 21 -14.39 13.01 31.88
N TYR A 22 -14.35 12.07 32.83
CA TYR A 22 -13.26 11.11 32.91
C TYR A 22 -13.38 9.90 31.98
N ALA A 23 -14.59 9.43 31.73
CA ALA A 23 -14.81 8.25 30.87
C ALA A 23 -14.21 8.31 29.46
N PRO A 24 -14.37 9.44 28.74
CA PRO A 24 -13.78 9.45 27.40
C PRO A 24 -12.26 9.59 27.45
N ILE A 25 -11.75 10.22 28.50
CA ILE A 25 -10.30 10.35 28.68
C ILE A 25 -9.65 8.97 28.77
N VAL A 26 -10.31 8.05 29.47
CA VAL A 26 -9.82 6.68 29.60
C VAL A 26 -9.90 5.93 28.27
N LEU A 27 -10.99 6.11 27.54
CA LEU A 27 -11.24 5.35 26.32
C LEU A 27 -10.31 5.67 25.14
N ASN A 28 -9.92 6.93 24.99
CA ASN A 28 -9.31 7.39 23.74
C ASN A 28 -8.14 8.38 23.90
N THR A 29 -7.70 8.60 25.12
CA THR A 29 -6.53 9.44 25.34
C THR A 29 -5.44 8.67 26.07
N ALA A 30 -4.25 9.25 26.12
CA ALA A 30 -3.16 8.68 26.90
C ALA A 30 -2.91 9.52 28.14
N ILE A 31 -3.85 10.43 28.45
CA ILE A 31 -3.74 11.28 29.62
C ILE A 31 -3.82 10.43 30.89
N SER A 32 -4.71 9.44 30.87
CA SER A 32 -4.80 8.48 31.97
C SER A 32 -4.40 7.10 31.46
N PHE A 33 -3.63 6.37 32.26
CA PHE A 33 -3.17 5.05 31.83
C PHE A 33 -4.10 3.92 32.27
N GLU A 34 -5.32 4.27 32.68
CA GLU A 34 -6.35 3.26 32.92
C GLU A 34 -6.88 2.75 31.59
N GLU A 35 -7.22 1.47 31.53
CA GLU A 35 -7.81 0.89 30.34
C GLU A 35 -9.30 0.61 30.53
N ALA A 36 -9.67 0.21 31.74
CA ALA A 36 -11.08 -0.04 32.06
C ALA A 36 -11.80 1.26 32.37
N VAL A 37 -12.95 1.48 31.73
CA VAL A 37 -13.77 2.65 32.05
C VAL A 37 -14.52 2.44 33.35
N PRO A 38 -14.21 3.29 34.36
CA PRO A 38 -14.85 3.17 35.66
C PRO A 38 -16.32 3.56 35.60
N SER A 39 -17.16 2.88 36.35
CA SER A 39 -18.58 3.19 36.42
C SER A 39 -18.83 4.38 37.34
N VAL A 40 -20.09 4.74 37.50
CA VAL A 40 -20.47 5.83 38.40
C VAL A 40 -20.34 5.41 39.86
N GLU A 41 -20.61 4.14 40.14
CA GLU A 41 -20.45 3.61 41.49
C GLU A 41 -18.98 3.58 41.89
N GLN A 42 -18.12 3.13 40.98
CA GLN A 42 -16.68 3.08 41.22
C GLN A 42 -16.11 4.46 41.50
N MET A 43 -16.52 5.46 40.72
CA MET A 43 -16.09 6.83 40.94
C MET A 43 -16.63 7.38 42.26
N ARG A 44 -17.82 6.95 42.63
CA ARG A 44 -18.44 7.43 43.87
C ARG A 44 -17.70 6.92 45.10
N GLU A 45 -17.03 5.78 44.96
CA GLU A 45 -16.25 5.23 46.06
C GLU A 45 -14.84 5.80 46.12
N ARG A 46 -14.31 6.22 44.96
CA ARG A 46 -13.00 6.86 44.92
C ARG A 46 -13.03 8.21 45.61
N ILE A 47 -14.12 8.94 45.39
CA ILE A 47 -14.30 10.25 46.00
C ILE A 47 -14.42 10.16 47.53
N SER A 48 -15.25 9.21 47.99
CA SER A 48 -15.40 8.98 49.42
C SER A 48 -14.08 8.59 50.08
N THR A 49 -13.37 7.64 49.45
CA THR A 49 -12.09 7.16 49.97
C THR A 49 -11.03 8.25 50.00
N THR A 50 -10.94 9.04 48.92
CA THR A 50 -9.99 10.15 48.86
C THR A 50 -10.28 11.19 49.95
N LEU A 51 -11.57 11.47 50.14
CA LEU A 51 -11.98 12.50 51.10
C LEU A 51 -11.79 12.08 52.56
N GLN A 52 -11.37 10.85 52.78
CA GLN A 52 -11.09 10.37 54.13
C GLN A 52 -9.75 10.90 54.61
N THR A 53 -8.92 11.32 53.67
CA THR A 53 -7.59 11.80 53.99
C THR A 53 -7.10 12.96 53.11
N TYR A 54 -7.56 13.00 51.87
CA TYR A 54 -7.07 14.01 50.94
C TYR A 54 -8.18 14.90 50.41
N PRO A 55 -7.82 16.14 50.03
CA PRO A 55 -8.81 17.05 49.42
C PRO A 55 -9.21 16.60 48.01
N TYR A 56 -10.51 16.64 47.74
CA TYR A 56 -11.04 16.35 46.42
C TYR A 56 -11.89 17.54 46.01
N LEU A 57 -11.47 18.26 44.98
CA LEU A 57 -12.17 19.48 44.60
C LEU A 57 -12.90 19.32 43.27
N VAL A 58 -13.93 20.15 43.08
CA VAL A 58 -14.56 20.29 41.77
C VAL A 58 -14.65 21.76 41.40
N ALA A 59 -14.67 22.04 40.11
CA ALA A 59 -14.92 23.39 39.62
C ALA A 59 -16.31 23.42 39.04
N VAL A 60 -17.14 24.34 39.52
CA VAL A 60 -18.51 24.45 39.05
C VAL A 60 -18.77 25.80 38.38
N ARG A 61 -19.47 25.74 37.25
CA ARG A 61 -19.90 26.93 36.53
C ARG A 61 -21.25 26.63 35.89
N GLU A 62 -22.20 27.54 36.08
CA GLU A 62 -23.58 27.35 35.60
C GLU A 62 -24.23 26.10 36.19
N GLY A 63 -23.82 25.73 37.41
CA GLY A 63 -24.42 24.61 38.11
C GLY A 63 -23.92 23.24 37.68
N ARG A 64 -22.86 23.21 36.87
CA ARG A 64 -22.32 21.95 36.38
C ARG A 64 -20.81 21.85 36.62
N VAL A 65 -20.30 20.61 36.72
CA VAL A 65 -18.87 20.39 36.91
C VAL A 65 -18.10 20.50 35.60
N VAL A 66 -17.07 21.33 35.60
CA VAL A 66 -16.28 21.60 34.40
C VAL A 66 -14.81 21.26 34.62
N GLY A 67 -14.49 20.79 35.83
CA GLY A 67 -13.14 20.44 36.19
C GLY A 67 -13.09 19.96 37.63
N TYR A 68 -12.27 18.94 37.87
CA TYR A 68 -12.07 18.44 39.23
C TYR A 68 -10.60 18.20 39.48
N ALA A 69 -10.25 18.06 40.76
CA ALA A 69 -8.86 17.88 41.15
C ALA A 69 -8.81 17.16 42.49
N TYR A 70 -7.86 16.24 42.63
CA TYR A 70 -7.72 15.52 43.91
C TYR A 70 -6.26 15.23 44.25
N ALA A 71 -6.00 15.00 45.53
CA ALA A 71 -4.68 14.60 45.98
C ALA A 71 -4.72 13.12 46.36
N SER A 72 -3.58 12.46 46.23
CA SER A 72 -3.49 11.04 46.56
C SER A 72 -2.11 10.73 47.08
N GLN A 73 -1.94 9.56 47.67
CA GLN A 73 -0.67 9.13 48.20
C GLN A 73 0.38 9.05 47.08
N HIS A 74 1.56 9.60 47.34
CA HIS A 74 2.64 9.57 46.36
C HIS A 74 3.27 8.19 46.28
N ARG A 75 3.70 7.69 47.44
CA ARG A 75 4.25 6.33 47.56
C ARG A 75 3.81 5.68 48.88
N ALA A 76 3.99 4.37 48.98
CA ALA A 76 3.48 3.61 50.12
C ALA A 76 4.28 3.78 51.42
N ARG A 77 5.60 3.66 51.33
CA ARG A 77 6.46 3.66 52.50
C ARG A 77 6.40 4.94 53.36
N ALA A 78 6.73 4.78 54.64
CA ALA A 78 6.50 5.81 55.66
C ALA A 78 7.19 7.16 55.45
N ALA A 79 8.41 7.13 54.94
CA ALA A 79 9.20 8.36 54.82
C ALA A 79 8.73 9.22 53.66
N TYR A 80 7.76 8.71 52.88
CA TYR A 80 7.21 9.46 51.76
C TYR A 80 5.97 10.27 52.18
N ARG A 81 5.68 10.28 53.48
CA ARG A 81 4.40 10.80 53.98
C ARG A 81 4.21 12.31 53.83
N TRP A 82 5.29 13.04 53.57
CA TRP A 82 5.18 14.48 53.32
C TRP A 82 5.19 14.81 51.84
N ALA A 83 5.12 13.77 51.01
CA ALA A 83 5.00 13.94 49.57
C ALA A 83 3.62 13.47 49.17
N VAL A 84 3.01 14.14 48.19
CA VAL A 84 1.65 13.85 47.79
C VAL A 84 1.50 14.04 46.29
N ASP A 85 0.73 13.16 45.63
CA ASP A 85 0.47 13.31 44.21
C ASP A 85 -0.67 14.30 43.98
N VAL A 86 -0.64 15.00 42.86
CA VAL A 86 -1.76 15.86 42.47
C VAL A 86 -2.26 15.54 41.07
N THR A 87 -3.58 15.61 40.91
CA THR A 87 -4.23 15.26 39.65
C THR A 87 -5.31 16.29 39.32
N VAL A 88 -5.29 16.80 38.09
CA VAL A 88 -6.32 17.74 37.64
C VAL A 88 -6.84 17.34 36.26
N TYR A 89 -8.15 17.13 36.16
CA TYR A 89 -8.79 16.90 34.87
C TYR A 89 -9.87 17.96 34.65
N VAL A 90 -9.81 18.68 33.55
CA VAL A 90 -10.84 19.65 33.20
C VAL A 90 -11.67 19.13 32.03
N ALA A 91 -12.84 19.72 31.82
CA ALA A 91 -13.77 19.26 30.80
C ALA A 91 -13.22 19.39 29.37
N GLU A 92 -13.32 18.31 28.59
CA GLU A 92 -12.79 18.30 27.23
C GLU A 92 -13.59 19.17 26.27
N GLY A 93 -13.67 20.45 26.58
CA GLY A 93 -14.38 21.43 25.77
C GLY A 93 -14.37 22.77 26.49
N GLN A 94 -14.00 22.72 27.76
CA GLN A 94 -13.90 23.91 28.59
C GLN A 94 -12.45 24.16 28.97
N ARG A 95 -11.53 23.52 28.24
CA ARG A 95 -10.10 23.67 28.49
C ARG A 95 -9.61 25.05 28.10
N ARG A 96 -8.33 25.16 27.72
CA ARG A 96 -7.65 26.46 27.65
C ARG A 96 -7.92 27.14 28.99
N SER A 97 -7.50 26.46 30.05
CA SER A 97 -7.91 26.76 31.42
C SER A 97 -6.74 27.26 32.28
N GLY A 98 -7.02 28.23 33.17
CA GLY A 98 -8.37 28.70 33.44
C GLY A 98 -8.93 27.96 34.64
N ILE A 99 -9.75 26.95 34.35
CA ILE A 99 -10.25 26.04 35.36
C ILE A 99 -9.10 25.39 36.14
N ALA A 100 -8.17 24.78 35.41
CA ALA A 100 -7.04 24.09 36.03
C ALA A 100 -6.23 24.98 36.96
N ARG A 101 -5.97 26.22 36.54
CA ARG A 101 -5.22 27.18 37.33
C ARG A 101 -5.97 27.54 38.61
N GLN A 102 -7.29 27.67 38.50
CA GLN A 102 -8.10 28.01 39.66
C GLN A 102 -8.18 26.84 40.63
N LEU A 103 -8.18 25.62 40.10
CA LEU A 103 -8.14 24.43 40.94
C LEU A 103 -6.84 24.36 41.74
N TYR A 104 -5.73 24.54 41.05
CA TYR A 104 -4.42 24.50 41.68
C TYR A 104 -4.25 25.64 42.68
N ASP A 105 -4.85 26.79 42.39
CA ASP A 105 -4.81 27.94 43.29
C ASP A 105 -5.45 27.63 44.64
N VAL A 106 -6.36 26.66 44.66
CA VAL A 106 -7.00 26.20 45.90
C VAL A 106 -6.34 24.95 46.47
N LEU A 107 -6.12 23.95 45.60
CA LEU A 107 -5.55 22.68 46.02
C LEU A 107 -4.20 22.81 46.70
N LEU A 108 -3.29 23.55 46.07
CA LEU A 108 -1.92 23.67 46.58
C LEU A 108 -1.80 24.31 47.98
N PRO A 109 -2.46 25.47 48.19
CA PRO A 109 -2.32 26.07 49.53
C PRO A 109 -2.95 25.20 50.63
N VAL A 110 -4.00 24.46 50.30
CA VAL A 110 -4.57 23.51 51.25
C VAL A 110 -3.50 22.48 51.63
N LEU A 111 -2.88 21.89 50.62
CA LEU A 111 -1.82 20.91 50.81
C LEU A 111 -0.71 21.44 51.72
N LYS A 112 -0.31 22.69 51.51
CA LYS A 112 0.74 23.32 52.31
C LYS A 112 0.32 23.44 53.78
N ARG A 113 -0.91 23.89 54.00
CA ARG A 113 -1.44 24.04 55.35
C ARG A 113 -1.67 22.68 56.03
N LEU A 114 -1.79 21.62 55.23
CA LEU A 114 -1.94 20.28 55.77
C LEU A 114 -0.60 19.72 56.25
N GLY A 115 0.49 20.34 55.81
CA GLY A 115 1.81 19.95 56.28
C GLY A 115 2.65 19.16 55.28
N TYR A 116 2.28 19.22 54.00
CA TYR A 116 3.07 18.56 52.97
C TYR A 116 4.23 19.45 52.55
N ARG A 117 5.32 18.84 52.10
CA ARG A 117 6.51 19.60 51.73
C ARG A 117 6.67 19.70 50.22
N SER A 118 6.11 18.72 49.50
CA SER A 118 6.21 18.70 48.04
C SER A 118 5.02 17.97 47.41
N ALA A 119 4.54 18.49 46.29
CA ALA A 119 3.45 17.85 45.55
C ALA A 119 3.97 17.47 44.18
N TYR A 120 3.58 16.28 43.70
CA TYR A 120 4.04 15.81 42.39
C TYR A 120 2.88 15.61 41.43
N ALA A 121 3.08 16.07 40.19
CA ALA A 121 2.09 15.91 39.14
C ALA A 121 2.66 15.06 38.01
N GLY A 122 1.98 13.95 37.69
CA GLY A 122 2.43 13.08 36.63
C GLY A 122 1.76 13.40 35.30
N ILE A 123 2.54 13.83 34.33
CA ILE A 123 2.00 14.22 33.03
C ILE A 123 2.47 13.28 31.92
N ALA A 124 1.52 12.60 31.27
CA ALA A 124 1.84 11.82 30.08
C ALA A 124 2.23 12.77 28.96
N LEU A 125 3.33 12.45 28.28
CA LEU A 125 3.87 13.33 27.26
C LEU A 125 3.64 12.75 25.86
N PRO A 126 3.49 13.61 24.84
CA PRO A 126 3.55 15.08 24.96
C PRO A 126 2.22 15.69 25.38
N ASN A 127 2.29 16.90 25.94
CA ASN A 127 1.12 17.70 26.31
C ASN A 127 1.57 19.13 26.62
N GLU A 128 1.67 19.96 25.59
CA GLU A 128 2.13 21.34 25.76
C GLU A 128 1.16 22.12 26.63
N GLY A 129 -0.12 21.78 26.54
CA GLY A 129 -1.15 22.40 27.33
C GLY A 129 -0.94 22.23 28.81
N SER A 130 -0.74 20.99 29.25
CA SER A 130 -0.59 20.71 30.67
C SER A 130 0.78 21.13 31.20
N VAL A 131 1.81 20.98 30.35
CA VAL A 131 3.17 21.29 30.74
C VAL A 131 3.35 22.78 31.02
N GLY A 132 2.80 23.62 30.13
CA GLY A 132 2.87 25.06 30.32
C GLY A 132 2.20 25.49 31.60
N LEU A 133 1.01 24.93 31.86
CA LEU A 133 0.26 25.20 33.08
C LEU A 133 1.09 25.03 34.34
N HIS A 134 1.72 23.86 34.47
CA HIS A 134 2.51 23.57 35.66
C HIS A 134 3.77 24.43 35.75
N GLU A 135 4.36 24.74 34.60
CA GLU A 135 5.59 25.54 34.60
C GLU A 135 5.32 26.97 35.04
N ARG A 136 4.16 27.50 34.68
CA ARG A 136 3.81 28.87 35.05
C ARG A 136 3.18 28.97 36.44
N LEU A 137 3.01 27.82 37.09
CA LEU A 137 2.53 27.79 38.48
C LEU A 137 3.68 27.65 39.48
N GLY A 138 4.85 27.21 39.00
CA GLY A 138 6.00 27.08 39.87
C GLY A 138 6.57 25.68 39.95
N PHE A 139 6.03 24.76 39.15
CA PHE A 139 6.50 23.38 39.16
C PHE A 139 7.86 23.23 38.48
N GLN A 140 8.74 22.44 39.08
CA GLN A 140 10.02 22.10 38.47
C GLN A 140 9.95 20.72 37.84
N HIS A 141 10.42 20.61 36.60
CA HIS A 141 10.54 19.32 35.94
C HIS A 141 11.68 18.54 36.59
N ILE A 142 11.34 17.44 37.25
CA ILE A 142 12.34 16.68 38.00
C ILE A 142 12.72 15.35 37.36
N GLY A 143 12.14 15.06 36.20
CA GLY A 143 12.49 13.83 35.49
C GLY A 143 11.41 13.29 34.57
N THR A 144 11.81 12.41 33.67
CA THR A 144 10.87 11.77 32.76
C THR A 144 11.13 10.28 32.64
N PHE A 145 10.07 9.49 32.80
CA PHE A 145 10.14 8.06 32.56
C PHE A 145 9.79 7.80 31.10
N PRO A 146 10.80 7.51 30.27
CA PRO A 146 10.60 7.35 28.83
C PRO A 146 9.99 6.01 28.46
N GLN A 147 9.02 6.01 27.55
CA GLN A 147 8.36 4.78 27.07
C GLN A 147 7.94 3.84 28.20
N VAL A 148 7.43 4.41 29.28
CA VAL A 148 7.09 3.63 30.46
C VAL A 148 5.68 3.02 30.34
N GLY A 149 4.88 3.60 29.45
CA GLY A 149 3.52 3.11 29.28
C GLY A 149 3.18 2.80 27.84
N PHE A 150 2.31 1.80 27.65
CA PHE A 150 1.81 1.49 26.32
C PHE A 150 0.28 1.50 26.30
N LYS A 151 -0.29 2.34 25.46
CA LYS A 151 -1.74 2.46 25.32
C LYS A 151 -2.09 3.07 23.97
N LEU A 152 -3.17 2.58 23.37
CA LEU A 152 -3.62 3.05 22.06
C LEU A 152 -2.52 2.92 21.02
N ASP A 153 -1.87 1.76 21.01
CA ASP A 153 -0.85 1.42 20.02
C ASP A 153 0.32 2.40 19.98
N ALA A 154 0.73 2.91 21.14
CA ALA A 154 1.88 3.79 21.21
C ALA A 154 2.54 3.79 22.60
N TRP A 155 3.85 3.95 22.63
CA TRP A 155 4.58 4.06 23.88
C TRP A 155 4.65 5.52 24.33
N HIS A 156 4.38 5.75 25.61
CA HIS A 156 4.30 7.10 26.14
C HIS A 156 5.26 7.37 27.29
N ASP A 157 5.91 8.52 27.25
CA ASP A 157 6.73 8.97 28.37
C ASP A 157 5.82 9.62 29.41
N VAL A 158 6.23 9.55 30.67
CA VAL A 158 5.50 10.26 31.72
C VAL A 158 6.45 11.21 32.42
N GLY A 159 6.09 12.49 32.46
CA GLY A 159 6.92 13.48 33.12
C GLY A 159 6.43 13.74 34.52
N TYR A 160 7.34 14.12 35.42
CA TYR A 160 6.95 14.50 36.76
C TYR A 160 7.37 15.94 37.09
N TRP A 161 6.43 16.71 37.62
CA TRP A 161 6.70 18.08 38.04
C TRP A 161 6.52 18.24 39.54
N ARG A 162 7.41 18.99 40.17
CA ARG A 162 7.41 19.09 41.63
C ARG A 162 7.09 20.50 42.11
N PHE A 163 6.21 20.60 43.10
CA PHE A 163 5.93 21.88 43.72
C PHE A 163 6.39 21.87 45.17
N ASP A 164 7.50 22.55 45.44
CA ASP A 164 8.07 22.58 46.77
C ASP A 164 7.31 23.57 47.66
N PHE A 165 6.82 23.09 48.79
CA PHE A 165 6.12 23.95 49.73
C PHE A 165 7.11 24.57 50.73
N GLY A 166 8.31 23.99 50.82
CA GLY A 166 9.32 24.50 51.72
C GLY A 166 9.48 23.70 53.00
N ASP A 167 9.99 24.34 54.04
CA ASP A 167 10.11 23.77 55.40
C ASP A 167 11.13 22.62 55.55
N GLU A 168 11.48 22.32 56.80
CA GLU A 168 12.39 21.23 57.14
C GLU A 168 12.37 20.92 58.65
N GLY A 169 11.19 21.08 59.26
CA GLY A 169 11.00 20.79 60.67
C GLY A 169 10.30 19.45 60.91
N LEU A 170 9.40 19.11 59.98
CA LEU A 170 8.80 17.78 59.89
C LEU A 170 7.82 17.38 60.99
N HIS A 171 6.54 17.71 60.79
CA HIS A 171 5.45 17.16 61.57
C HIS A 171 4.54 16.37 60.63
N PRO A 172 3.96 15.27 61.13
CA PRO A 172 3.16 14.37 60.28
C PRO A 172 1.99 15.07 59.60
N GLU A 173 1.86 14.88 58.29
CA GLU A 173 0.79 15.51 57.51
C GLU A 173 -0.60 15.22 58.07
N ALA A 174 -1.40 16.27 58.25
CA ALA A 174 -2.80 16.13 58.67
C ALA A 174 -3.69 15.95 57.44
N PRO A 175 -4.86 15.31 57.62
CA PRO A 175 -5.79 15.10 56.50
C PRO A 175 -6.83 16.21 56.37
N LEU A 176 -7.42 16.34 55.18
CA LEU A 176 -8.55 17.25 55.00
C LEU A 176 -9.67 16.74 55.88
N GLY A 177 -10.09 17.56 56.86
CA GLY A 177 -11.08 17.22 57.87
C GLY A 177 -12.01 16.06 57.55
N PHE A 178 -11.61 14.87 58.01
CA PHE A 178 -12.21 13.61 57.57
C PHE A 178 -13.73 13.53 57.64
N LEU A 179 -14.32 12.91 56.62
CA LEU A 179 -15.76 12.73 56.56
C LEU A 179 -16.28 11.88 57.72
N GLY B 4 27.91 39.24 39.14
CA GLY B 4 26.91 38.35 39.72
C GLY B 4 25.59 38.43 38.99
N ILE B 5 25.65 38.21 37.67
CA ILE B 5 24.48 38.31 36.79
C ILE B 5 23.84 39.69 36.80
N ASP B 6 24.46 40.61 36.07
CA ASP B 6 23.90 41.93 35.84
C ASP B 6 23.63 42.12 34.35
N ILE B 7 22.64 42.96 34.02
CA ILE B 7 22.19 43.10 32.64
C ILE B 7 22.49 44.48 32.03
N ARG B 8 23.38 44.53 31.05
CA ARG B 8 23.72 45.78 30.36
C ARG B 8 23.30 45.76 28.89
N VAL B 9 23.10 46.94 28.32
CA VAL B 9 22.90 47.05 26.89
C VAL B 9 24.21 46.67 26.21
N ALA B 10 24.12 45.84 25.17
CA ALA B 10 25.32 45.35 24.49
C ALA B 10 26.09 46.47 23.78
N ARG B 11 27.27 46.13 23.29
CA ARG B 11 28.11 47.07 22.55
C ARG B 11 29.04 46.27 21.63
N PRO B 12 29.44 46.87 20.49
CA PRO B 12 30.28 46.17 19.50
C PRO B 12 31.56 45.57 20.10
N GLU B 13 32.07 46.14 21.18
CA GLU B 13 33.25 45.61 21.85
C GLU B 13 33.00 44.29 22.58
N ASP B 14 31.73 43.88 22.68
CA ASP B 14 31.39 42.61 23.31
C ASP B 14 31.34 41.47 22.29
N ALA B 15 31.58 41.79 21.03
CA ALA B 15 31.49 40.81 19.94
C ALA B 15 32.32 39.57 20.19
N GLU B 16 33.53 39.76 20.72
CA GLU B 16 34.43 38.64 20.99
C GLU B 16 33.83 37.64 21.97
N GLU B 17 33.24 38.12 23.06
CA GLU B 17 32.68 37.22 24.07
C GLU B 17 31.31 36.68 23.65
N ILE B 18 30.68 37.36 22.69
CA ILE B 18 29.42 36.88 22.13
C ILE B 18 29.69 35.76 21.12
N GLN B 19 30.74 35.92 20.32
CA GLN B 19 31.13 34.87 19.37
C GLN B 19 31.51 33.58 20.11
N ILE B 20 32.16 33.72 21.26
CA ILE B 20 32.51 32.58 22.11
C ILE B 20 31.27 31.74 22.44
N ILE B 21 30.17 32.42 22.76
CA ILE B 21 28.92 31.73 23.06
C ILE B 21 28.26 31.15 21.80
N TYR B 22 28.23 31.95 20.74
CA TYR B 22 27.48 31.61 19.53
C TYR B 22 28.13 30.55 18.65
N ALA B 23 29.45 30.62 18.51
CA ALA B 23 30.19 29.68 17.65
C ALA B 23 29.91 28.18 17.87
N PRO B 24 29.94 27.71 19.14
CA PRO B 24 29.70 26.27 19.32
C PRO B 24 28.27 25.87 18.97
N ILE B 25 27.31 26.71 19.33
CA ILE B 25 25.91 26.48 19.00
C ILE B 25 25.72 26.29 17.50
N VAL B 26 26.38 27.13 16.70
CA VAL B 26 26.32 27.03 15.25
C VAL B 26 26.92 25.72 14.72
N LEU B 27 28.06 25.32 15.27
CA LEU B 27 28.79 24.15 14.76
C LEU B 27 28.17 22.80 15.14
N ASN B 28 27.71 22.69 16.39
CA ASN B 28 27.43 21.37 16.96
C ASN B 28 25.98 21.16 17.37
N THR B 29 25.17 22.20 17.33
CA THR B 29 23.78 22.09 17.73
C THR B 29 22.85 22.46 16.59
N ALA B 30 21.55 22.24 16.82
CA ALA B 30 20.53 22.70 15.88
C ALA B 30 19.71 23.81 16.52
N ILE B 31 20.25 24.43 17.57
CA ILE B 31 19.60 25.59 18.18
C ILE B 31 19.51 26.73 17.16
N SER B 32 20.63 27.00 16.49
CA SER B 32 20.66 28.00 15.42
C SER B 32 20.73 27.28 14.08
N PHE B 33 20.12 27.88 13.05
CA PHE B 33 20.10 27.24 11.74
C PHE B 33 21.16 27.76 10.76
N GLU B 34 22.15 28.49 11.29
CA GLU B 34 23.33 28.82 10.48
C GLU B 34 24.24 27.61 10.39
N GLU B 35 24.95 27.47 9.27
CA GLU B 35 25.90 26.38 9.11
C GLU B 35 27.33 26.92 9.07
N ALA B 36 27.44 28.23 8.87
CA ALA B 36 28.75 28.88 8.84
C ALA B 36 28.92 29.77 10.06
N VAL B 37 30.09 29.67 10.71
CA VAL B 37 30.38 30.47 11.88
C VAL B 37 30.82 31.87 11.49
N PRO B 38 30.09 32.89 11.97
CA PRO B 38 30.45 34.29 11.70
C PRO B 38 31.71 34.69 12.46
N SER B 39 32.56 35.51 11.85
CA SER B 39 33.76 35.99 12.51
C SER B 39 33.40 37.06 13.53
N VAL B 40 34.37 37.42 14.37
CA VAL B 40 34.16 38.44 15.39
C VAL B 40 33.76 39.77 14.76
N GLU B 41 34.39 40.11 13.64
CA GLU B 41 34.06 41.33 12.91
C GLU B 41 32.64 41.26 12.35
N GLN B 42 32.25 40.06 11.91
CA GLN B 42 30.89 39.85 11.41
C GLN B 42 29.88 39.99 12.55
N MET B 43 30.24 39.47 13.72
CA MET B 43 29.40 39.63 14.90
C MET B 43 29.39 41.08 15.36
N ARG B 44 30.45 41.81 15.04
CA ARG B 44 30.55 43.22 15.41
C ARG B 44 29.61 44.07 14.56
N GLU B 45 29.38 43.65 13.32
CA GLU B 45 28.50 44.39 12.42
C GLU B 45 27.01 44.11 12.71
N ARG B 46 26.72 42.91 13.22
CA ARG B 46 25.35 42.56 13.59
C ARG B 46 24.89 43.40 14.77
N ILE B 47 25.71 43.43 15.81
CA ILE B 47 25.44 44.20 17.02
C ILE B 47 25.15 45.66 16.70
N SER B 48 25.99 46.27 15.85
CA SER B 48 25.79 47.64 15.42
C SER B 48 24.48 47.83 14.67
N THR B 49 24.24 46.97 13.68
CA THR B 49 23.02 47.02 12.88
C THR B 49 21.75 46.83 13.72
N THR B 50 21.78 45.85 14.62
CA THR B 50 20.66 45.57 15.50
C THR B 50 20.33 46.77 16.38
N LEU B 51 21.37 47.41 16.91
CA LEU B 51 21.20 48.49 17.87
C LEU B 51 20.66 49.76 17.23
N GLN B 52 20.66 49.81 15.89
CA GLN B 52 20.15 50.96 15.16
C GLN B 52 18.64 51.11 15.34
N THR B 53 17.99 50.03 15.76
CA THR B 53 16.53 50.04 15.87
C THR B 53 16.00 49.08 16.94
N TYR B 54 16.79 48.08 17.30
CA TYR B 54 16.35 47.08 18.27
C TYR B 54 17.26 46.99 19.49
N PRO B 55 16.69 46.63 20.65
CA PRO B 55 17.50 46.40 21.85
C PRO B 55 18.41 45.19 21.69
N TYR B 56 19.67 45.32 22.11
CA TYR B 56 20.61 44.21 22.15
C TYR B 56 21.23 44.19 23.55
N LEU B 57 21.01 43.11 24.29
CA LEU B 57 21.42 43.07 25.69
C LEU B 57 22.47 41.99 25.98
N VAL B 58 23.26 42.20 27.03
CA VAL B 58 24.20 41.19 27.49
C VAL B 58 24.03 40.92 28.98
N ALA B 59 24.50 39.77 29.42
CA ALA B 59 24.48 39.43 30.84
C ALA B 59 25.91 39.20 31.31
N VAL B 60 26.36 39.96 32.30
CA VAL B 60 27.74 39.87 32.75
C VAL B 60 27.89 39.10 34.06
N ARG B 61 28.85 38.19 34.10
CA ARG B 61 29.15 37.41 35.28
C ARG B 61 30.62 37.58 35.63
N GLU B 62 30.88 38.30 36.72
CA GLU B 62 32.24 38.64 37.15
C GLU B 62 33.05 39.28 36.02
N GLY B 63 32.48 40.30 35.40
CA GLY B 63 33.16 41.03 34.35
C GLY B 63 33.29 40.28 33.04
N ARG B 64 32.53 39.19 32.89
CA ARG B 64 32.55 38.40 31.67
C ARG B 64 31.14 38.20 31.11
N VAL B 65 31.00 38.28 29.78
CA VAL B 65 29.71 38.10 29.12
C VAL B 65 29.36 36.62 28.99
N VAL B 66 28.25 36.22 29.61
CA VAL B 66 27.85 34.82 29.65
C VAL B 66 26.49 34.59 28.99
N GLY B 67 25.84 35.66 28.59
CA GLY B 67 24.56 35.58 27.92
C GLY B 67 24.23 36.85 27.17
N TYR B 68 23.45 36.71 26.10
CA TYR B 68 22.98 37.87 25.35
C TYR B 68 21.59 37.64 24.77
N ALA B 69 20.82 38.72 24.68
CA ALA B 69 19.49 38.66 24.11
C ALA B 69 19.30 39.86 23.19
N TYR B 70 18.63 39.65 22.06
CA TYR B 70 18.39 40.75 21.13
C TYR B 70 17.08 40.58 20.40
N ALA B 71 16.55 41.69 19.87
CA ALA B 71 15.30 41.68 19.13
C ALA B 71 15.60 41.89 17.65
N SER B 72 14.65 41.55 16.80
CA SER B 72 14.84 41.68 15.35
C SER B 72 13.52 41.73 14.62
N GLN B 73 13.55 42.15 13.35
CA GLN B 73 12.35 42.25 12.54
C GLN B 73 11.71 40.87 12.37
N HIS B 74 10.42 40.77 12.68
CA HIS B 74 9.70 39.51 12.56
C HIS B 74 9.48 39.16 11.10
N ARG B 75 8.98 40.13 10.33
CA ARG B 75 8.81 39.97 8.89
C ARG B 75 8.92 41.30 8.15
N ALA B 76 9.11 41.25 6.85
CA ALA B 76 9.42 42.46 6.07
C ALA B 76 8.22 43.34 5.74
N ARG B 77 7.09 42.73 5.37
CA ARG B 77 5.88 43.48 5.01
C ARG B 77 5.49 44.49 6.10
N ALA B 78 4.93 45.62 5.66
CA ALA B 78 4.70 46.77 6.54
C ALA B 78 3.74 46.48 7.71
N ALA B 79 2.68 45.73 7.44
CA ALA B 79 1.67 45.48 8.46
C ALA B 79 2.16 44.61 9.62
N TYR B 80 3.39 44.10 9.52
CA TYR B 80 3.96 43.28 10.57
C TYR B 80 4.71 44.09 11.63
N ARG B 81 4.76 45.41 11.44
CA ARG B 81 5.64 46.28 12.24
C ARG B 81 5.41 46.26 13.74
N TRP B 82 4.32 45.65 14.20
CA TRP B 82 4.07 45.54 15.63
C TRP B 82 4.41 44.15 16.15
N ALA B 83 5.08 43.37 15.29
CA ALA B 83 5.58 42.06 15.68
C ALA B 83 7.10 42.10 15.70
N VAL B 84 7.71 41.36 16.63
CA VAL B 84 9.16 41.37 16.77
C VAL B 84 9.67 39.97 17.12
N ASP B 85 10.81 39.59 16.54
CA ASP B 85 11.45 38.33 16.93
C ASP B 85 12.34 38.55 18.15
N VAL B 86 12.37 37.58 19.07
CA VAL B 86 13.29 37.66 20.20
C VAL B 86 14.20 36.43 20.26
N THR B 87 15.46 36.68 20.60
CA THR B 87 16.45 35.61 20.65
C THR B 87 17.30 35.74 21.92
N VAL B 88 17.50 34.63 22.62
CA VAL B 88 18.34 34.61 23.81
C VAL B 88 19.32 33.44 23.72
N TYR B 89 20.60 33.73 23.91
CA TYR B 89 21.60 32.69 23.97
C TYR B 89 22.44 32.82 25.23
N VAL B 90 22.25 31.92 26.20
CA VAL B 90 23.16 31.82 27.32
C VAL B 90 24.35 30.96 26.91
N ALA B 91 25.43 31.01 27.67
CA ALA B 91 26.63 30.27 27.29
C ALA B 91 26.55 28.82 27.71
N GLU B 92 27.14 27.94 26.89
CA GLU B 92 27.01 26.50 27.07
C GLU B 92 27.59 25.99 28.39
N GLY B 93 26.89 26.25 29.49
CA GLY B 93 27.34 25.78 30.79
C GLY B 93 26.67 26.43 31.99
N GLN B 94 26.50 27.75 31.93
CA GLN B 94 25.84 28.49 33.00
C GLN B 94 24.33 28.48 32.79
N ARG B 95 23.85 27.47 32.07
CA ARG B 95 22.43 27.29 31.81
C ARG B 95 21.67 26.91 33.08
N ARG B 96 20.60 26.13 32.92
CA ARG B 96 19.58 25.99 33.96
C ARG B 96 19.24 27.41 34.38
N SER B 97 19.03 28.26 33.38
CA SER B 97 18.98 29.69 33.53
C SER B 97 17.56 30.24 33.59
N GLY B 98 17.32 31.24 34.44
CA GLY B 98 18.37 31.86 35.22
C GLY B 98 18.82 33.14 34.54
N ILE B 99 19.99 33.08 33.91
CA ILE B 99 20.44 34.15 33.02
C ILE B 99 19.37 34.40 31.97
N ALA B 100 18.89 33.32 31.36
CA ALA B 100 17.86 33.40 30.33
C ALA B 100 16.61 34.10 30.83
N ARG B 101 16.10 33.69 31.99
CA ARG B 101 14.96 34.34 32.61
C ARG B 101 15.25 35.81 32.89
N GLN B 102 16.49 36.09 33.26
CA GLN B 102 16.89 37.45 33.66
C GLN B 102 16.96 38.37 32.45
N LEU B 103 17.61 37.89 31.39
CA LEU B 103 17.72 38.63 30.14
C LEU B 103 16.32 38.99 29.63
N TYR B 104 15.43 38.00 29.64
CA TYR B 104 14.05 38.19 29.19
C TYR B 104 13.29 39.20 30.05
N ASP B 105 13.57 39.19 31.35
CA ASP B 105 12.92 40.12 32.27
C ASP B 105 13.29 41.58 32.00
N VAL B 106 14.42 41.78 31.31
CA VAL B 106 14.81 43.12 30.88
C VAL B 106 14.31 43.41 29.46
N LEU B 107 14.54 42.46 28.55
CA LEU B 107 14.21 42.61 27.13
C LEU B 107 12.73 42.85 26.86
N LEU B 108 11.87 42.00 27.41
CA LEU B 108 10.44 42.07 27.16
C LEU B 108 9.77 43.41 27.55
N PRO B 109 9.99 43.89 28.78
CA PRO B 109 9.37 45.17 29.17
C PRO B 109 9.80 46.32 28.26
N VAL B 110 11.05 46.31 27.81
CA VAL B 110 11.52 47.32 26.86
C VAL B 110 10.76 47.24 25.53
N LEU B 111 10.57 46.01 25.03
CA LEU B 111 9.76 45.79 23.83
C LEU B 111 8.34 46.31 24.01
N LYS B 112 7.75 46.11 25.19
CA LYS B 112 6.40 46.58 25.46
C LYS B 112 6.32 48.11 25.36
N ARG B 113 7.26 48.79 26.01
CA ARG B 113 7.27 50.26 26.00
C ARG B 113 7.41 50.80 24.58
N LEU B 114 8.34 50.23 23.82
CA LEU B 114 8.60 50.66 22.44
C LEU B 114 7.35 50.67 21.55
N GLY B 115 6.42 49.74 21.78
CA GLY B 115 5.18 49.75 21.03
C GLY B 115 4.78 48.42 20.42
N TYR B 116 5.68 47.46 20.41
CA TYR B 116 5.36 46.14 19.86
C TYR B 116 4.23 45.49 20.63
N ARG B 117 3.33 44.81 19.93
CA ARG B 117 2.19 44.17 20.57
C ARG B 117 2.43 42.69 20.75
N SER B 118 3.32 42.12 19.95
CA SER B 118 3.64 40.71 20.06
C SER B 118 5.12 40.42 19.85
N ALA B 119 5.63 39.44 20.60
CA ALA B 119 7.02 39.00 20.47
C ALA B 119 7.07 37.49 20.24
N TYR B 120 7.82 37.06 19.22
CA TYR B 120 7.84 35.66 18.87
C TYR B 120 9.23 35.03 19.06
N ALA B 121 9.25 33.81 19.59
CA ALA B 121 10.49 33.07 19.78
C ALA B 121 10.49 31.79 18.95
N GLY B 122 11.50 31.65 18.08
CA GLY B 122 11.67 30.42 17.35
C GLY B 122 12.52 29.44 18.14
N ILE B 123 11.95 28.28 18.46
CA ILE B 123 12.66 27.27 19.22
C ILE B 123 12.76 25.94 18.48
N ALA B 124 13.96 25.61 18.02
CA ALA B 124 14.21 24.33 17.39
C ALA B 124 13.94 23.18 18.35
N LEU B 125 13.13 22.23 17.91
CA LEU B 125 12.69 21.12 18.78
C LEU B 125 13.42 19.81 18.46
N PRO B 126 13.59 18.94 19.46
CA PRO B 126 13.14 19.10 20.85
C PRO B 126 14.09 19.94 21.71
N ASN B 127 13.53 20.70 22.64
CA ASN B 127 14.31 21.46 23.62
C ASN B 127 13.44 21.80 24.82
N GLU B 128 13.28 20.84 25.73
CA GLU B 128 12.37 20.98 26.87
C GLU B 128 12.79 22.11 27.81
N GLY B 129 14.10 22.26 28.02
CA GLY B 129 14.63 23.37 28.79
C GLY B 129 14.18 24.71 28.23
N SER B 130 14.40 24.90 26.93
CA SER B 130 13.99 26.15 26.28
C SER B 130 12.47 26.34 26.32
N VAL B 131 11.73 25.28 26.06
CA VAL B 131 10.27 25.33 26.07
C VAL B 131 9.71 25.74 27.43
N GLY B 132 10.16 25.07 28.48
CA GLY B 132 9.71 25.39 29.83
C GLY B 132 9.97 26.84 30.19
N LEU B 133 11.17 27.33 29.89
CA LEU B 133 11.56 28.71 30.16
C LEU B 133 10.57 29.69 29.56
N HIS B 134 10.38 29.59 28.25
CA HIS B 134 9.43 30.45 27.55
C HIS B 134 8.01 30.28 28.10
N GLU B 135 7.61 29.04 28.32
CA GLU B 135 6.24 28.79 28.75
C GLU B 135 5.96 29.24 30.18
N ARG B 136 7.00 29.39 30.99
CA ARG B 136 6.82 29.90 32.35
C ARG B 136 7.01 31.41 32.43
N LEU B 137 7.21 32.04 31.27
CA LEU B 137 7.26 33.50 31.17
C LEU B 137 5.93 34.04 30.65
N GLY B 138 5.10 33.17 30.11
CA GLY B 138 3.82 33.58 29.55
C GLY B 138 3.79 33.50 28.03
N PHE B 139 4.75 32.79 27.47
CA PHE B 139 4.75 32.56 26.03
C PHE B 139 3.71 31.49 25.70
N GLN B 140 2.85 31.79 24.74
CA GLN B 140 1.91 30.80 24.23
C GLN B 140 2.47 30.13 22.97
N HIS B 141 2.50 28.79 22.98
CA HIS B 141 2.89 28.04 21.78
C HIS B 141 1.81 28.24 20.73
N ILE B 142 2.21 28.71 19.56
CA ILE B 142 1.24 29.08 18.52
C ILE B 142 1.38 28.30 17.22
N GLY B 143 2.35 27.38 17.16
CA GLY B 143 2.53 26.57 15.97
C GLY B 143 3.91 25.96 15.85
N THR B 144 4.00 24.87 15.08
CA THR B 144 5.28 24.22 14.82
C THR B 144 5.48 23.97 13.34
N PHE B 145 6.68 24.24 12.83
CA PHE B 145 7.00 23.94 11.45
C PHE B 145 7.80 22.63 11.41
N PRO B 146 7.11 21.52 11.06
CA PRO B 146 7.73 20.19 11.14
C PRO B 146 8.73 19.93 10.02
N GLN B 147 9.85 19.30 10.37
CA GLN B 147 10.90 18.96 9.41
C GLN B 147 11.27 20.12 8.48
N VAL B 148 11.21 21.34 9.01
CA VAL B 148 11.43 22.54 8.20
C VAL B 148 12.91 22.79 7.96
N GLY B 149 13.76 22.11 8.72
CA GLY B 149 15.18 22.34 8.63
C GLY B 149 16.02 21.09 8.66
N PHE B 150 17.12 21.10 7.93
CA PHE B 150 18.05 19.97 7.92
C PHE B 150 19.45 20.38 8.35
N LYS B 151 19.87 19.88 9.51
CA LYS B 151 21.21 20.17 10.01
C LYS B 151 21.71 18.97 10.81
N LEU B 152 23.01 18.70 10.68
CA LEU B 152 23.66 17.62 11.41
C LEU B 152 22.97 16.27 11.17
N ASP B 153 22.79 15.95 9.89
CA ASP B 153 22.25 14.66 9.48
C ASP B 153 20.89 14.32 10.12
N ALA B 154 20.07 15.34 10.34
CA ALA B 154 18.75 15.12 10.93
C ALA B 154 17.76 16.22 10.55
N TRP B 155 16.48 15.92 10.64
CA TRP B 155 15.43 16.90 10.37
C TRP B 155 14.87 17.46 11.68
N HIS B 156 14.68 18.78 11.73
CA HIS B 156 14.30 19.42 12.98
C HIS B 156 13.03 20.26 12.86
N ASP B 157 12.08 20.04 13.76
CA ASP B 157 10.88 20.88 13.81
C ASP B 157 11.27 22.22 14.40
N VAL B 158 10.50 23.26 14.11
CA VAL B 158 10.72 24.56 14.72
C VAL B 158 9.41 25.09 15.28
N GLY B 159 9.34 25.23 16.60
CA GLY B 159 8.14 25.72 17.23
C GLY B 159 8.21 27.21 17.49
N TYR B 160 7.06 27.88 17.44
CA TYR B 160 7.04 29.30 17.74
C TYR B 160 6.22 29.59 18.98
N TRP B 161 6.83 30.31 19.92
CA TRP B 161 6.11 30.73 21.12
C TRP B 161 5.85 32.23 21.05
N ARG B 162 4.67 32.64 21.49
CA ARG B 162 4.28 34.03 21.38
C ARG B 162 4.09 34.68 22.74
N PHE B 163 4.75 35.81 22.97
CA PHE B 163 4.43 36.65 24.12
C PHE B 163 3.61 37.85 23.66
N ASP B 164 2.44 38.02 24.29
CA ASP B 164 1.53 39.11 23.96
C ASP B 164 1.72 40.28 24.91
N PHE B 165 1.67 41.49 24.38
CA PHE B 165 1.76 42.69 25.21
C PHE B 165 0.39 43.37 25.33
N GLY B 166 -0.54 43.01 24.45
CA GLY B 166 -1.88 43.57 24.47
C GLY B 166 -2.09 44.68 23.47
N ASP B 167 -3.06 45.56 23.75
CA ASP B 167 -3.30 46.81 23.01
C ASP B 167 -3.91 46.65 21.61
N GLU B 168 -4.48 47.74 21.09
CA GLU B 168 -5.13 47.75 19.79
C GLU B 168 -5.42 49.16 19.26
N GLY B 169 -4.63 50.14 19.70
CA GLY B 169 -4.79 51.53 19.27
C GLY B 169 -3.98 51.89 18.04
N LEU B 170 -2.87 51.18 17.84
CA LEU B 170 -2.06 51.26 16.62
C LEU B 170 -1.33 52.58 16.37
N HIS B 171 -0.08 52.61 16.80
CA HIS B 171 0.87 53.67 16.42
C HIS B 171 2.21 53.00 16.13
N PRO B 172 2.99 53.54 15.19
CA PRO B 172 4.23 52.90 14.74
C PRO B 172 5.23 52.63 15.86
N GLU B 173 5.69 51.39 15.96
CA GLU B 173 6.66 51.01 16.99
C GLU B 173 7.92 51.88 16.94
N ALA B 174 8.24 52.53 18.05
CA ALA B 174 9.43 53.37 18.15
C ALA B 174 10.69 52.52 18.26
N PRO B 175 11.85 53.06 17.86
CA PRO B 175 13.09 52.28 17.95
C PRO B 175 13.98 52.68 19.14
N LEU B 176 14.70 51.69 19.70
CA LEU B 176 15.64 51.93 20.79
C LEU B 176 16.63 53.00 20.35
N GLY B 177 16.48 54.21 20.89
CA GLY B 177 17.24 55.39 20.49
C GLY B 177 18.63 55.13 19.95
N PHE B 178 18.72 55.13 18.62
CA PHE B 178 19.95 54.71 17.92
C PHE B 178 21.16 55.56 18.28
N GLY C 4 -7.65 28.82 -22.81
CA GLY C 4 -8.68 28.62 -21.81
C GLY C 4 -8.15 27.91 -20.57
N ILE C 5 -7.84 28.70 -19.54
CA ILE C 5 -7.20 28.19 -18.33
C ILE C 5 -5.94 27.40 -18.65
N ASP C 6 -4.92 28.11 -19.12
CA ASP C 6 -3.64 27.50 -19.44
C ASP C 6 -2.55 28.07 -18.53
N ILE C 7 -1.59 27.23 -18.15
CA ILE C 7 -0.53 27.65 -17.23
C ILE C 7 0.80 27.86 -17.95
N ARG C 8 1.23 29.11 -18.05
CA ARG C 8 2.51 29.45 -18.66
C ARG C 8 3.52 29.90 -17.61
N VAL C 9 4.80 29.66 -17.87
CA VAL C 9 5.85 30.25 -17.05
C VAL C 9 5.81 31.76 -17.30
N ALA C 10 5.72 32.54 -16.22
CA ALA C 10 5.59 33.99 -16.34
C ALA C 10 6.86 34.62 -16.92
N ARG C 11 6.70 35.80 -17.53
CA ARG C 11 7.83 36.60 -18.00
C ARG C 11 7.56 38.07 -17.66
N PRO C 12 8.62 38.88 -17.52
CA PRO C 12 8.48 40.27 -17.05
C PRO C 12 7.52 41.12 -17.88
N GLU C 13 7.16 40.68 -19.09
CA GLU C 13 6.19 41.42 -19.90
C GLU C 13 4.77 41.23 -19.38
N ASP C 14 4.58 40.27 -18.48
CA ASP C 14 3.28 40.03 -17.86
C ASP C 14 3.07 40.95 -16.66
N ALA C 15 4.07 41.78 -16.36
CA ALA C 15 4.07 42.66 -15.20
C ALA C 15 2.80 43.49 -15.02
N GLU C 16 2.33 44.10 -16.12
CA GLU C 16 1.14 44.95 -16.08
C GLU C 16 -0.08 44.19 -15.54
N GLU C 17 -0.48 43.13 -16.24
CA GLU C 17 -1.67 42.37 -15.86
C GLU C 17 -1.54 41.73 -14.48
N ILE C 18 -0.30 41.43 -14.08
CA ILE C 18 -0.04 40.96 -12.72
C ILE C 18 -0.31 42.05 -11.69
N GLN C 19 0.11 43.27 -11.99
CA GLN C 19 -0.12 44.42 -11.11
C GLN C 19 -1.60 44.81 -11.02
N ILE C 20 -2.32 44.69 -12.14
CA ILE C 20 -3.76 44.95 -12.17
C ILE C 20 -4.49 44.06 -11.17
N ILE C 21 -4.07 42.81 -11.08
CA ILE C 21 -4.63 41.88 -10.11
C ILE C 21 -4.20 42.21 -8.68
N TYR C 22 -2.97 42.67 -8.51
CA TYR C 22 -2.37 42.80 -7.19
C TYR C 22 -2.55 44.17 -6.51
N ALA C 23 -2.69 45.23 -7.29
CA ALA C 23 -2.85 46.58 -6.74
C ALA C 23 -4.10 46.82 -5.88
N PRO C 24 -5.28 46.33 -6.32
CA PRO C 24 -6.45 46.50 -5.45
C PRO C 24 -6.35 45.66 -4.18
N ILE C 25 -5.64 44.53 -4.26
CA ILE C 25 -5.42 43.67 -3.11
C ILE C 25 -4.62 44.41 -2.03
N VAL C 26 -3.63 45.19 -2.46
CA VAL C 26 -2.80 45.97 -1.56
C VAL C 26 -3.55 47.17 -0.94
N LEU C 27 -4.47 47.74 -1.69
CA LEU C 27 -5.19 48.94 -1.24
C LEU C 27 -6.32 48.67 -0.26
N ASN C 28 -7.11 47.62 -0.49
CA ASN C 28 -8.37 47.46 0.22
C ASN C 28 -8.65 46.06 0.77
N THR C 29 -7.66 45.17 0.70
CA THR C 29 -7.78 43.87 1.34
C THR C 29 -6.72 43.70 2.42
N ALA C 30 -6.83 42.63 3.19
CA ALA C 30 -5.78 42.25 4.11
C ALA C 30 -5.24 40.90 3.69
N ILE C 31 -5.41 40.57 2.41
CA ILE C 31 -4.83 39.36 1.83
C ILE C 31 -3.31 39.53 1.75
N SER C 32 -2.88 40.72 1.33
CA SER C 32 -1.46 41.04 1.31
C SER C 32 -1.17 42.08 2.38
N PHE C 33 -0.09 41.88 3.13
CA PHE C 33 0.25 42.80 4.21
C PHE C 33 1.12 43.96 3.73
N GLU C 34 1.31 44.06 2.42
CA GLU C 34 1.93 45.25 1.85
C GLU C 34 0.94 46.41 2.00
N GLU C 35 1.47 47.62 2.18
CA GLU C 35 0.62 48.79 2.32
C GLU C 35 0.77 49.72 1.12
N ALA C 36 2.00 49.87 0.65
CA ALA C 36 2.27 50.68 -0.53
C ALA C 36 1.95 49.89 -1.79
N VAL C 37 1.32 50.54 -2.76
CA VAL C 37 1.02 49.92 -4.05
C VAL C 37 2.22 50.01 -4.98
N PRO C 38 2.79 48.85 -5.35
CA PRO C 38 3.97 48.79 -6.22
C PRO C 38 3.62 49.15 -7.67
N SER C 39 4.58 49.75 -8.37
CA SER C 39 4.38 50.14 -9.76
C SER C 39 4.49 48.95 -10.71
N VAL C 40 4.35 49.21 -12.00
CA VAL C 40 4.49 48.16 -13.00
C VAL C 40 5.96 47.78 -13.16
N GLU C 41 6.84 48.76 -12.96
CA GLU C 41 8.27 48.53 -13.07
C GLU C 41 8.80 47.76 -11.86
N GLN C 42 8.21 48.02 -10.70
CA GLN C 42 8.57 47.33 -9.46
C GLN C 42 8.22 45.84 -9.54
N MET C 43 7.02 45.55 -10.03
CA MET C 43 6.58 44.17 -10.22
C MET C 43 7.46 43.48 -11.25
N ARG C 44 7.85 44.24 -12.28
CA ARG C 44 8.67 43.72 -13.36
C ARG C 44 10.04 43.25 -12.88
N GLU C 45 10.57 43.90 -11.85
CA GLU C 45 11.84 43.49 -11.27
C GLU C 45 11.64 42.27 -10.37
N ARG C 46 10.49 42.19 -9.71
CA ARG C 46 10.19 41.07 -8.82
C ARG C 46 10.11 39.77 -9.58
N ILE C 47 9.43 39.80 -10.73
CA ILE C 47 9.34 38.64 -11.61
C ILE C 47 10.74 38.21 -12.07
N SER C 48 11.54 39.17 -12.53
CA SER C 48 12.89 38.88 -12.98
C SER C 48 13.73 38.25 -11.87
N THR C 49 13.71 38.87 -10.69
CA THR C 49 14.48 38.38 -9.54
C THR C 49 14.02 36.98 -9.09
N THR C 50 12.71 36.77 -9.03
CA THR C 50 12.16 35.47 -8.65
C THR C 50 12.58 34.38 -9.64
N LEU C 51 12.48 34.67 -10.93
CA LEU C 51 12.75 33.67 -11.95
C LEU C 51 14.22 33.27 -12.06
N GLN C 52 15.08 33.86 -11.23
CA GLN C 52 16.50 33.52 -11.23
C GLN C 52 16.76 32.29 -10.38
N THR C 53 15.77 31.91 -9.58
CA THR C 53 15.90 30.75 -8.70
C THR C 53 14.58 30.03 -8.48
N TYR C 54 13.47 30.77 -8.49
CA TYR C 54 12.16 30.20 -8.22
C TYR C 54 11.23 30.32 -9.42
N PRO C 55 10.32 29.34 -9.58
CA PRO C 55 9.30 29.41 -10.63
C PRO C 55 8.28 30.51 -10.36
N TYR C 56 7.90 31.23 -11.42
CA TYR C 56 6.86 32.24 -11.35
C TYR C 56 5.88 31.89 -12.47
N LEU C 57 4.64 31.57 -12.10
CA LEU C 57 3.67 31.08 -13.08
C LEU C 57 2.55 32.08 -13.32
N VAL C 58 1.94 31.99 -14.51
CA VAL C 58 0.72 32.72 -14.79
C VAL C 58 -0.35 31.76 -15.31
N ALA C 59 -1.60 32.07 -15.02
CA ALA C 59 -2.73 31.35 -15.60
C ALA C 59 -3.38 32.28 -16.61
N VAL C 60 -3.45 31.84 -17.86
CA VAL C 60 -4.02 32.66 -18.92
C VAL C 60 -5.33 32.09 -19.45
N ARG C 61 -6.28 32.98 -19.72
CA ARG C 61 -7.56 32.61 -20.29
C ARG C 61 -8.03 33.73 -21.23
N GLU C 62 -8.26 33.37 -22.49
CA GLU C 62 -8.64 34.34 -23.53
C GLU C 62 -7.57 35.42 -23.72
N GLY C 63 -6.31 35.01 -23.75
CA GLY C 63 -5.20 35.92 -23.98
C GLY C 63 -4.91 36.88 -22.85
N ARG C 64 -5.48 36.60 -21.67
CA ARG C 64 -5.32 37.50 -20.53
C ARG C 64 -4.93 36.74 -19.27
N VAL C 65 -4.15 37.39 -18.40
CA VAL C 65 -3.76 36.79 -17.12
C VAL C 65 -4.89 36.87 -16.09
N VAL C 66 -5.23 35.73 -15.52
CA VAL C 66 -6.34 35.63 -14.57
C VAL C 66 -5.89 35.05 -13.24
N GLY C 67 -4.61 34.67 -13.16
CA GLY C 67 -4.05 34.10 -11.96
C GLY C 67 -2.56 33.91 -12.09
N TYR C 68 -1.83 34.17 -11.02
CA TYR C 68 -0.39 33.95 -11.04
C TYR C 68 0.10 33.33 -9.74
N ALA C 69 1.17 32.54 -9.85
CA ALA C 69 1.72 31.86 -8.68
C ALA C 69 3.23 32.04 -8.70
N TYR C 70 3.81 32.18 -7.52
CA TYR C 70 5.27 32.19 -7.42
C TYR C 70 5.77 31.58 -6.11
N ALA C 71 6.99 31.06 -6.15
CA ALA C 71 7.64 30.57 -4.95
C ALA C 71 8.69 31.59 -4.52
N SER C 72 9.07 31.55 -3.24
CA SER C 72 10.11 32.42 -2.74
C SER C 72 10.75 31.79 -1.53
N GLN C 73 11.81 32.41 -1.05
CA GLN C 73 12.52 31.90 0.11
C GLN C 73 11.61 31.90 1.33
N HIS C 74 11.64 30.80 2.09
CA HIS C 74 10.88 30.73 3.34
C HIS C 74 11.60 31.58 4.38
N ARG C 75 12.84 31.21 4.66
CA ARG C 75 13.65 31.91 5.66
C ARG C 75 15.12 32.03 5.24
N ALA C 76 15.85 32.93 5.90
CA ALA C 76 17.21 33.26 5.49
C ALA C 76 18.27 32.19 5.81
N ARG C 77 18.33 31.77 7.07
CA ARG C 77 19.34 30.80 7.53
C ARG C 77 19.46 29.58 6.62
N ALA C 78 20.66 28.98 6.58
CA ALA C 78 21.02 27.98 5.59
C ALA C 78 20.34 26.62 5.71
N ALA C 79 19.82 26.30 6.89
CA ALA C 79 19.21 24.99 7.10
C ALA C 79 17.79 24.94 6.59
N TYR C 80 17.29 26.08 6.13
CA TYR C 80 15.91 26.19 5.64
C TYR C 80 15.81 25.99 4.12
N ARG C 81 16.92 25.64 3.48
CA ARG C 81 16.99 25.66 2.02
C ARG C 81 16.14 24.60 1.31
N TRP C 82 15.57 23.66 2.07
CA TRP C 82 14.63 22.69 1.50
C TRP C 82 13.20 23.09 1.81
N ALA C 83 13.03 24.32 2.30
CA ALA C 83 11.73 24.84 2.63
C ALA C 83 11.48 26.08 1.77
N VAL C 84 10.28 26.19 1.24
CA VAL C 84 9.98 27.25 0.27
C VAL C 84 8.59 27.80 0.53
N ASP C 85 8.42 29.11 0.34
CA ASP C 85 7.10 29.73 0.43
C ASP C 85 6.39 29.62 -0.91
N VAL C 86 5.07 29.52 -0.87
CA VAL C 86 4.27 29.57 -2.10
C VAL C 86 3.18 30.61 -1.97
N THR C 87 2.90 31.29 -3.08
CA THR C 87 1.94 32.38 -3.10
C THR C 87 1.10 32.28 -4.38
N VAL C 88 -0.22 32.37 -4.23
CA VAL C 88 -1.12 32.35 -5.38
C VAL C 88 -2.19 33.45 -5.29
N TYR C 89 -2.28 34.27 -6.34
CA TYR C 89 -3.34 35.25 -6.44
C TYR C 89 -4.11 35.04 -7.74
N VAL C 90 -5.42 34.82 -7.65
CA VAL C 90 -6.25 34.75 -8.86
C VAL C 90 -7.03 36.05 -9.01
N ALA C 91 -7.41 36.36 -10.24
CA ALA C 91 -8.06 37.63 -10.56
C ALA C 91 -9.37 37.86 -9.82
N GLU C 92 -9.57 39.09 -9.32
CA GLU C 92 -10.72 39.40 -8.47
C GLU C 92 -12.03 39.49 -9.23
N GLY C 93 -12.45 38.37 -9.79
CA GLY C 93 -13.72 38.29 -10.52
C GLY C 93 -13.78 36.99 -11.29
N GLN C 94 -12.68 36.25 -11.26
CA GLN C 94 -12.58 34.97 -11.92
C GLN C 94 -12.30 33.88 -10.88
N ARG C 95 -12.53 34.22 -9.61
CA ARG C 95 -12.23 33.31 -8.51
C ARG C 95 -13.19 32.12 -8.45
N ARG C 96 -13.43 31.61 -7.25
CA ARG C 96 -14.03 30.29 -7.08
C ARG C 96 -13.19 29.33 -7.91
N SER C 97 -11.90 29.30 -7.58
CA SER C 97 -10.86 28.70 -8.42
C SER C 97 -10.42 27.32 -7.92
N GLY C 98 -10.26 26.38 -8.85
CA GLY C 98 -10.38 26.62 -10.28
C GLY C 98 -9.02 26.95 -10.87
N ILE C 99 -8.76 28.24 -11.02
CA ILE C 99 -7.47 28.75 -11.43
C ILE C 99 -6.37 28.40 -10.41
N ALA C 100 -6.63 28.71 -9.15
CA ALA C 100 -5.67 28.46 -8.07
C ALA C 100 -5.28 26.99 -7.97
N ARG C 101 -6.24 26.09 -8.13
CA ARG C 101 -5.98 24.65 -8.06
C ARG C 101 -5.08 24.21 -9.20
N GLN C 102 -5.38 24.67 -10.42
CA GLN C 102 -4.56 24.33 -11.57
C GLN C 102 -3.18 24.97 -11.48
N LEU C 103 -3.11 26.14 -10.88
CA LEU C 103 -1.84 26.81 -10.63
C LEU C 103 -0.97 26.00 -9.66
N TYR C 104 -1.60 25.48 -8.63
CA TYR C 104 -0.91 24.65 -7.64
C TYR C 104 -0.55 23.29 -8.22
N ASP C 105 -1.38 22.78 -9.13
CA ASP C 105 -1.14 21.50 -9.77
C ASP C 105 0.13 21.51 -10.63
N VAL C 106 0.55 22.71 -11.03
CA VAL C 106 1.80 22.86 -11.76
C VAL C 106 2.94 23.21 -10.80
N LEU C 107 2.74 24.25 -10.01
CA LEU C 107 3.75 24.78 -9.10
C LEU C 107 4.31 23.75 -8.13
N LEU C 108 3.42 22.96 -7.53
CA LEU C 108 3.83 22.01 -6.50
C LEU C 108 4.72 20.86 -7.02
N PRO C 109 4.31 20.20 -8.12
CA PRO C 109 5.18 19.12 -8.62
C PRO C 109 6.53 19.63 -9.13
N VAL C 110 6.59 20.86 -9.61
CA VAL C 110 7.86 21.46 -10.00
C VAL C 110 8.81 21.54 -8.82
N LEU C 111 8.32 22.14 -7.73
CA LEU C 111 9.09 22.29 -6.49
C LEU C 111 9.64 20.95 -5.99
N LYS C 112 8.83 19.90 -6.03
CA LYS C 112 9.26 18.57 -5.61
C LYS C 112 10.45 18.10 -6.43
N ARG C 113 10.39 18.35 -7.74
CA ARG C 113 11.45 17.96 -8.65
C ARG C 113 12.68 18.84 -8.46
N LEU C 114 12.47 20.05 -7.96
CA LEU C 114 13.59 20.96 -7.68
C LEU C 114 14.32 20.55 -6.40
N GLY C 115 13.70 19.65 -5.63
CA GLY C 115 14.35 19.13 -4.44
C GLY C 115 13.92 19.78 -3.13
N TYR C 116 12.78 20.44 -3.14
CA TYR C 116 12.24 20.96 -1.89
C TYR C 116 11.51 19.84 -1.15
N ARG C 117 11.47 19.92 0.17
CA ARG C 117 10.84 18.89 0.99
C ARG C 117 9.46 19.33 1.48
N SER C 118 9.30 20.64 1.67
CA SER C 118 8.04 21.17 2.17
C SER C 118 7.78 22.58 1.67
N ALA C 119 6.56 22.83 1.19
CA ALA C 119 6.15 24.17 0.78
C ALA C 119 5.25 24.77 1.82
N TYR C 120 5.35 26.08 2.02
CA TYR C 120 4.52 26.75 3.00
C TYR C 120 3.71 27.89 2.37
N ALA C 121 2.44 27.98 2.76
CA ALA C 121 1.56 29.04 2.27
C ALA C 121 1.00 29.82 3.45
N GLY C 122 1.23 31.12 3.45
CA GLY C 122 0.70 31.98 4.50
C GLY C 122 -0.65 32.54 4.13
N ILE C 123 -1.67 32.25 4.93
CA ILE C 123 -3.00 32.74 4.65
C ILE C 123 -3.48 33.68 5.76
N ALA C 124 -3.75 34.93 5.41
CA ALA C 124 -4.34 35.87 6.34
C ALA C 124 -5.77 35.46 6.63
N LEU C 125 -6.10 35.31 7.91
CA LEU C 125 -7.41 34.83 8.33
C LEU C 125 -8.31 35.99 8.76
N PRO C 126 -9.64 35.86 8.54
CA PRO C 126 -10.27 34.67 7.95
C PRO C 126 -10.28 34.68 6.42
N ASN C 127 -10.33 33.49 5.83
CA ASN C 127 -10.44 33.32 4.39
C ASN C 127 -10.90 31.90 4.09
N GLU C 128 -12.20 31.64 4.22
CA GLU C 128 -12.76 30.31 4.01
C GLU C 128 -12.45 29.79 2.62
N GLY C 129 -12.42 30.70 1.65
CA GLY C 129 -12.09 30.37 0.27
C GLY C 129 -10.69 29.80 0.09
N SER C 130 -9.70 30.51 0.61
CA SER C 130 -8.31 30.07 0.43
C SER C 130 -7.98 28.86 1.32
N VAL C 131 -8.63 28.79 2.48
CA VAL C 131 -8.39 27.69 3.41
C VAL C 131 -8.93 26.37 2.87
N GLY C 132 -10.11 26.43 2.26
CA GLY C 132 -10.68 25.24 1.64
C GLY C 132 -9.79 24.72 0.53
N LEU C 133 -9.35 25.63 -0.32
CA LEU C 133 -8.41 25.32 -1.41
C LEU C 133 -7.22 24.52 -0.92
N HIS C 134 -6.57 25.00 0.13
CA HIS C 134 -5.35 24.35 0.64
C HIS C 134 -5.63 23.03 1.35
N GLU C 135 -6.76 22.94 2.03
CA GLU C 135 -7.09 21.71 2.76
C GLU C 135 -7.42 20.56 1.82
N ARG C 136 -8.06 20.86 0.69
CA ARG C 136 -8.42 19.83 -0.28
C ARG C 136 -7.28 19.51 -1.24
N LEU C 137 -6.17 20.25 -1.13
CA LEU C 137 -4.99 19.98 -1.94
C LEU C 137 -3.94 19.15 -1.19
N GLY C 138 -4.11 19.00 0.13
CA GLY C 138 -3.20 18.19 0.92
C GLY C 138 -2.43 18.95 1.99
N PHE C 139 -2.59 20.28 2.01
CA PHE C 139 -1.88 21.09 2.99
C PHE C 139 -2.34 20.82 4.42
N GLN C 140 -1.40 20.82 5.35
CA GLN C 140 -1.71 20.65 6.77
C GLN C 140 -1.61 22.00 7.47
N HIS C 141 -2.62 22.32 8.28
CA HIS C 141 -2.55 23.51 9.14
C HIS C 141 -1.58 23.22 10.27
N ILE C 142 -0.45 23.94 10.28
CA ILE C 142 0.59 23.71 11.28
C ILE C 142 0.66 24.77 12.37
N GLY C 143 -0.02 25.90 12.16
CA GLY C 143 0.01 26.97 13.14
C GLY C 143 -0.62 28.28 12.69
N THR C 144 -0.94 29.12 13.66
CA THR C 144 -1.49 30.44 13.38
C THR C 144 -0.77 31.48 14.22
N PHE C 145 -0.47 32.62 13.62
CA PHE C 145 0.07 33.75 14.35
C PHE C 145 -1.07 34.74 14.61
N PRO C 146 -1.65 34.69 15.82
CA PRO C 146 -2.81 35.52 16.17
C PRO C 146 -2.47 37.00 16.31
N GLN C 147 -3.26 37.87 15.67
CA GLN C 147 -3.09 39.32 15.75
C GLN C 147 -1.65 39.79 15.50
N VAL C 148 -1.06 39.29 14.44
CA VAL C 148 0.33 39.59 14.13
C VAL C 148 0.42 40.76 13.15
N GLY C 149 -0.69 41.08 12.49
CA GLY C 149 -0.69 42.16 11.54
C GLY C 149 -1.81 43.16 11.77
N PHE C 150 -1.52 44.43 11.53
CA PHE C 150 -2.55 45.47 11.57
C PHE C 150 -2.60 46.21 10.24
N LYS C 151 -3.78 46.23 9.63
CA LYS C 151 -4.00 46.89 8.35
C LYS C 151 -5.50 47.11 8.17
N LEU C 152 -5.87 48.27 7.62
CA LEU C 152 -7.26 48.63 7.40
C LEU C 152 -8.08 48.60 8.69
N ASP C 153 -7.52 49.20 9.74
CA ASP C 153 -8.21 49.33 11.02
C ASP C 153 -8.68 47.99 11.59
N ALA C 154 -7.79 47.00 11.61
CA ALA C 154 -8.11 45.69 12.14
C ALA C 154 -6.86 44.87 12.42
N TRP C 155 -6.95 43.97 13.39
CA TRP C 155 -5.85 43.06 13.69
C TRP C 155 -6.10 41.70 13.05
N HIS C 156 -5.14 41.22 12.26
CA HIS C 156 -5.34 40.01 11.48
C HIS C 156 -4.49 38.83 11.93
N ASP C 157 -5.12 37.65 11.97
CA ASP C 157 -4.39 36.41 12.21
C ASP C 157 -3.87 35.90 10.87
N VAL C 158 -2.68 35.32 10.90
CA VAL C 158 -2.11 34.72 9.71
C VAL C 158 -1.89 33.24 9.97
N GLY C 159 -2.36 32.39 9.07
CA GLY C 159 -2.22 30.95 9.23
C GLY C 159 -1.18 30.39 8.28
N TYR C 160 -0.57 29.28 8.67
CA TYR C 160 0.38 28.62 7.80
C TYR C 160 -0.02 27.17 7.49
N TRP C 161 0.01 26.84 6.20
CA TRP C 161 -0.30 25.49 5.75
C TRP C 161 0.92 24.85 5.09
N ARG C 162 1.16 23.57 5.38
CA ARG C 162 2.37 22.91 4.89
C ARG C 162 2.06 21.77 3.93
N PHE C 163 2.76 21.74 2.80
CA PHE C 163 2.64 20.64 1.88
C PHE C 163 3.92 19.81 1.87
N ASP C 164 3.88 18.65 2.50
CA ASP C 164 5.04 17.78 2.60
C ASP C 164 5.31 17.03 1.30
N PHE C 165 6.53 17.15 0.79
CA PHE C 165 6.94 16.43 -0.42
C PHE C 165 7.57 15.09 -0.07
N GLY C 166 7.95 14.92 1.20
CA GLY C 166 8.56 13.69 1.65
C GLY C 166 10.07 13.75 1.74
N ASP C 167 10.72 12.58 1.66
CA ASP C 167 12.19 12.45 1.62
C ASP C 167 12.94 12.82 2.92
N GLU C 168 14.18 12.34 3.01
CA GLU C 168 15.05 12.61 4.15
C GLU C 168 16.50 12.25 3.83
N GLY C 169 16.85 12.29 2.55
CA GLY C 169 18.21 12.01 2.09
C GLY C 169 19.02 13.28 1.91
N LEU C 170 18.33 14.35 1.52
CA LEU C 170 18.89 15.71 1.50
C LEU C 170 20.00 15.98 0.48
N HIS C 171 19.61 16.50 -0.69
CA HIS C 171 20.53 17.13 -1.61
C HIS C 171 20.01 18.54 -1.86
N PRO C 172 20.93 19.52 -2.00
CA PRO C 172 20.52 20.93 -2.11
C PRO C 172 19.52 21.19 -3.22
N GLU C 173 18.54 22.05 -2.97
CA GLU C 173 17.53 22.37 -3.96
C GLU C 173 18.13 23.06 -5.19
N ALA C 174 17.65 22.68 -6.37
CA ALA C 174 18.04 23.32 -7.63
C ALA C 174 17.08 24.47 -7.96
N PRO C 175 17.53 25.45 -8.76
CA PRO C 175 16.64 26.55 -9.17
C PRO C 175 15.86 26.22 -10.44
N LEU C 176 14.76 26.94 -10.68
CA LEU C 176 14.04 26.81 -11.96
C LEU C 176 14.94 27.36 -13.05
N GLY C 177 15.45 26.47 -13.91
CA GLY C 177 16.40 26.79 -14.97
C GLY C 177 16.69 28.26 -15.24
N PHE C 178 17.85 28.72 -14.78
CA PHE C 178 18.17 30.15 -14.70
C PHE C 178 18.09 30.93 -16.02
N LEU C 179 18.15 32.26 -15.90
CA LEU C 179 18.13 33.15 -17.05
C LEU C 179 19.35 32.95 -17.94
N GLY D 4 -8.45 -1.39 14.49
CA GLY D 4 -7.88 -0.07 14.32
C GLY D 4 -8.65 0.75 13.31
N ILE D 5 -9.71 1.42 13.78
CA ILE D 5 -10.59 2.20 12.92
C ILE D 5 -11.30 1.35 11.88
N ASP D 6 -12.20 0.48 12.35
CA ASP D 6 -13.09 -0.26 11.47
C ASP D 6 -14.51 0.28 11.62
N ILE D 7 -15.24 0.36 10.50
CA ILE D 7 -16.56 0.98 10.52
C ILE D 7 -17.71 -0.04 10.40
N ARG D 8 -18.51 -0.15 11.46
CA ARG D 8 -19.66 -1.05 11.46
C ARG D 8 -20.98 -0.26 11.46
N VAL D 9 -22.04 -0.89 10.97
CA VAL D 9 -23.37 -0.33 11.16
C VAL D 9 -23.70 -0.41 12.65
N ALA D 10 -24.14 0.71 13.22
CA ALA D 10 -24.44 0.79 14.65
C ALA D 10 -25.59 -0.14 15.05
N ARG D 11 -25.79 -0.27 16.36
CA ARG D 11 -26.87 -1.08 16.90
C ARG D 11 -27.25 -0.55 18.29
N PRO D 12 -28.53 -0.68 18.67
CA PRO D 12 -29.02 -0.15 19.95
C PRO D 12 -28.16 -0.56 21.15
N GLU D 13 -27.52 -1.72 21.07
CA GLU D 13 -26.64 -2.19 22.14
C GLU D 13 -25.37 -1.34 22.27
N ASP D 14 -25.09 -0.51 21.27
CA ASP D 14 -23.91 0.37 21.32
C ASP D 14 -24.26 1.71 21.95
N ALA D 15 -25.41 1.79 22.62
CA ALA D 15 -25.90 3.03 23.21
C ALA D 15 -24.96 3.55 24.30
N GLU D 16 -24.56 2.66 25.21
CA GLU D 16 -23.74 3.04 26.35
C GLU D 16 -22.40 3.67 25.93
N GLU D 17 -21.81 3.19 24.86
CA GLU D 17 -20.52 3.72 24.41
C GLU D 17 -20.66 4.97 23.54
N ILE D 18 -21.83 5.14 22.93
CA ILE D 18 -22.12 6.37 22.19
C ILE D 18 -22.44 7.50 23.16
N GLN D 19 -23.16 7.19 24.24
CA GLN D 19 -23.46 8.18 25.28
C GLN D 19 -22.19 8.68 25.98
N ILE D 20 -21.22 7.79 26.16
CA ILE D 20 -19.93 8.16 26.74
C ILE D 20 -19.27 9.26 25.92
N ILE D 21 -19.40 9.17 24.59
CA ILE D 21 -18.87 10.17 23.69
C ILE D 21 -19.71 11.45 23.71
N TYR D 22 -21.02 11.30 23.75
CA TYR D 22 -21.95 12.42 23.58
C TYR D 22 -22.18 13.26 24.84
N ALA D 23 -22.18 12.62 26.01
CA ALA D 23 -22.40 13.33 27.27
C ALA D 23 -21.49 14.54 27.53
N PRO D 24 -20.16 14.39 27.35
CA PRO D 24 -19.32 15.56 27.61
C PRO D 24 -19.57 16.69 26.61
N ILE D 25 -19.82 16.33 25.36
CA ILE D 25 -20.12 17.31 24.32
C ILE D 25 -21.33 18.20 24.70
N VAL D 26 -22.35 17.57 25.30
CA VAL D 26 -23.55 18.28 25.72
C VAL D 26 -23.33 19.20 26.93
N LEU D 27 -22.59 18.71 27.93
CA LEU D 27 -22.39 19.46 29.16
C LEU D 27 -21.39 20.60 29.02
N ASN D 28 -20.31 20.38 28.27
CA ASN D 28 -19.13 21.22 28.37
C ASN D 28 -18.73 21.94 27.09
N THR D 29 -19.39 21.59 25.98
CA THR D 29 -19.07 22.23 24.70
C THR D 29 -20.30 22.87 24.07
N ALA D 30 -20.09 23.59 22.98
CA ALA D 30 -21.19 24.12 22.18
C ALA D 30 -21.25 23.38 20.85
N ILE D 31 -20.58 22.24 20.76
CA ILE D 31 -20.64 21.39 19.58
C ILE D 31 -22.08 20.94 19.32
N SER D 32 -22.75 20.53 20.39
CA SER D 32 -24.17 20.15 20.31
C SER D 32 -25.01 21.19 21.02
N PHE D 33 -26.06 21.67 20.37
CA PHE D 33 -26.90 22.70 20.98
C PHE D 33 -27.95 22.16 21.94
N GLU D 34 -27.77 20.91 22.39
CA GLU D 34 -28.60 20.37 23.45
C GLU D 34 -28.06 20.83 24.81
N GLU D 35 -28.91 20.81 25.84
CA GLU D 35 -28.49 21.28 27.16
C GLU D 35 -28.67 20.24 28.25
N ALA D 36 -29.43 19.19 27.96
CA ALA D 36 -29.60 18.11 28.92
C ALA D 36 -29.05 16.80 28.34
N VAL D 37 -28.27 16.09 29.15
CA VAL D 37 -27.67 14.83 28.73
C VAL D 37 -28.72 13.73 28.61
N PRO D 38 -28.89 13.20 27.40
CA PRO D 38 -29.81 12.07 27.20
C PRO D 38 -29.29 10.82 27.88
N SER D 39 -30.16 10.06 28.53
CA SER D 39 -29.75 8.83 29.20
C SER D 39 -29.38 7.76 28.18
N VAL D 40 -28.78 6.67 28.64
CA VAL D 40 -28.39 5.57 27.77
C VAL D 40 -29.62 4.99 27.05
N GLU D 41 -30.73 4.88 27.78
CA GLU D 41 -31.98 4.37 27.21
C GLU D 41 -32.54 5.34 26.17
N GLN D 42 -32.35 6.63 26.40
CA GLN D 42 -32.79 7.66 25.47
C GLN D 42 -31.97 7.62 24.19
N MET D 43 -30.66 7.45 24.34
CA MET D 43 -29.79 7.27 23.18
C MET D 43 -30.14 5.98 22.46
N ARG D 44 -30.68 5.02 23.21
CA ARG D 44 -31.04 3.71 22.64
C ARG D 44 -32.25 3.80 21.73
N GLU D 45 -33.17 4.71 22.04
CA GLU D 45 -34.36 4.90 21.21
C GLU D 45 -34.02 5.73 19.97
N ARG D 46 -33.02 6.60 20.10
CA ARG D 46 -32.59 7.43 18.98
C ARG D 46 -31.98 6.58 17.88
N ILE D 47 -31.09 5.68 18.27
CA ILE D 47 -30.41 4.79 17.34
C ILE D 47 -31.42 3.93 16.58
N SER D 48 -32.34 3.32 17.32
CA SER D 48 -33.40 2.51 16.74
C SER D 48 -34.24 3.30 15.75
N THR D 49 -34.72 4.46 16.18
CA THR D 49 -35.54 5.33 15.35
C THR D 49 -34.83 5.72 14.05
N THR D 50 -33.58 6.13 14.19
CA THR D 50 -32.76 6.56 13.06
C THR D 50 -32.58 5.45 12.03
N LEU D 51 -32.31 4.24 12.51
CA LEU D 51 -32.03 3.10 11.65
C LEU D 51 -33.24 2.62 10.85
N GLN D 52 -34.41 3.16 11.16
CA GLN D 52 -35.64 2.79 10.45
C GLN D 52 -35.65 3.40 9.05
N THR D 53 -34.87 4.47 8.87
CA THR D 53 -34.87 5.19 7.61
C THR D 53 -33.49 5.73 7.22
N TYR D 54 -32.59 5.84 8.20
CA TYR D 54 -31.27 6.42 7.95
C TYR D 54 -30.12 5.55 8.45
N PRO D 55 -28.96 5.65 7.79
CA PRO D 55 -27.76 4.95 8.25
C PRO D 55 -27.24 5.51 9.58
N TYR D 56 -26.74 4.62 10.44
CA TYR D 56 -26.12 5.02 11.70
C TYR D 56 -24.87 4.16 11.85
N LEU D 57 -23.70 4.78 11.82
CA LEU D 57 -22.44 4.05 11.80
C LEU D 57 -21.61 4.25 13.07
N VAL D 58 -20.81 3.25 13.42
CA VAL D 58 -19.88 3.37 14.54
C VAL D 58 -18.46 3.04 14.11
N ALA D 59 -17.48 3.66 14.76
CA ALA D 59 -16.08 3.36 14.49
C ALA D 59 -15.47 2.64 15.68
N VAL D 60 -15.09 1.37 15.49
CA VAL D 60 -14.53 0.59 16.59
C VAL D 60 -13.01 0.56 16.58
N ARG D 61 -12.43 0.59 17.77
CA ARG D 61 -10.99 0.47 17.94
C ARG D 61 -10.72 -0.34 19.19
N GLU D 62 -9.99 -1.45 19.02
CA GLU D 62 -9.74 -2.41 20.10
C GLU D 62 -11.03 -2.92 20.72
N GLY D 63 -12.05 -3.09 19.90
CA GLY D 63 -13.32 -3.65 20.35
C GLY D 63 -14.21 -2.69 21.12
N ARG D 64 -13.91 -1.40 21.04
CA ARG D 64 -14.72 -0.39 21.71
C ARG D 64 -15.07 0.76 20.76
N VAL D 65 -16.22 1.39 20.99
CA VAL D 65 -16.70 2.48 20.13
C VAL D 65 -16.02 3.81 20.46
N VAL D 66 -15.28 4.35 19.50
CA VAL D 66 -14.57 5.61 19.68
C VAL D 66 -15.10 6.70 18.75
N GLY D 67 -16.25 6.45 18.14
CA GLY D 67 -16.85 7.40 17.23
C GLY D 67 -18.11 6.87 16.59
N TYR D 68 -18.98 7.79 16.15
CA TYR D 68 -20.21 7.41 15.46
C TYR D 68 -20.66 8.47 14.47
N ALA D 69 -21.53 8.07 13.55
CA ALA D 69 -22.03 8.98 12.54
C ALA D 69 -23.41 8.53 12.10
N TYR D 70 -24.35 9.48 12.04
CA TYR D 70 -25.69 9.17 11.57
C TYR D 70 -26.24 10.26 10.65
N ALA D 71 -27.16 9.87 9.77
CA ALA D 71 -27.84 10.82 8.89
C ALA D 71 -29.19 11.13 9.50
N SER D 72 -29.81 12.22 9.06
CA SER D 72 -31.11 12.63 9.60
C SER D 72 -31.84 13.56 8.64
N GLN D 73 -33.15 13.66 8.82
CA GLN D 73 -33.99 14.52 7.99
C GLN D 73 -33.51 15.98 8.04
N HIS D 74 -33.33 16.59 6.87
CA HIS D 74 -32.88 17.97 6.80
C HIS D 74 -34.01 18.89 7.27
N ARG D 75 -35.12 18.85 6.53
CA ARG D 75 -36.33 19.58 6.92
C ARG D 75 -37.60 18.74 6.71
N ALA D 76 -38.71 19.20 7.26
CA ALA D 76 -39.95 18.41 7.27
C ALA D 76 -40.75 18.47 5.97
N ARG D 77 -40.81 19.64 5.34
CA ARG D 77 -41.60 19.80 4.11
C ARG D 77 -41.20 18.80 3.02
N ALA D 78 -42.17 18.42 2.19
CA ALA D 78 -42.00 17.34 1.23
C ALA D 78 -40.84 17.53 0.23
N ALA D 79 -40.75 18.72 -0.35
CA ALA D 79 -39.76 18.99 -1.40
C ALA D 79 -38.31 18.95 -0.91
N TYR D 80 -38.10 18.70 0.38
CA TYR D 80 -36.74 18.65 0.93
C TYR D 80 -36.18 17.23 1.00
N ARG D 81 -36.90 16.26 0.43
CA ARG D 81 -36.59 14.85 0.67
C ARG D 81 -35.29 14.35 0.03
N TRP D 82 -34.71 15.14 -0.87
CA TRP D 82 -33.43 14.80 -1.44
C TRP D 82 -32.30 15.52 -0.71
N ALA D 83 -32.63 16.06 0.45
CA ALA D 83 -31.65 16.69 1.32
C ALA D 83 -31.55 15.90 2.62
N VAL D 84 -30.34 15.77 3.14
CA VAL D 84 -30.13 15.03 4.37
C VAL D 84 -29.09 15.73 5.25
N ASP D 85 -29.25 15.61 6.57
CA ASP D 85 -28.25 16.14 7.50
C ASP D 85 -27.27 15.04 7.87
N VAL D 86 -26.00 15.39 8.01
CA VAL D 86 -25.01 14.43 8.49
C VAL D 86 -24.37 14.88 9.80
N THR D 87 -24.03 13.92 10.64
CA THR D 87 -23.56 14.20 11.99
C THR D 87 -22.45 13.22 12.35
N VAL D 88 -21.29 13.74 12.73
CA VAL D 88 -20.18 12.88 13.16
C VAL D 88 -19.62 13.35 14.50
N TYR D 89 -19.53 12.43 15.46
CA TYR D 89 -18.87 12.73 16.71
C TYR D 89 -17.80 11.68 16.99
N VAL D 90 -16.54 12.11 17.07
CA VAL D 90 -15.47 11.22 17.53
C VAL D 90 -15.31 11.36 19.04
N ALA D 91 -14.69 10.37 19.66
CA ALA D 91 -14.54 10.39 21.11
C ALA D 91 -13.49 11.42 21.54
N GLU D 92 -13.80 12.17 22.60
CA GLU D 92 -13.00 13.32 23.01
C GLU D 92 -11.52 13.05 23.30
N GLY D 93 -10.75 12.75 22.24
CA GLY D 93 -9.31 12.53 22.41
C GLY D 93 -8.60 11.85 21.25
N GLN D 94 -9.26 10.87 20.65
CA GLN D 94 -8.67 10.14 19.53
C GLN D 94 -8.92 10.88 18.21
N ARG D 95 -9.05 12.21 18.32
CA ARG D 95 -9.33 13.07 17.17
C ARG D 95 -8.13 13.21 16.25
N ARG D 96 -7.94 14.43 15.73
CA ARG D 96 -7.06 14.66 14.58
C ARG D 96 -7.48 13.64 13.52
N SER D 97 -8.80 13.50 13.40
CA SER D 97 -9.41 12.33 12.79
C SER D 97 -9.77 12.52 11.32
N GLY D 98 -9.45 11.51 10.50
CA GLY D 98 -8.94 10.25 10.98
C GLY D 98 -10.08 9.27 11.12
N ILE D 99 -10.55 9.10 12.35
CA ILE D 99 -11.79 8.39 12.61
C ILE D 99 -12.93 9.12 11.88
N ALA D 100 -12.92 10.45 11.98
CA ALA D 100 -13.96 11.27 11.39
C ALA D 100 -14.01 11.16 9.86
N ARG D 101 -12.85 11.32 9.22
CA ARG D 101 -12.76 11.21 7.77
C ARG D 101 -13.22 9.84 7.28
N GLN D 102 -12.91 8.81 8.08
CA GLN D 102 -13.25 7.45 7.71
C GLN D 102 -14.76 7.20 7.86
N LEU D 103 -15.32 7.63 8.99
CA LEU D 103 -16.75 7.54 9.23
C LEU D 103 -17.49 8.21 8.07
N TYR D 104 -16.97 9.33 7.60
CA TYR D 104 -17.53 10.02 6.44
C TYR D 104 -17.30 9.25 5.14
N ASP D 105 -16.14 8.60 5.02
CA ASP D 105 -15.81 7.85 3.80
C ASP D 105 -16.78 6.71 3.55
N VAL D 106 -17.49 6.30 4.59
CA VAL D 106 -18.49 5.23 4.48
C VAL D 106 -19.91 5.80 4.40
N LEU D 107 -20.22 6.72 5.31
CA LEU D 107 -21.54 7.36 5.38
C LEU D 107 -21.97 8.03 4.07
N LEU D 108 -21.07 8.85 3.52
CA LEU D 108 -21.39 9.62 2.30
C LEU D 108 -21.73 8.77 1.06
N PRO D 109 -20.91 7.75 0.73
CA PRO D 109 -21.25 6.94 -0.45
C PRO D 109 -22.56 6.17 -0.27
N VAL D 110 -22.87 5.77 0.96
CA VAL D 110 -24.14 5.12 1.24
C VAL D 110 -25.32 6.09 1.03
N LEU D 111 -25.14 7.34 1.48
CA LEU D 111 -26.13 8.40 1.24
C LEU D 111 -26.39 8.62 -0.24
N LYS D 112 -25.32 8.67 -1.03
CA LYS D 112 -25.44 8.88 -2.47
C LYS D 112 -26.27 7.78 -3.13
N ARG D 113 -26.03 6.54 -2.70
CA ARG D 113 -26.73 5.39 -3.25
C ARG D 113 -28.24 5.46 -3.03
N LEU D 114 -28.64 5.80 -1.80
CA LEU D 114 -30.05 5.89 -1.45
C LEU D 114 -30.80 6.94 -2.29
N GLY D 115 -30.06 7.91 -2.84
CA GLY D 115 -30.66 8.84 -3.77
C GLY D 115 -30.63 10.30 -3.37
N TYR D 116 -30.10 10.60 -2.19
CA TYR D 116 -30.01 11.99 -1.77
C TYR D 116 -29.11 12.76 -2.73
N ARG D 117 -29.41 14.03 -2.96
CA ARG D 117 -28.63 14.83 -3.89
C ARG D 117 -27.70 15.78 -3.14
N SER D 118 -28.06 16.12 -1.90
CA SER D 118 -27.21 16.99 -1.09
C SER D 118 -27.19 16.59 0.38
N ALA D 119 -26.02 16.77 1.01
CA ALA D 119 -25.86 16.50 2.44
C ALA D 119 -25.36 17.76 3.15
N TYR D 120 -25.95 18.06 4.30
CA TYR D 120 -25.61 19.28 5.02
C TYR D 120 -25.08 19.00 6.43
N ALA D 121 -23.99 19.67 6.78
CA ALA D 121 -23.38 19.52 8.11
C ALA D 121 -23.48 20.82 8.92
N GLY D 122 -24.05 20.74 10.11
CA GLY D 122 -24.07 21.89 11.00
C GLY D 122 -22.80 21.95 11.83
N ILE D 123 -22.08 23.06 11.74
CA ILE D 123 -20.84 23.23 12.49
C ILE D 123 -20.85 24.48 13.37
N ALA D 124 -20.96 24.29 14.68
CA ALA D 124 -20.86 25.39 15.62
C ALA D 124 -19.48 26.03 15.56
N LEU D 125 -19.46 27.35 15.40
CA LEU D 125 -18.21 28.07 15.18
C LEU D 125 -17.74 28.82 16.43
N PRO D 126 -16.41 28.99 16.59
CA PRO D 126 -15.37 28.48 15.69
C PRO D 126 -15.00 27.03 15.98
N ASN D 127 -14.53 26.34 14.95
CA ASN D 127 -14.05 24.97 15.06
C ASN D 127 -13.23 24.65 13.82
N GLU D 128 -12.07 25.31 13.72
CA GLU D 128 -11.23 25.22 12.52
C GLU D 128 -10.79 23.79 12.20
N GLY D 129 -10.71 22.96 13.23
CA GLY D 129 -10.41 21.55 13.05
C GLY D 129 -11.54 20.81 12.36
N SER D 130 -12.76 21.04 12.83
CA SER D 130 -13.92 20.40 12.21
C SER D 130 -14.18 20.97 10.83
N VAL D 131 -13.86 22.26 10.65
CA VAL D 131 -14.06 22.93 9.37
C VAL D 131 -13.14 22.39 8.28
N GLY D 132 -11.86 22.26 8.60
CA GLY D 132 -10.90 21.73 7.64
C GLY D 132 -11.25 20.32 7.21
N LEU D 133 -11.71 19.51 8.15
CA LEU D 133 -12.12 18.14 7.84
C LEU D 133 -13.16 18.10 6.75
N HIS D 134 -14.25 18.84 6.95
CA HIS D 134 -15.33 18.88 5.98
C HIS D 134 -14.85 19.42 4.65
N GLU D 135 -14.02 20.46 4.70
CA GLU D 135 -13.61 21.14 3.48
C GLU D 135 -12.59 20.33 2.67
N ARG D 136 -11.93 19.38 3.32
CA ARG D 136 -11.02 18.50 2.58
C ARG D 136 -11.72 17.22 2.13
N LEU D 137 -13.02 17.14 2.42
CA LEU D 137 -13.86 16.07 1.90
C LEU D 137 -14.68 16.55 0.71
N GLY D 138 -14.72 17.86 0.50
CA GLY D 138 -15.46 18.43 -0.61
C GLY D 138 -16.65 19.28 -0.19
N PHE D 139 -16.87 19.37 1.12
CA PHE D 139 -17.96 20.20 1.62
C PHE D 139 -17.71 21.66 1.25
N GLN D 140 -18.74 22.30 0.70
CA GLN D 140 -18.69 23.74 0.45
C GLN D 140 -19.46 24.50 1.52
N HIS D 141 -18.84 25.54 2.08
CA HIS D 141 -19.51 26.43 3.01
C HIS D 141 -20.57 27.22 2.27
N ILE D 142 -21.81 27.19 2.75
CA ILE D 142 -22.93 27.78 2.04
C ILE D 142 -23.69 28.85 2.82
N GLY D 143 -23.29 29.09 4.06
CA GLY D 143 -23.94 30.09 4.89
C GLY D 143 -23.63 29.96 6.36
N THR D 144 -23.87 31.04 7.12
CA THR D 144 -23.65 31.02 8.56
C THR D 144 -24.76 31.75 9.30
N PHE D 145 -25.25 31.13 10.36
CA PHE D 145 -26.26 31.76 11.20
C PHE D 145 -25.56 32.34 12.43
N PRO D 146 -25.30 33.66 12.41
CA PRO D 146 -24.51 34.28 13.48
C PRO D 146 -25.33 34.44 14.76
N GLN D 147 -24.69 34.17 15.91
CA GLN D 147 -25.31 34.31 17.22
C GLN D 147 -26.69 33.66 17.30
N VAL D 148 -26.85 32.56 16.57
CA VAL D 148 -28.14 31.88 16.44
C VAL D 148 -28.44 31.06 17.69
N GLY D 149 -27.40 30.77 18.47
CA GLY D 149 -27.55 29.95 19.66
C GLY D 149 -26.86 30.53 20.87
N PHE D 150 -27.38 30.21 22.06
CA PHE D 150 -26.77 30.66 23.30
C PHE D 150 -26.56 29.51 24.27
N LYS D 151 -25.30 29.20 24.54
CA LYS D 151 -24.95 28.09 25.44
C LYS D 151 -23.62 28.38 26.12
N LEU D 152 -23.53 27.99 27.40
CA LEU D 152 -22.32 28.19 28.19
C LEU D 152 -21.91 29.66 28.25
N ASP D 153 -22.90 30.53 28.46
CA ASP D 153 -22.68 31.97 28.58
C ASP D 153 -21.93 32.56 27.39
N ALA D 154 -22.31 32.17 26.18
CA ALA D 154 -21.69 32.70 24.98
C ALA D 154 -22.62 32.56 23.78
N TRP D 155 -22.48 33.46 22.79
CA TRP D 155 -23.28 33.39 21.59
C TRP D 155 -22.51 32.73 20.46
N HIS D 156 -22.97 31.55 20.04
CA HIS D 156 -22.25 30.77 19.03
C HIS D 156 -22.90 30.86 17.66
N ASP D 157 -22.06 31.02 16.63
CA ASP D 157 -22.54 30.99 15.26
C ASP D 157 -22.64 29.54 14.82
N VAL D 158 -23.50 29.27 13.84
CA VAL D 158 -23.59 27.94 13.26
C VAL D 158 -23.43 28.03 11.75
N GLY D 159 -22.38 27.40 11.24
CA GLY D 159 -22.13 27.41 9.81
C GLY D 159 -22.60 26.13 9.16
N TYR D 160 -22.97 26.21 7.89
CA TYR D 160 -23.44 25.03 7.18
C TYR D 160 -22.57 24.68 5.96
N TRP D 161 -22.14 23.43 5.92
CA TRP D 161 -21.36 22.94 4.79
C TRP D 161 -22.16 21.92 3.98
N ARG D 162 -22.20 22.10 2.66
CA ARG D 162 -22.96 21.20 1.80
C ARG D 162 -22.05 20.24 1.05
N PHE D 163 -22.41 18.95 1.03
CA PHE D 163 -21.78 18.01 0.12
C PHE D 163 -22.74 17.67 -1.01
N ASP D 164 -22.31 17.91 -2.24
CA ASP D 164 -23.16 17.69 -3.40
C ASP D 164 -22.92 16.30 -4.00
N PHE D 165 -24.01 15.61 -4.31
CA PHE D 165 -23.93 14.32 -4.99
C PHE D 165 -24.27 14.47 -6.47
N GLY D 166 -24.85 15.61 -6.83
CA GLY D 166 -25.23 15.87 -8.22
C GLY D 166 -26.64 15.39 -8.57
N ASP D 167 -26.88 15.19 -9.87
CA ASP D 167 -28.13 14.64 -10.42
C ASP D 167 -29.33 15.60 -10.48
N GLU D 168 -30.36 15.22 -11.24
CA GLU D 168 -31.54 16.07 -11.45
C GLU D 168 -32.75 15.35 -12.07
N GLY D 169 -32.75 14.02 -12.02
CA GLY D 169 -33.84 13.22 -12.58
C GLY D 169 -35.02 13.03 -11.63
N LEU D 170 -34.71 13.00 -10.33
CA LEU D 170 -35.71 13.04 -9.26
C LEU D 170 -36.58 11.79 -9.08
N HIS D 171 -36.09 10.86 -8.25
CA HIS D 171 -36.90 9.75 -7.74
C HIS D 171 -36.76 9.70 -6.21
N PRO D 172 -37.78 9.21 -5.51
CA PRO D 172 -37.81 9.25 -4.04
C PRO D 172 -36.62 8.56 -3.39
N GLU D 173 -35.96 9.25 -2.47
CA GLU D 173 -34.82 8.68 -1.76
C GLU D 173 -35.24 7.43 -0.98
N ALA D 174 -34.64 6.28 -1.31
CA ALA D 174 -34.92 5.04 -0.59
C ALA D 174 -34.30 5.07 0.80
N PRO D 175 -34.89 4.33 1.75
CA PRO D 175 -34.35 4.29 3.12
C PRO D 175 -33.37 3.14 3.34
N LEU D 176 -32.46 3.29 4.29
CA LEU D 176 -31.54 2.22 4.67
C LEU D 176 -32.36 1.02 5.17
N GLY D 177 -32.51 0.03 4.29
CA GLY D 177 -33.30 -1.19 4.50
C GLY D 177 -34.08 -1.40 5.79
N PHE D 178 -34.77 -0.35 6.25
CA PHE D 178 -35.58 -0.34 7.49
C PHE D 178 -35.23 -1.38 8.56
N LEU D 179 -34.24 -1.04 9.40
CA LEU D 179 -33.80 -1.95 10.46
C LEU D 179 -34.86 -2.07 11.56
N GLY E 4 -40.88 -8.81 15.21
CA GLY E 4 -41.96 -8.89 14.25
C GLY E 4 -41.47 -8.66 12.84
N ILE E 5 -40.57 -9.52 12.38
CA ILE E 5 -39.92 -9.39 11.08
C ILE E 5 -39.24 -8.03 10.92
N ASP E 6 -38.14 -7.85 11.64
CA ASP E 6 -37.28 -6.68 11.47
C ASP E 6 -35.98 -7.09 10.79
N ILE E 7 -35.59 -6.39 9.74
CA ILE E 7 -34.40 -6.75 8.98
C ILE E 7 -33.17 -5.91 9.38
N ARG E 8 -32.19 -6.58 9.99
CA ARG E 8 -30.95 -5.92 10.40
C ARG E 8 -29.81 -6.31 9.48
N VAL E 9 -28.70 -5.60 9.57
CA VAL E 9 -27.46 -6.04 8.92
C VAL E 9 -26.78 -7.03 9.85
N ALA E 10 -26.30 -8.14 9.31
CA ALA E 10 -25.73 -9.21 10.13
C ALA E 10 -24.42 -8.84 10.81
N ARG E 11 -24.21 -9.40 12.01
CA ARG E 11 -22.96 -9.21 12.74
C ARG E 11 -22.39 -10.56 13.13
N PRO E 12 -21.06 -10.68 13.19
CA PRO E 12 -20.39 -11.94 13.57
C PRO E 12 -20.96 -12.54 14.86
N GLU E 13 -21.54 -11.72 15.71
CA GLU E 13 -22.17 -12.19 16.94
C GLU E 13 -23.55 -12.83 16.71
N ASP E 14 -23.90 -13.08 15.45
CA ASP E 14 -25.15 -13.76 15.11
C ASP E 14 -24.86 -15.22 14.74
N ALA E 15 -23.58 -15.57 14.66
CA ALA E 15 -23.13 -16.88 14.20
C ALA E 15 -23.87 -18.07 14.82
N GLU E 16 -24.20 -17.97 16.10
CA GLU E 16 -24.94 -19.03 16.76
C GLU E 16 -26.32 -19.24 16.14
N GLU E 17 -27.13 -18.19 16.10
CA GLU E 17 -28.50 -18.32 15.60
C GLU E 17 -28.54 -18.60 14.09
N ILE E 18 -27.51 -18.19 13.36
CA ILE E 18 -27.43 -18.47 11.93
C ILE E 18 -27.13 -19.95 11.67
N GLN E 19 -26.28 -20.53 12.51
CA GLN E 19 -25.92 -21.93 12.40
C GLN E 19 -27.08 -22.87 12.77
N ILE E 20 -28.01 -22.37 13.58
CA ILE E 20 -29.20 -23.16 13.96
C ILE E 20 -30.09 -23.34 12.73
N ILE E 21 -30.21 -22.28 11.94
CA ILE E 21 -31.01 -22.30 10.72
C ILE E 21 -30.36 -23.16 9.64
N TYR E 22 -29.03 -23.05 9.51
CA TYR E 22 -28.32 -23.66 8.39
C TYR E 22 -28.00 -25.15 8.56
N ALA E 23 -27.69 -25.59 9.77
CA ALA E 23 -27.23 -26.96 9.98
C ALA E 23 -28.20 -28.07 9.52
N PRO E 24 -29.49 -27.99 9.91
CA PRO E 24 -30.40 -29.03 9.41
C PRO E 24 -30.59 -28.96 7.90
N ILE E 25 -30.46 -27.78 7.32
CA ILE E 25 -30.53 -27.61 5.88
C ILE E 25 -29.41 -28.39 5.20
N VAL E 26 -28.22 -28.36 5.80
CA VAL E 26 -27.10 -29.17 5.35
C VAL E 26 -27.35 -30.66 5.57
N LEU E 27 -27.83 -31.01 6.76
CA LEU E 27 -27.94 -32.42 7.16
C LEU E 27 -29.15 -33.17 6.65
N ASN E 28 -30.29 -32.49 6.53
CA ASN E 28 -31.54 -33.19 6.27
C ASN E 28 -32.18 -32.84 4.93
N THR E 29 -31.68 -31.79 4.29
CA THR E 29 -32.26 -31.35 3.03
C THR E 29 -31.23 -31.29 1.92
N ALA E 30 -31.67 -30.88 0.74
CA ALA E 30 -30.79 -30.63 -0.39
C ALA E 30 -30.93 -29.19 -0.85
N ILE E 31 -31.43 -28.33 0.03
CA ILE E 31 -31.46 -26.90 -0.23
C ILE E 31 -30.01 -26.39 -0.37
N SER E 32 -29.11 -27.00 0.40
CA SER E 32 -27.69 -26.71 0.29
C SER E 32 -26.96 -27.97 -0.17
N PHE E 33 -25.87 -27.81 -0.91
CA PHE E 33 -25.11 -28.97 -1.38
C PHE E 33 -23.85 -29.23 -0.55
N GLU E 34 -23.66 -28.43 0.50
CA GLU E 34 -22.64 -28.75 1.49
C GLU E 34 -23.04 -30.05 2.17
N GLU E 35 -22.04 -30.85 2.56
CA GLU E 35 -22.31 -32.10 3.25
C GLU E 35 -21.83 -32.03 4.70
N ALA E 36 -20.85 -31.17 4.95
CA ALA E 36 -20.32 -30.98 6.29
C ALA E 36 -20.92 -29.74 6.94
N VAL E 37 -21.34 -29.86 8.19
CA VAL E 37 -21.90 -28.73 8.92
C VAL E 37 -20.78 -27.84 9.43
N PRO E 38 -20.80 -26.56 9.04
CA PRO E 38 -19.81 -25.62 9.56
C PRO E 38 -20.07 -25.37 11.05
N SER E 39 -19.02 -25.18 11.83
CA SER E 39 -19.17 -24.87 13.25
C SER E 39 -19.68 -23.44 13.46
N VAL E 40 -19.80 -23.01 14.70
CA VAL E 40 -20.17 -21.63 14.98
C VAL E 40 -18.98 -20.71 14.71
N GLU E 41 -17.78 -21.22 14.91
CA GLU E 41 -16.56 -20.46 14.62
C GLU E 41 -16.39 -20.27 13.12
N GLN E 42 -16.84 -21.25 12.35
CA GLN E 42 -16.77 -21.17 10.89
C GLN E 42 -17.78 -20.19 10.29
N MET E 43 -19.03 -20.28 10.75
CA MET E 43 -20.07 -19.34 10.36
C MET E 43 -19.63 -17.90 10.66
N ARG E 44 -19.00 -17.71 11.82
CA ARG E 44 -18.56 -16.38 12.25
C ARG E 44 -17.55 -15.77 11.28
N GLU E 45 -16.70 -16.60 10.69
CA GLU E 45 -15.70 -16.11 9.73
C GLU E 45 -16.30 -15.87 8.35
N ARG E 46 -17.26 -16.72 7.96
CA ARG E 46 -17.99 -16.51 6.71
C ARG E 46 -18.67 -15.15 6.71
N ILE E 47 -19.41 -14.89 7.79
CA ILE E 47 -20.07 -13.59 7.99
C ILE E 47 -19.11 -12.43 7.88
N SER E 48 -17.95 -12.54 8.52
CA SER E 48 -16.95 -11.48 8.49
C SER E 48 -16.36 -11.30 7.07
N THR E 49 -16.11 -12.42 6.40
CA THR E 49 -15.52 -12.39 5.06
C THR E 49 -16.48 -11.84 4.02
N THR E 50 -17.76 -12.18 4.18
CA THR E 50 -18.81 -11.71 3.27
C THR E 50 -19.05 -10.22 3.43
N LEU E 51 -19.05 -9.75 4.68
CA LEU E 51 -19.31 -8.36 4.99
C LEU E 51 -18.24 -7.41 4.45
N GLN E 52 -17.07 -7.95 4.12
CA GLN E 52 -15.98 -7.12 3.59
C GLN E 52 -16.32 -6.53 2.23
N THR E 53 -17.26 -7.15 1.53
CA THR E 53 -17.63 -6.67 0.19
C THR E 53 -19.10 -6.88 -0.18
N TYR E 54 -19.77 -7.84 0.47
CA TYR E 54 -21.17 -8.15 0.14
C TYR E 54 -22.12 -7.93 1.30
N PRO E 55 -23.38 -7.56 1.01
CA PRO E 55 -24.35 -7.41 2.11
C PRO E 55 -24.72 -8.75 2.74
N TYR E 56 -25.00 -8.72 4.04
CA TYR E 56 -25.40 -9.89 4.79
C TYR E 56 -26.45 -9.42 5.81
N LEU E 57 -27.67 -9.91 5.64
CA LEU E 57 -28.79 -9.44 6.45
C LEU E 57 -29.35 -10.57 7.29
N VAL E 58 -29.92 -10.22 8.44
CA VAL E 58 -30.65 -11.20 9.25
C VAL E 58 -32.06 -10.70 9.51
N ALA E 59 -32.99 -11.62 9.72
CA ALA E 59 -34.34 -11.25 10.12
C ALA E 59 -34.52 -11.58 11.59
N VAL E 60 -35.00 -10.62 12.37
CA VAL E 60 -35.25 -10.86 13.79
C VAL E 60 -36.72 -10.77 14.17
N ARG E 61 -37.16 -11.70 15.00
CA ARG E 61 -38.52 -11.67 15.55
C ARG E 61 -38.44 -11.94 17.04
N GLU E 62 -38.87 -10.97 17.84
CA GLU E 62 -38.81 -11.06 19.30
C GLU E 62 -37.39 -11.33 19.78
N GLY E 63 -36.41 -10.71 19.13
CA GLY E 63 -35.04 -10.81 19.56
C GLY E 63 -34.24 -11.96 18.96
N ARG E 64 -34.92 -12.85 18.25
CA ARG E 64 -34.26 -14.04 17.70
C ARG E 64 -34.10 -13.99 16.17
N VAL E 65 -32.93 -14.38 15.68
CA VAL E 65 -32.71 -14.51 14.24
C VAL E 65 -33.49 -15.69 13.67
N VAL E 66 -34.39 -15.41 12.73
CA VAL E 66 -35.27 -16.43 12.20
C VAL E 66 -35.08 -16.62 10.70
N GLY E 67 -34.15 -15.86 10.14
CA GLY E 67 -33.78 -15.97 8.75
C GLY E 67 -32.61 -15.07 8.41
N TYR E 68 -31.82 -15.45 7.41
CA TYR E 68 -30.71 -14.63 6.97
C TYR E 68 -30.54 -14.67 5.46
N ALA E 69 -29.80 -13.71 4.92
CA ALA E 69 -29.60 -13.61 3.47
C ALA E 69 -28.30 -12.91 3.16
N TYR E 70 -27.59 -13.42 2.15
CA TYR E 70 -26.31 -12.83 1.76
C TYR E 70 -26.05 -12.94 0.27
N ALA E 71 -25.18 -12.06 -0.23
CA ALA E 71 -24.77 -12.11 -1.62
C ALA E 71 -23.33 -12.61 -1.71
N SER E 72 -22.93 -13.08 -2.89
CA SER E 72 -21.57 -13.58 -3.09
C SER E 72 -21.12 -13.39 -4.53
N GLN E 73 -19.83 -13.58 -4.76
CA GLN E 73 -19.26 -13.53 -6.09
C GLN E 73 -19.96 -14.55 -6.98
N HIS E 74 -20.36 -14.14 -8.18
CA HIS E 74 -21.01 -15.09 -9.08
C HIS E 74 -19.97 -15.99 -9.70
N ARG E 75 -18.89 -15.40 -10.21
CA ARG E 75 -17.78 -16.15 -10.78
C ARG E 75 -16.44 -15.44 -10.60
N ALA E 76 -15.35 -16.18 -10.82
CA ALA E 76 -14.01 -15.74 -10.47
C ALA E 76 -13.46 -14.59 -11.33
N ARG E 77 -13.53 -14.74 -12.65
CA ARG E 77 -12.95 -13.76 -13.58
C ARG E 77 -13.59 -12.36 -13.44
N ALA E 78 -12.84 -11.34 -13.83
CA ALA E 78 -13.26 -9.94 -13.63
C ALA E 78 -14.36 -9.48 -14.59
N ALA E 79 -14.64 -10.27 -15.62
CA ALA E 79 -15.71 -9.93 -16.55
C ALA E 79 -17.09 -10.21 -15.95
N TYR E 80 -17.12 -10.93 -14.84
CA TYR E 80 -18.38 -11.23 -14.17
C TYR E 80 -18.66 -10.28 -13.02
N ARG E 81 -17.83 -9.25 -12.87
CA ARG E 81 -17.88 -8.40 -11.67
C ARG E 81 -19.17 -7.58 -11.52
N TRP E 82 -20.06 -7.66 -12.50
CA TRP E 82 -21.39 -7.04 -12.38
C TRP E 82 -22.49 -8.09 -12.15
N ALA E 83 -22.08 -9.35 -12.04
CA ALA E 83 -23.01 -10.43 -11.69
C ALA E 83 -22.83 -10.78 -10.22
N VAL E 84 -23.94 -11.11 -9.56
CA VAL E 84 -23.90 -11.44 -8.13
C VAL E 84 -24.84 -12.59 -7.79
N ASP E 85 -24.41 -13.49 -6.91
CA ASP E 85 -25.27 -14.58 -6.43
C ASP E 85 -25.99 -14.14 -5.17
N VAL E 86 -27.24 -14.59 -5.01
CA VAL E 86 -28.00 -14.30 -3.79
C VAL E 86 -28.50 -15.58 -3.13
N THR E 87 -28.60 -15.53 -1.81
CA THR E 87 -29.00 -16.70 -1.04
C THR E 87 -29.87 -16.26 0.13
N VAL E 88 -31.01 -16.94 0.31
CA VAL E 88 -31.90 -16.64 1.42
C VAL E 88 -32.30 -17.91 2.15
N TYR E 89 -32.02 -17.99 3.44
CA TYR E 89 -32.49 -19.11 4.26
C TYR E 89 -33.38 -18.59 5.39
N VAL E 90 -34.50 -19.27 5.61
CA VAL E 90 -35.36 -18.96 6.76
C VAL E 90 -35.49 -20.20 7.66
N ALA E 91 -35.59 -19.97 8.96
CA ALA E 91 -35.61 -21.06 9.94
C ALA E 91 -36.84 -21.94 9.79
N GLU E 92 -36.66 -23.25 10.00
CA GLU E 92 -37.77 -24.19 10.01
C GLU E 92 -38.69 -23.88 11.19
N GLY E 93 -40.00 -23.97 10.96
CA GLY E 93 -40.95 -23.60 11.99
C GLY E 93 -41.32 -22.13 11.88
N GLN E 94 -40.67 -21.43 10.95
CA GLN E 94 -40.94 -20.02 10.76
C GLN E 94 -41.06 -19.67 9.28
N ARG E 95 -41.13 -20.69 8.42
CA ARG E 95 -41.28 -20.47 6.99
C ARG E 95 -42.67 -19.91 6.67
N ARG E 96 -43.21 -20.26 5.51
CA ARG E 96 -44.40 -19.56 4.98
C ARG E 96 -44.08 -18.07 5.00
N SER E 97 -43.07 -17.70 4.21
CA SER E 97 -42.41 -16.41 4.32
C SER E 97 -42.44 -15.61 3.00
N GLY E 98 -42.69 -14.31 3.10
CA GLY E 98 -42.82 -13.61 4.36
C GLY E 98 -41.48 -13.03 4.74
N ILE E 99 -40.79 -13.73 5.65
CA ILE E 99 -39.42 -13.42 6.03
C ILE E 99 -38.51 -13.42 4.81
N ALA E 100 -38.57 -14.50 4.02
CA ALA E 100 -37.75 -14.60 2.81
C ALA E 100 -38.02 -13.46 1.83
N ARG E 101 -39.30 -13.17 1.61
CA ARG E 101 -39.68 -12.09 0.70
C ARG E 101 -39.23 -10.74 1.26
N GLN E 102 -39.26 -10.60 2.58
CA GLN E 102 -38.81 -9.36 3.21
C GLN E 102 -37.29 -9.23 3.08
N LEU E 103 -36.60 -10.35 3.28
CA LEU E 103 -35.15 -10.41 3.09
C LEU E 103 -34.79 -9.96 1.68
N TYR E 104 -35.56 -10.44 0.71
CA TYR E 104 -35.33 -10.12 -0.69
C TYR E 104 -35.69 -8.66 -1.00
N ASP E 105 -36.70 -8.13 -0.31
CA ASP E 105 -37.13 -6.74 -0.50
C ASP E 105 -36.09 -5.72 -0.05
N VAL E 106 -35.09 -6.18 0.71
CA VAL E 106 -34.02 -5.31 1.15
C VAL E 106 -32.74 -5.60 0.39
N LEU E 107 -32.43 -6.89 0.24
CA LEU E 107 -31.22 -7.34 -0.44
C LEU E 107 -31.14 -6.87 -1.88
N LEU E 108 -32.22 -7.07 -2.64
CA LEU E 108 -32.23 -6.67 -4.05
C LEU E 108 -31.99 -5.16 -4.29
N PRO E 109 -32.72 -4.27 -3.57
CA PRO E 109 -32.46 -2.85 -3.78
C PRO E 109 -31.03 -2.44 -3.38
N VAL E 110 -30.49 -3.04 -2.33
CA VAL E 110 -29.12 -2.76 -1.93
C VAL E 110 -28.16 -3.13 -3.07
N LEU E 111 -28.40 -4.29 -3.68
CA LEU E 111 -27.60 -4.75 -4.81
C LEU E 111 -27.66 -3.79 -6.00
N LYS E 112 -28.86 -3.29 -6.32
CA LYS E 112 -29.02 -2.38 -7.43
C LYS E 112 -28.24 -1.08 -7.21
N ARG E 113 -28.26 -0.58 -5.98
CA ARG E 113 -27.57 0.65 -5.65
C ARG E 113 -26.05 0.47 -5.61
N LEU E 114 -25.59 -0.75 -5.30
CA LEU E 114 -24.15 -1.02 -5.26
C LEU E 114 -23.54 -1.07 -6.67
N GLY E 115 -24.40 -1.22 -7.69
CA GLY E 115 -23.93 -1.16 -9.06
C GLY E 115 -23.92 -2.46 -9.82
N TYR E 116 -24.64 -3.47 -9.31
CA TYR E 116 -24.75 -4.73 -10.00
C TYR E 116 -25.83 -4.65 -11.09
N ARG E 117 -25.75 -5.57 -12.06
CA ARG E 117 -26.64 -5.52 -13.22
C ARG E 117 -27.64 -6.68 -13.19
N SER E 118 -27.25 -7.76 -12.53
CA SER E 118 -28.07 -8.96 -12.48
C SER E 118 -27.78 -9.77 -11.22
N ALA E 119 -28.79 -10.41 -10.67
CA ALA E 119 -28.62 -11.22 -9.46
C ALA E 119 -29.11 -12.64 -9.71
N TYR E 120 -28.34 -13.63 -9.24
CA TYR E 120 -28.66 -15.02 -9.53
C TYR E 120 -28.94 -15.86 -8.28
N ALA E 121 -30.10 -16.50 -8.27
CA ALA E 121 -30.44 -17.45 -7.22
C ALA E 121 -30.42 -18.87 -7.79
N GLY E 122 -29.68 -19.75 -7.13
CA GLY E 122 -29.68 -21.15 -7.53
C GLY E 122 -30.61 -21.92 -6.61
N ILE E 123 -31.56 -22.63 -7.18
CA ILE E 123 -32.50 -23.41 -6.40
C ILE E 123 -32.45 -24.88 -6.74
N ALA E 124 -32.14 -25.72 -5.75
CA ALA E 124 -32.20 -27.16 -5.97
C ALA E 124 -33.66 -27.58 -6.11
N LEU E 125 -33.92 -28.43 -7.10
CA LEU E 125 -35.30 -28.79 -7.46
C LEU E 125 -35.63 -30.26 -7.13
N PRO E 126 -36.92 -30.54 -6.85
CA PRO E 126 -38.05 -29.61 -6.87
C PRO E 126 -38.13 -28.72 -5.63
N ASN E 127 -38.70 -27.53 -5.81
CA ASN E 127 -38.96 -26.58 -4.73
C ASN E 127 -39.92 -25.51 -5.24
N GLU E 128 -41.19 -25.87 -5.36
CA GLU E 128 -42.18 -25.01 -6.01
C GLU E 128 -42.46 -23.72 -5.25
N GLY E 129 -42.31 -23.76 -3.93
CA GLY E 129 -42.54 -22.58 -3.11
C GLY E 129 -41.46 -21.54 -3.34
N SER E 130 -40.21 -21.98 -3.36
CA SER E 130 -39.07 -21.09 -3.59
C SER E 130 -39.04 -20.61 -5.03
N VAL E 131 -39.45 -21.47 -5.96
CA VAL E 131 -39.55 -21.08 -7.36
C VAL E 131 -40.65 -20.05 -7.53
N GLY E 132 -41.80 -20.29 -6.91
CA GLY E 132 -42.93 -19.38 -6.98
C GLY E 132 -42.61 -18.02 -6.37
N LEU E 133 -41.87 -18.04 -5.27
CA LEU E 133 -41.47 -16.82 -4.59
C LEU E 133 -40.61 -15.94 -5.49
N HIS E 134 -39.57 -16.54 -6.06
CA HIS E 134 -38.65 -15.80 -6.93
C HIS E 134 -39.37 -15.27 -8.17
N GLU E 135 -40.26 -16.07 -8.73
CA GLU E 135 -40.97 -15.66 -9.95
C GLU E 135 -41.91 -14.47 -9.73
N ARG E 136 -42.52 -14.36 -8.56
CA ARG E 136 -43.35 -13.20 -8.26
C ARG E 136 -42.51 -12.05 -7.71
N LEU E 137 -41.20 -12.26 -7.64
CA LEU E 137 -40.27 -11.20 -7.25
C LEU E 137 -39.69 -10.49 -8.47
N GLY E 138 -39.69 -11.17 -9.62
CA GLY E 138 -39.16 -10.58 -10.84
C GLY E 138 -38.08 -11.42 -11.48
N PHE E 139 -37.69 -12.49 -10.81
CA PHE E 139 -36.69 -13.42 -11.33
C PHE E 139 -37.21 -14.17 -12.54
N GLN E 140 -36.33 -14.41 -13.51
CA GLN E 140 -36.67 -15.24 -14.65
C GLN E 140 -35.81 -16.50 -14.64
N HIS E 141 -36.44 -17.63 -14.93
CA HIS E 141 -35.72 -18.89 -15.08
C HIS E 141 -34.85 -18.84 -16.33
N ILE E 142 -33.55 -19.05 -16.19
CA ILE E 142 -32.64 -18.99 -17.35
C ILE E 142 -31.94 -20.32 -17.67
N GLY E 143 -32.27 -21.37 -16.93
CA GLY E 143 -31.68 -22.67 -17.20
C GLY E 143 -31.61 -23.57 -15.99
N THR E 144 -31.58 -24.88 -16.24
CA THR E 144 -31.52 -25.88 -15.17
C THR E 144 -30.36 -26.85 -15.39
N PHE E 145 -29.57 -27.07 -14.35
CA PHE E 145 -28.56 -28.11 -14.37
C PHE E 145 -29.18 -29.40 -13.85
N PRO E 146 -29.46 -30.36 -14.74
CA PRO E 146 -30.17 -31.58 -14.32
C PRO E 146 -29.24 -32.65 -13.75
N GLN E 147 -29.67 -33.26 -12.64
CA GLN E 147 -28.91 -34.33 -11.98
C GLN E 147 -27.45 -33.95 -11.74
N VAL E 148 -27.22 -32.71 -11.34
CA VAL E 148 -25.87 -32.17 -11.20
C VAL E 148 -25.27 -32.51 -9.84
N GLY E 149 -26.13 -32.75 -8.85
CA GLY E 149 -25.65 -33.01 -7.50
C GLY E 149 -26.24 -34.28 -6.92
N PHE E 150 -25.46 -34.96 -6.09
CA PHE E 150 -25.94 -36.15 -5.40
C PHE E 150 -25.86 -35.94 -3.89
N LYS E 151 -27.00 -36.13 -3.23
CA LYS E 151 -27.07 -35.95 -1.78
C LYS E 151 -28.31 -36.64 -1.24
N LEU E 152 -28.15 -37.30 -0.09
CA LEU E 152 -29.23 -38.01 0.57
C LEU E 152 -29.89 -39.04 -0.35
N ASP E 153 -29.05 -39.89 -0.95
CA ASP E 153 -29.49 -41.03 -1.75
C ASP E 153 -30.28 -40.66 -3.01
N ALA E 154 -30.11 -39.45 -3.50
CA ALA E 154 -30.81 -39.04 -4.72
C ALA E 154 -30.06 -37.99 -5.53
N TRP E 155 -30.26 -38.00 -6.84
CA TRP E 155 -29.69 -36.96 -7.68
C TRP E 155 -30.62 -35.76 -7.74
N HIS E 156 -30.04 -34.57 -7.88
CA HIS E 156 -30.84 -33.36 -7.80
C HIS E 156 -30.55 -32.41 -8.96
N ASP E 157 -31.60 -31.78 -9.48
CA ASP E 157 -31.44 -30.73 -10.49
C ASP E 157 -31.29 -29.39 -9.76
N VAL E 158 -30.53 -28.48 -10.36
CA VAL E 158 -30.44 -27.12 -9.81
C VAL E 158 -30.84 -26.10 -10.87
N GLY E 159 -31.85 -25.31 -10.56
CA GLY E 159 -32.32 -24.28 -11.47
C GLY E 159 -31.73 -22.94 -11.12
N TYR E 160 -31.61 -22.06 -12.10
CA TYR E 160 -31.10 -20.73 -11.86
C TYR E 160 -32.06 -19.63 -12.30
N TRP E 161 -32.33 -18.70 -11.39
CA TRP E 161 -33.22 -17.58 -11.68
C TRP E 161 -32.42 -16.30 -11.73
N ARG E 162 -32.87 -15.36 -12.56
CA ARG E 162 -32.12 -14.13 -12.76
C ARG E 162 -32.98 -12.91 -12.51
N PHE E 163 -32.49 -11.99 -11.69
CA PHE E 163 -33.15 -10.70 -11.54
C PHE E 163 -32.31 -9.64 -12.25
N ASP E 164 -32.91 -8.97 -13.24
CA ASP E 164 -32.20 -7.96 -14.01
C ASP E 164 -32.47 -6.56 -13.46
N PHE E 165 -31.39 -5.86 -13.12
CA PHE E 165 -31.47 -4.49 -12.63
C PHE E 165 -31.51 -3.49 -13.77
N GLY E 166 -31.01 -3.91 -14.93
CA GLY E 166 -30.93 -3.03 -16.09
C GLY E 166 -29.52 -2.53 -16.34
N ASP E 167 -29.41 -1.33 -16.92
CA ASP E 167 -28.14 -0.67 -17.21
C ASP E 167 -27.27 -1.35 -18.27
N GLU E 168 -26.28 -0.62 -18.78
CA GLU E 168 -25.32 -1.11 -19.78
C GLU E 168 -24.17 -0.12 -19.96
N GLY E 169 -23.88 0.65 -18.91
CA GLY E 169 -22.85 1.67 -18.95
C GLY E 169 -21.51 1.25 -18.38
N LEU E 170 -21.54 0.27 -17.48
CA LEU E 170 -20.33 -0.36 -16.93
C LEU E 170 -19.37 0.55 -16.17
N HIS E 171 -19.66 0.76 -14.89
CA HIS E 171 -18.69 1.30 -13.94
C HIS E 171 -18.70 0.36 -12.74
N PRO E 172 -17.52 -0.16 -12.35
CA PRO E 172 -17.28 -1.20 -11.35
C PRO E 172 -18.23 -1.16 -10.15
N GLU E 173 -18.87 -2.28 -9.86
CA GLU E 173 -19.76 -2.39 -8.70
C GLU E 173 -19.05 -2.00 -7.40
N ALA E 174 -19.84 -1.59 -6.41
CA ALA E 174 -19.27 -1.10 -5.15
C ALA E 174 -19.51 -2.10 -4.00
N PRO E 175 -18.67 -2.03 -2.94
CA PRO E 175 -18.86 -2.89 -1.77
C PRO E 175 -19.75 -2.28 -0.69
N LEU E 176 -20.52 -3.12 0.01
CA LEU E 176 -21.26 -2.66 1.19
C LEU E 176 -20.23 -2.08 2.14
N GLY E 177 -20.35 -0.78 2.44
CA GLY E 177 -19.35 -0.03 3.21
C GLY E 177 -18.57 -0.84 4.23
N PHE E 178 -17.43 -1.36 3.80
CA PHE E 178 -16.68 -2.40 4.49
C PHE E 178 -16.48 -2.21 5.99
N LEU E 179 -16.69 -3.29 6.74
CA LEU E 179 -16.55 -3.30 8.19
C LEU E 179 -15.12 -3.64 8.60
N GLY F 4 20.63 39.58 -22.38
CA GLY F 4 21.96 39.22 -22.81
C GLY F 4 22.30 37.79 -22.43
N ILE F 5 22.04 36.86 -23.36
CA ILE F 5 22.17 35.43 -23.10
C ILE F 5 21.28 34.99 -21.94
N ASP F 6 20.01 35.36 -22.02
CA ASP F 6 19.01 34.95 -21.04
C ASP F 6 18.15 33.80 -21.59
N ILE F 7 18.03 32.73 -20.81
CA ILE F 7 17.25 31.55 -21.23
C ILE F 7 15.82 31.57 -20.67
N ARG F 8 14.84 31.63 -21.56
CA ARG F 8 13.42 31.67 -21.17
C ARG F 8 12.71 30.40 -21.67
N VAL F 9 11.55 30.12 -21.10
CA VAL F 9 10.71 29.04 -21.59
C VAL F 9 9.87 29.54 -22.76
N ALA F 10 9.92 28.86 -23.89
CA ALA F 10 9.22 29.31 -25.09
C ALA F 10 7.71 29.38 -24.92
N ARG F 11 7.06 30.14 -25.81
CA ARG F 11 5.60 30.23 -25.86
C ARG F 11 5.16 30.49 -27.30
N PRO F 12 3.93 30.07 -27.66
CA PRO F 12 3.41 30.20 -29.02
C PRO F 12 3.56 31.58 -29.65
N GLU F 13 3.69 32.62 -28.83
CA GLU F 13 3.91 33.97 -29.34
C GLU F 13 5.26 34.13 -30.02
N ASP F 14 6.19 33.22 -29.73
CA ASP F 14 7.54 33.27 -30.29
C ASP F 14 7.61 32.62 -31.67
N ALA F 15 6.48 32.14 -32.17
CA ALA F 15 6.45 31.35 -33.41
C ALA F 15 7.08 32.03 -34.61
N GLU F 16 6.96 33.35 -34.71
CA GLU F 16 7.51 34.08 -35.84
C GLU F 16 9.03 34.21 -35.78
N GLU F 17 9.57 34.56 -34.61
CA GLU F 17 11.01 34.73 -34.44
C GLU F 17 11.75 33.40 -34.63
N ILE F 18 11.10 32.32 -34.21
CA ILE F 18 11.69 30.98 -34.28
C ILE F 18 11.79 30.48 -35.73
N GLN F 19 10.74 30.73 -36.51
CA GLN F 19 10.74 30.35 -37.93
C GLN F 19 11.82 31.08 -38.73
N ILE F 20 12.13 32.31 -38.33
CA ILE F 20 13.21 33.06 -38.99
C ILE F 20 14.56 32.37 -38.78
N ILE F 21 14.75 31.80 -37.59
CA ILE F 21 15.95 31.04 -37.29
C ILE F 21 15.98 29.72 -38.05
N TYR F 22 14.82 29.07 -38.15
CA TYR F 22 14.74 27.72 -38.71
C TYR F 22 14.67 27.69 -40.24
N ALA F 23 14.20 28.80 -40.83
CA ALA F 23 14.05 28.87 -42.29
C ALA F 23 15.35 28.65 -43.08
N PRO F 24 16.42 29.42 -42.79
CA PRO F 24 17.65 29.18 -43.55
C PRO F 24 18.28 27.84 -43.20
N ILE F 25 18.01 27.34 -42.00
CA ILE F 25 18.50 26.02 -41.60
C ILE F 25 17.89 24.92 -42.48
N VAL F 26 16.60 25.03 -42.76
CA VAL F 26 15.92 24.08 -43.65
C VAL F 26 16.36 24.26 -45.10
N LEU F 27 16.49 25.50 -45.54
CA LEU F 27 16.77 25.79 -46.95
C LEU F 27 18.24 25.70 -47.34
N ASN F 28 19.12 26.30 -46.55
CA ASN F 28 20.53 26.43 -46.93
C ASN F 28 21.42 25.33 -46.36
N THR F 29 20.96 24.68 -45.29
CA THR F 29 21.82 23.75 -44.55
C THR F 29 21.29 22.33 -44.51
N ALA F 30 22.10 21.41 -43.98
CA ALA F 30 21.69 20.03 -43.76
C ALA F 30 21.61 19.75 -42.27
N ILE F 31 21.62 20.81 -41.47
CA ILE F 31 21.43 20.70 -40.02
C ILE F 31 20.05 20.10 -39.73
N SER F 32 19.07 20.43 -40.56
CA SER F 32 17.73 19.85 -40.49
C SER F 32 17.40 19.14 -41.79
N PHE F 33 16.79 17.96 -41.70
CA PHE F 33 16.49 17.18 -42.91
C PHE F 33 15.10 17.47 -43.46
N GLU F 34 14.37 18.38 -42.82
CA GLU F 34 13.14 18.89 -43.40
C GLU F 34 13.52 19.60 -44.70
N GLU F 35 12.70 19.46 -45.73
CA GLU F 35 13.02 20.08 -47.01
C GLU F 35 12.17 21.31 -47.29
N ALA F 36 10.99 21.37 -46.66
CA ALA F 36 10.11 22.52 -46.78
C ALA F 36 10.04 23.29 -45.47
N VAL F 37 10.02 24.62 -45.55
CA VAL F 37 9.89 25.45 -44.35
C VAL F 37 8.46 25.46 -43.85
N PRO F 38 8.25 25.11 -42.57
CA PRO F 38 6.92 25.14 -41.97
C PRO F 38 6.41 26.57 -41.79
N SER F 39 5.09 26.76 -41.87
CA SER F 39 4.50 28.09 -41.75
C SER F 39 4.55 28.60 -40.32
N VAL F 40 4.25 29.87 -40.12
CA VAL F 40 4.28 30.49 -38.81
C VAL F 40 3.24 29.87 -37.87
N GLU F 41 2.11 29.46 -38.43
CA GLU F 41 1.06 28.80 -37.64
C GLU F 41 1.42 27.36 -37.34
N GLN F 42 2.14 26.72 -38.26
CA GLN F 42 2.64 25.37 -38.05
C GLN F 42 3.68 25.35 -36.94
N MET F 43 4.54 26.36 -36.93
CA MET F 43 5.48 26.55 -35.84
C MET F 43 4.73 26.78 -34.52
N ARG F 44 3.63 27.53 -34.61
CA ARG F 44 2.83 27.83 -33.42
C ARG F 44 2.23 26.55 -32.83
N GLU F 45 1.88 25.62 -33.69
CA GLU F 45 1.31 24.35 -33.24
C GLU F 45 2.38 23.43 -32.67
N ARG F 46 3.53 23.37 -33.34
CA ARG F 46 4.65 22.57 -32.85
C ARG F 46 5.01 22.95 -31.41
N ILE F 47 5.35 24.22 -31.22
CA ILE F 47 5.65 24.78 -29.90
C ILE F 47 4.58 24.40 -28.87
N SER F 48 3.33 24.66 -29.21
CA SER F 48 2.21 24.32 -28.35
C SER F 48 2.15 22.81 -28.07
N THR F 49 2.40 22.03 -29.11
CA THR F 49 2.34 20.56 -29.00
C THR F 49 3.49 20.00 -28.16
N THR F 50 4.67 20.59 -28.31
CA THR F 50 5.84 20.17 -27.53
C THR F 50 5.67 20.49 -26.05
N LEU F 51 5.22 21.71 -25.73
CA LEU F 51 5.05 22.15 -24.35
C LEU F 51 4.08 21.29 -23.55
N GLN F 52 3.19 20.58 -24.24
CA GLN F 52 2.22 19.71 -23.59
C GLN F 52 2.86 18.55 -22.81
N THR F 53 4.15 18.31 -23.05
CA THR F 53 4.86 17.25 -22.35
C THR F 53 6.38 17.47 -22.20
N TYR F 54 6.99 18.15 -23.16
CA TYR F 54 8.44 18.39 -23.12
C TYR F 54 8.80 19.87 -22.99
N PRO F 55 9.99 20.16 -22.42
CA PRO F 55 10.47 21.55 -22.34
C PRO F 55 10.82 22.13 -23.72
N TYR F 56 10.47 23.39 -23.91
CA TYR F 56 10.82 24.12 -25.12
C TYR F 56 11.37 25.46 -24.65
N LEU F 57 12.64 25.71 -24.96
CA LEU F 57 13.32 26.90 -24.46
C LEU F 57 13.72 27.84 -25.57
N VAL F 58 13.84 29.13 -25.24
CA VAL F 58 14.37 30.12 -26.17
C VAL F 58 15.50 30.88 -25.50
N ALA F 59 16.46 31.35 -26.30
CA ALA F 59 17.51 32.22 -25.79
C ALA F 59 17.27 33.62 -26.34
N VAL F 60 17.18 34.60 -25.45
CA VAL F 60 16.94 35.98 -25.87
C VAL F 60 18.14 36.89 -25.59
N ARG F 61 18.49 37.70 -26.59
CA ARG F 61 19.56 38.68 -26.44
C ARG F 61 19.08 40.02 -26.97
N GLU F 62 19.11 41.04 -26.11
CA GLU F 62 18.63 42.38 -26.43
C GLU F 62 17.18 42.37 -26.90
N GLY F 63 16.39 41.47 -26.34
CA GLY F 63 14.96 41.44 -26.61
C GLY F 63 14.51 40.52 -27.75
N ARG F 64 15.47 40.00 -28.51
CA ARG F 64 15.15 39.13 -29.64
C ARG F 64 15.67 37.70 -29.46
N VAL F 65 14.93 36.73 -29.99
CA VAL F 65 15.31 35.31 -29.91
C VAL F 65 16.49 35.00 -30.83
N VAL F 66 17.54 34.39 -30.28
CA VAL F 66 18.74 34.12 -31.05
C VAL F 66 19.01 32.62 -31.15
N GLY F 67 18.19 31.83 -30.46
CA GLY F 67 18.31 30.39 -30.49
C GLY F 67 17.17 29.73 -29.75
N TYR F 68 16.96 28.44 -30.01
CA TYR F 68 15.94 27.69 -29.28
C TYR F 68 16.29 26.21 -29.19
N ALA F 69 15.69 25.55 -28.20
CA ALA F 69 15.94 24.14 -27.96
C ALA F 69 14.65 23.47 -27.53
N TYR F 70 14.50 22.20 -27.88
CA TYR F 70 13.37 21.43 -27.40
C TYR F 70 13.68 19.94 -27.29
N ALA F 71 12.94 19.26 -26.42
CA ALA F 71 13.05 17.83 -26.28
C ALA F 71 11.85 17.18 -26.98
N SER F 72 12.03 15.94 -27.42
CA SER F 72 10.97 15.23 -28.10
C SER F 72 11.08 13.74 -27.85
N GLN F 73 10.05 13.01 -28.26
CA GLN F 73 10.04 11.57 -28.11
C GLN F 73 11.20 10.97 -28.91
N HIS F 74 11.99 10.13 -28.27
CA HIS F 74 13.06 9.43 -28.96
C HIS F 74 12.46 8.42 -29.94
N ARG F 75 11.60 7.54 -29.42
CA ARG F 75 10.90 6.56 -30.26
C ARG F 75 9.51 6.20 -29.72
N ALA F 76 8.69 5.58 -30.57
CA ALA F 76 7.28 5.40 -30.26
C ALA F 76 6.96 4.26 -29.29
N ARG F 77 7.77 3.21 -29.32
CA ARG F 77 7.57 2.06 -28.42
C ARG F 77 7.72 2.44 -26.95
N ALA F 78 6.97 1.74 -26.09
CA ALA F 78 6.85 2.11 -24.68
C ALA F 78 8.12 1.95 -23.85
N ALA F 79 8.97 1.00 -24.21
CA ALA F 79 10.20 0.75 -23.45
C ALA F 79 11.27 1.82 -23.72
N TYR F 80 10.95 2.78 -24.57
CA TYR F 80 11.86 3.88 -24.88
C TYR F 80 11.51 5.14 -24.09
N ARG F 81 10.54 5.03 -23.17
CA ARG F 81 9.98 6.22 -22.52
C ARG F 81 10.96 7.00 -21.62
N TRP F 82 12.13 6.44 -21.37
CA TRP F 82 13.15 7.13 -20.59
C TRP F 82 14.20 7.78 -21.48
N ALA F 83 14.13 7.49 -22.78
CA ALA F 83 14.99 8.13 -23.76
C ALA F 83 14.29 9.38 -24.31
N VAL F 84 15.07 10.41 -24.62
CA VAL F 84 14.52 11.65 -25.13
C VAL F 84 15.44 12.23 -26.21
N ASP F 85 14.85 12.82 -27.25
CA ASP F 85 15.64 13.48 -28.27
C ASP F 85 15.78 14.95 -27.91
N VAL F 86 16.99 15.49 -28.02
CA VAL F 86 17.20 16.92 -27.82
C VAL F 86 17.65 17.59 -29.10
N THR F 87 17.19 18.82 -29.31
CA THR F 87 17.46 19.56 -30.52
C THR F 87 17.80 21.00 -30.18
N VAL F 88 18.90 21.52 -30.74
CA VAL F 88 19.29 22.91 -30.52
C VAL F 88 19.62 23.62 -31.83
N TYR F 89 18.97 24.75 -32.08
CA TYR F 89 19.28 25.57 -33.24
C TYR F 89 19.68 26.98 -32.79
N VAL F 90 20.69 27.57 -33.45
CA VAL F 90 21.03 28.97 -33.19
C VAL F 90 20.92 29.78 -34.49
N ALA F 91 20.68 31.08 -34.36
CA ALA F 91 20.46 31.92 -35.54
C ALA F 91 21.72 32.09 -36.38
N GLU F 92 21.55 32.23 -37.68
CA GLU F 92 22.68 32.43 -38.60
C GLU F 92 23.38 33.76 -38.34
N GLY F 93 24.68 33.71 -38.09
CA GLY F 93 25.44 34.91 -37.82
C GLY F 93 25.53 35.22 -36.34
N GLN F 94 24.92 34.36 -35.53
CA GLN F 94 24.97 34.50 -34.08
C GLN F 94 25.66 33.27 -33.51
N ARG F 95 26.39 32.56 -34.37
CA ARG F 95 27.10 31.34 -33.98
C ARG F 95 28.24 31.60 -33.01
N ARG F 96 29.22 30.71 -32.99
CA ARG F 96 30.21 30.66 -31.91
C ARG F 96 29.44 30.58 -30.60
N SER F 97 28.80 29.43 -30.39
CA SER F 97 27.80 29.26 -29.34
C SER F 97 28.21 28.23 -28.30
N GLY F 98 28.16 28.62 -27.03
CA GLY F 98 27.70 29.94 -26.63
C GLY F 98 26.23 29.92 -26.27
N ILE F 99 25.38 30.21 -27.25
CA ILE F 99 23.93 30.12 -27.08
C ILE F 99 23.53 28.67 -26.94
N ALA F 100 24.03 27.83 -27.85
CA ALA F 100 23.70 26.41 -27.84
C ALA F 100 24.11 25.76 -26.52
N ARG F 101 25.32 26.06 -26.06
CA ARG F 101 25.81 25.57 -24.77
C ARG F 101 24.90 26.02 -23.63
N GLN F 102 24.53 27.29 -23.62
CA GLN F 102 23.66 27.83 -22.58
C GLN F 102 22.25 27.25 -22.65
N LEU F 103 21.81 26.90 -23.85
CA LEU F 103 20.53 26.22 -24.01
C LEU F 103 20.58 24.84 -23.36
N TYR F 104 21.61 24.07 -23.71
CA TYR F 104 21.81 22.74 -23.16
C TYR F 104 21.99 22.76 -21.64
N ASP F 105 22.64 23.80 -21.13
CA ASP F 105 22.90 23.92 -19.68
C ASP F 105 21.63 24.02 -18.85
N VAL F 106 20.52 24.40 -19.49
CA VAL F 106 19.23 24.46 -18.82
C VAL F 106 18.40 23.24 -19.17
N LEU F 107 18.38 22.92 -20.47
CA LEU F 107 17.57 21.82 -20.98
C LEU F 107 17.91 20.50 -20.33
N LEU F 108 19.20 20.19 -20.25
CA LEU F 108 19.67 18.91 -19.71
C LEU F 108 19.30 18.65 -18.24
N PRO F 109 19.55 19.62 -17.34
CA PRO F 109 19.15 19.37 -15.94
C PRO F 109 17.64 19.21 -15.78
N VAL F 110 16.85 19.91 -16.59
CA VAL F 110 15.40 19.78 -16.51
C VAL F 110 14.99 18.36 -16.89
N LEU F 111 15.53 17.87 -18.00
CA LEU F 111 15.30 16.49 -18.42
C LEU F 111 15.61 15.48 -17.31
N LYS F 112 16.68 15.73 -16.56
CA LYS F 112 17.10 14.84 -15.49
C LYS F 112 16.07 14.75 -14.35
N ARG F 113 15.42 15.87 -14.05
CA ARG F 113 14.45 15.92 -12.95
C ARG F 113 13.07 15.42 -13.38
N LEU F 114 12.85 15.30 -14.68
CA LEU F 114 11.59 14.80 -15.17
C LEU F 114 11.58 13.27 -15.18
N GLY F 115 12.76 12.68 -14.97
CA GLY F 115 12.86 11.23 -14.85
C GLY F 115 13.58 10.54 -16.00
N TYR F 116 14.05 11.31 -16.97
CA TYR F 116 14.72 10.71 -18.12
C TYR F 116 16.09 10.14 -17.76
N ARG F 117 16.46 9.04 -18.40
CA ARG F 117 17.71 8.35 -18.11
C ARG F 117 18.81 8.66 -19.11
N SER F 118 18.42 8.91 -20.36
CA SER F 118 19.40 9.26 -21.40
C SER F 118 18.81 10.19 -22.46
N ALA F 119 19.64 11.10 -22.97
CA ALA F 119 19.21 12.03 -24.01
C ALA F 119 20.03 11.83 -25.27
N TYR F 120 19.41 12.01 -26.44
CA TYR F 120 20.11 11.76 -27.69
C TYR F 120 20.08 12.95 -28.66
N ALA F 121 21.23 13.21 -29.29
CA ALA F 121 21.34 14.27 -30.28
C ALA F 121 21.89 13.71 -31.59
N GLY F 122 21.20 13.99 -32.69
CA GLY F 122 21.66 13.58 -34.01
C GLY F 122 22.30 14.73 -34.74
N ILE F 123 23.56 14.57 -35.13
CA ILE F 123 24.27 15.63 -35.84
C ILE F 123 24.66 15.21 -37.26
N ALA F 124 24.14 15.94 -38.24
CA ALA F 124 24.54 15.74 -39.62
C ALA F 124 26.03 16.05 -39.78
N LEU F 125 26.76 15.19 -40.48
CA LEU F 125 28.20 15.34 -40.61
C LEU F 125 28.61 15.76 -42.03
N PRO F 126 29.70 16.51 -42.16
CA PRO F 126 30.56 17.01 -41.06
C PRO F 126 30.03 18.29 -40.41
N ASN F 127 30.40 18.52 -39.15
CA ASN F 127 30.03 19.72 -38.41
C ASN F 127 30.91 19.88 -37.18
N GLU F 128 32.12 20.42 -37.39
CA GLU F 128 33.14 20.52 -36.34
C GLU F 128 32.71 21.32 -35.12
N GLY F 129 32.03 22.44 -35.36
CA GLY F 129 31.54 23.26 -34.26
C GLY F 129 30.53 22.54 -33.37
N SER F 130 29.58 21.84 -34.00
CA SER F 130 28.52 21.15 -33.27
C SER F 130 29.00 19.87 -32.60
N VAL F 131 29.83 19.11 -33.30
CA VAL F 131 30.42 17.90 -32.74
C VAL F 131 31.26 18.25 -31.51
N GLY F 132 31.94 19.38 -31.59
CA GLY F 132 32.80 19.82 -30.50
C GLY F 132 32.04 20.24 -29.26
N LEU F 133 30.90 20.90 -29.46
CA LEU F 133 30.09 21.34 -28.34
C LEU F 133 29.52 20.17 -27.54
N HIS F 134 28.94 19.21 -28.24
CA HIS F 134 28.37 18.04 -27.59
C HIS F 134 29.46 17.26 -26.87
N GLU F 135 30.62 17.16 -27.50
CA GLU F 135 31.74 16.42 -26.94
C GLU F 135 32.22 17.03 -25.62
N ARG F 136 32.16 18.35 -25.51
CA ARG F 136 32.58 19.03 -24.28
C ARG F 136 31.42 19.33 -23.34
N LEU F 137 30.26 18.76 -23.62
CA LEU F 137 29.13 18.84 -22.70
C LEU F 137 28.91 17.49 -22.02
N GLY F 138 29.72 16.51 -22.38
CA GLY F 138 29.63 15.19 -21.78
C GLY F 138 28.90 14.18 -22.63
N PHE F 139 28.60 14.53 -23.88
CA PHE F 139 27.94 13.60 -24.78
C PHE F 139 28.92 12.53 -25.26
N GLN F 140 28.44 11.30 -25.41
CA GLN F 140 29.26 10.21 -25.95
C GLN F 140 28.84 9.84 -27.37
N HIS F 141 29.79 9.82 -28.29
CA HIS F 141 29.52 9.35 -29.64
C HIS F 141 29.22 7.87 -29.59
N ILE F 142 28.03 7.49 -30.05
CA ILE F 142 27.60 6.10 -29.95
C ILE F 142 27.30 5.45 -31.29
N GLY F 143 27.25 6.23 -32.35
CA GLY F 143 27.01 5.68 -33.68
C GLY F 143 26.92 6.71 -34.79
N THR F 144 27.14 6.26 -36.02
CA THR F 144 26.95 7.10 -37.20
C THR F 144 26.18 6.35 -38.28
N PHE F 145 25.04 6.90 -38.69
CA PHE F 145 24.30 6.37 -39.83
C PHE F 145 24.86 7.05 -41.08
N PRO F 146 25.68 6.31 -41.86
CA PRO F 146 26.38 6.91 -43.00
C PRO F 146 25.49 7.00 -44.24
N GLN F 147 25.63 8.10 -44.98
CA GLN F 147 24.89 8.33 -46.23
C GLN F 147 23.39 8.09 -46.11
N VAL F 148 22.84 8.34 -44.93
CA VAL F 148 21.43 8.03 -44.66
C VAL F 148 20.50 9.09 -45.21
N GLY F 149 21.01 10.31 -45.42
CA GLY F 149 20.17 11.40 -45.88
C GLY F 149 20.65 12.03 -47.17
N PHE F 150 19.71 12.40 -48.04
CA PHE F 150 20.05 13.14 -49.26
C PHE F 150 19.39 14.51 -49.28
N LYS F 151 20.23 15.54 -49.34
CA LYS F 151 19.73 16.91 -49.36
C LYS F 151 20.79 17.83 -49.96
N LEU F 152 20.33 18.82 -50.73
CA LEU F 152 21.19 19.81 -51.35
C LEU F 152 22.29 19.18 -52.21
N ASP F 153 21.90 18.20 -53.03
CA ASP F 153 22.82 17.52 -53.94
C ASP F 153 24.00 16.89 -53.21
N ALA F 154 23.73 16.30 -52.04
CA ALA F 154 24.76 15.61 -51.28
C ALA F 154 24.17 14.54 -50.36
N TRP F 155 24.90 13.44 -50.20
CA TRP F 155 24.56 12.44 -49.20
C TRP F 155 25.23 12.77 -47.87
N HIS F 156 24.47 12.72 -46.79
CA HIS F 156 24.98 13.14 -45.48
C HIS F 156 24.96 12.01 -44.46
N ASP F 157 26.06 11.87 -43.72
CA ASP F 157 26.09 10.94 -42.59
C ASP F 157 25.44 11.63 -41.38
N VAL F 158 24.80 10.86 -40.51
CA VAL F 158 24.26 11.42 -39.27
C VAL F 158 24.84 10.69 -38.05
N GLY F 159 25.60 11.41 -37.24
CA GLY F 159 26.15 10.86 -36.02
C GLY F 159 25.22 11.07 -34.82
N TYR F 160 25.29 10.17 -33.85
CA TYR F 160 24.48 10.30 -32.65
C TYR F 160 25.31 10.39 -31.39
N TRP F 161 25.04 11.41 -30.57
CA TRP F 161 25.71 11.57 -29.29
C TRP F 161 24.75 11.28 -28.15
N ARG F 162 25.24 10.57 -27.15
CA ARG F 162 24.41 10.24 -25.99
C ARG F 162 24.89 10.94 -24.72
N PHE F 163 23.95 11.49 -23.97
CA PHE F 163 24.24 11.99 -22.64
C PHE F 163 23.51 11.10 -21.62
N ASP F 164 24.27 10.54 -20.69
CA ASP F 164 23.72 9.59 -19.72
C ASP F 164 23.44 10.29 -18.39
N PHE F 165 22.21 10.16 -17.89
CA PHE F 165 21.86 10.76 -16.60
C PHE F 165 22.11 9.80 -15.43
N GLY F 166 22.26 8.51 -15.74
CA GLY F 166 22.45 7.51 -14.71
C GLY F 166 21.16 6.76 -14.40
N ASP F 167 21.15 6.01 -13.29
CA ASP F 167 19.98 5.27 -12.78
C ASP F 167 19.61 3.96 -13.50
N GLU F 168 19.07 3.02 -12.72
CA GLU F 168 18.67 1.71 -13.23
C GLU F 168 17.76 0.96 -12.23
N GLY F 169 16.45 1.17 -12.36
CA GLY F 169 15.46 0.61 -11.44
C GLY F 169 14.06 1.04 -11.86
N LEU F 170 14.01 2.17 -12.58
CA LEU F 170 12.85 2.59 -13.38
C LEU F 170 11.61 3.11 -12.64
N HIS F 171 11.19 4.30 -13.06
CA HIS F 171 9.89 4.90 -12.72
C HIS F 171 9.56 5.86 -13.87
N PRO F 172 8.32 5.85 -14.38
CA PRO F 172 8.00 6.56 -15.62
C PRO F 172 8.31 8.06 -15.60
N GLU F 173 8.73 8.60 -16.74
CA GLU F 173 9.13 10.00 -16.84
C GLU F 173 7.97 10.98 -16.63
N ALA F 174 8.26 12.15 -16.07
CA ALA F 174 7.25 13.18 -15.84
C ALA F 174 7.26 14.24 -16.93
N PRO F 175 6.09 14.84 -17.23
CA PRO F 175 6.01 15.89 -18.25
C PRO F 175 6.43 17.25 -17.71
N LEU F 176 6.96 18.13 -18.57
CA LEU F 176 7.21 19.51 -18.15
C LEU F 176 5.85 20.09 -17.80
N GLY F 177 5.74 20.69 -16.61
CA GLY F 177 4.48 21.19 -16.08
C GLY F 177 3.62 21.84 -17.14
N PHE F 178 2.72 21.04 -17.71
CA PHE F 178 1.97 21.40 -18.92
C PHE F 178 1.13 22.68 -18.79
N LEU F 179 0.57 23.10 -19.92
CA LEU F 179 -0.30 24.28 -19.99
C LEU F 179 -1.38 24.25 -18.92
N GLY G 4 -48.20 -19.27 69.99
CA GLY G 4 -48.89 -18.68 68.85
C GLY G 4 -47.92 -18.32 67.73
N ILE G 5 -47.58 -19.32 66.90
CA ILE G 5 -46.63 -19.16 65.80
C ILE G 5 -45.24 -18.68 66.28
N ASP G 6 -44.44 -19.63 66.73
CA ASP G 6 -43.04 -19.36 67.07
C ASP G 6 -42.14 -20.36 66.35
N ILE G 7 -41.04 -19.88 65.78
CA ILE G 7 -40.15 -20.75 65.00
C ILE G 7 -39.09 -21.42 65.90
N ARG G 8 -39.08 -22.75 65.91
CA ARG G 8 -38.12 -23.49 66.71
C ARG G 8 -37.27 -24.40 65.83
N VAL G 9 -36.11 -24.81 66.35
CA VAL G 9 -35.25 -25.75 65.62
C VAL G 9 -35.80 -27.16 65.81
N ALA G 10 -35.99 -27.86 64.69
CA ALA G 10 -36.57 -29.20 64.72
C ALA G 10 -35.62 -30.23 65.36
N ARG G 11 -36.20 -31.36 65.75
CA ARG G 11 -35.46 -32.44 66.40
C ARG G 11 -36.12 -33.75 66.00
N PRO G 12 -35.36 -34.86 66.02
CA PRO G 12 -35.94 -36.16 65.66
C PRO G 12 -37.12 -36.57 66.55
N GLU G 13 -37.29 -35.91 67.68
CA GLU G 13 -38.45 -36.16 68.53
C GLU G 13 -39.70 -35.48 67.98
N ASP G 14 -39.54 -34.69 66.92
CA ASP G 14 -40.67 -34.04 66.26
C ASP G 14 -41.25 -34.90 65.16
N ALA G 15 -40.59 -36.01 64.85
CA ALA G 15 -40.97 -36.87 63.72
C ALA G 15 -42.45 -37.24 63.70
N GLU G 16 -43.04 -37.45 64.86
CA GLU G 16 -44.45 -37.80 64.95
C GLU G 16 -45.34 -36.68 64.39
N GLU G 17 -45.17 -35.46 64.92
CA GLU G 17 -45.99 -34.32 64.49
C GLU G 17 -45.66 -33.85 63.06
N ILE G 18 -44.45 -34.13 62.60
CA ILE G 18 -44.06 -33.80 61.24
C ILE G 18 -44.68 -34.77 60.22
N GLN G 19 -44.78 -36.04 60.60
CA GLN G 19 -45.40 -37.05 59.73
C GLN G 19 -46.91 -36.81 59.57
N ILE G 20 -47.54 -36.27 60.61
CA ILE G 20 -48.96 -35.90 60.55
C ILE G 20 -49.20 -34.82 59.49
N ILE G 21 -48.24 -33.91 59.33
CA ILE G 21 -48.33 -32.85 58.32
C ILE G 21 -48.03 -33.36 56.91
N TYR G 22 -47.00 -34.21 56.78
CA TYR G 22 -46.49 -34.61 55.48
C TYR G 22 -47.30 -35.73 54.80
N ALA G 23 -47.91 -36.60 55.61
CA ALA G 23 -48.72 -37.70 55.07
C ALA G 23 -49.87 -37.28 54.13
N PRO G 24 -50.73 -36.33 54.57
CA PRO G 24 -51.82 -35.94 53.65
C PRO G 24 -51.32 -35.17 52.43
N ILE G 25 -50.19 -34.51 52.55
CA ILE G 25 -49.56 -33.85 51.41
C ILE G 25 -49.10 -34.90 50.37
N VAL G 26 -48.61 -36.04 50.86
CA VAL G 26 -48.22 -37.14 49.99
C VAL G 26 -49.42 -37.92 49.48
N LEU G 27 -50.40 -38.15 50.36
CA LEU G 27 -51.55 -38.97 50.04
C LEU G 27 -52.59 -38.28 49.16
N ASN G 28 -52.73 -36.97 49.33
CA ASN G 28 -53.88 -36.27 48.75
C ASN G 28 -53.54 -35.12 47.79
N THR G 29 -52.26 -34.78 47.67
CA THR G 29 -51.86 -33.68 46.77
C THR G 29 -50.69 -34.06 45.85
N ALA G 30 -50.31 -33.10 45.01
CA ALA G 30 -49.09 -33.22 44.21
C ALA G 30 -48.04 -32.20 44.69
N ILE G 31 -48.27 -31.64 45.89
CA ILE G 31 -47.28 -30.77 46.52
C ILE G 31 -45.94 -31.50 46.67
N SER G 32 -46.01 -32.77 47.09
CA SER G 32 -44.83 -33.62 47.16
C SER G 32 -44.94 -34.75 46.14
N PHE G 33 -43.89 -34.93 45.33
CA PHE G 33 -43.91 -35.97 44.31
C PHE G 33 -43.57 -37.37 44.85
N GLU G 34 -43.49 -37.47 46.16
CA GLU G 34 -43.36 -38.77 46.81
C GLU G 34 -44.73 -39.46 46.76
N GLU G 35 -44.74 -40.78 46.59
CA GLU G 35 -46.00 -41.49 46.46
C GLU G 35 -46.29 -42.43 47.64
N ALA G 36 -45.23 -42.99 48.22
CA ALA G 36 -45.36 -43.78 49.44
C ALA G 36 -45.02 -42.90 50.64
N VAL G 37 -45.87 -42.92 51.66
CA VAL G 37 -45.64 -42.12 52.86
C VAL G 37 -44.61 -42.76 53.78
N PRO G 38 -43.57 -41.99 54.14
CA PRO G 38 -42.49 -42.52 55.00
C PRO G 38 -43.00 -42.87 56.39
N SER G 39 -42.45 -43.93 56.99
CA SER G 39 -42.78 -44.27 58.37
C SER G 39 -42.17 -43.25 59.31
N VAL G 40 -42.50 -43.32 60.60
CA VAL G 40 -41.98 -42.38 61.57
C VAL G 40 -40.50 -42.62 61.90
N GLU G 41 -40.07 -43.88 61.84
CA GLU G 41 -38.67 -44.20 62.06
C GLU G 41 -37.84 -43.68 60.90
N GLN G 42 -38.42 -43.72 59.71
CA GLN G 42 -37.77 -43.17 58.52
C GLN G 42 -37.68 -41.65 58.60
N MET G 43 -38.76 -41.00 59.02
CA MET G 43 -38.76 -39.55 59.17
C MET G 43 -37.75 -39.12 60.23
N ARG G 44 -37.57 -39.96 61.25
CA ARG G 44 -36.55 -39.70 62.27
C ARG G 44 -35.15 -39.67 61.66
N GLU G 45 -34.86 -40.61 60.78
CA GLU G 45 -33.56 -40.65 60.11
C GLU G 45 -33.38 -39.45 59.18
N ARG G 46 -34.46 -38.97 58.57
CA ARG G 46 -34.40 -37.80 57.70
C ARG G 46 -33.98 -36.54 58.44
N ILE G 47 -34.71 -36.21 59.50
CA ILE G 47 -34.46 -35.03 60.30
C ILE G 47 -33.07 -35.08 60.93
N SER G 48 -32.70 -36.26 61.44
CA SER G 48 -31.37 -36.48 62.01
C SER G 48 -30.28 -36.29 60.95
N THR G 49 -30.51 -36.83 59.76
CA THR G 49 -29.55 -36.72 58.66
C THR G 49 -29.39 -35.29 58.15
N THR G 50 -30.51 -34.59 58.00
CA THR G 50 -30.51 -33.19 57.54
C THR G 50 -29.81 -32.27 58.53
N LEU G 51 -30.08 -32.48 59.82
CA LEU G 51 -29.52 -31.64 60.87
C LEU G 51 -28.00 -31.80 61.01
N GLN G 52 -27.45 -32.87 60.45
CA GLN G 52 -26.00 -33.10 60.47
C GLN G 52 -25.22 -32.09 59.63
N THR G 53 -25.94 -31.32 58.81
CA THR G 53 -25.30 -30.37 57.91
C THR G 53 -26.20 -29.16 57.58
N TYR G 54 -27.51 -29.35 57.68
CA TYR G 54 -28.47 -28.31 57.27
C TYR G 54 -29.43 -27.95 58.40
N PRO G 55 -30.04 -26.75 58.33
CA PRO G 55 -31.04 -26.40 59.34
C PRO G 55 -32.38 -27.07 59.05
N TYR G 56 -33.12 -27.35 60.13
CA TYR G 56 -34.46 -27.92 60.02
C TYR G 56 -35.28 -27.20 61.08
N LEU G 57 -36.31 -26.48 60.65
CA LEU G 57 -37.09 -25.67 61.58
C LEU G 57 -38.53 -26.18 61.70
N VAL G 58 -39.16 -25.88 62.84
CA VAL G 58 -40.59 -26.15 63.02
C VAL G 58 -41.33 -24.90 63.50
N ALA G 59 -42.57 -24.76 63.08
CA ALA G 59 -43.42 -23.67 63.55
C ALA G 59 -44.39 -24.22 64.59
N VAL G 60 -44.41 -23.61 65.77
CA VAL G 60 -45.25 -24.12 66.86
C VAL G 60 -46.36 -23.13 67.24
N ARG G 61 -47.56 -23.66 67.46
CA ARG G 61 -48.72 -22.87 67.83
C ARG G 61 -49.50 -23.59 68.92
N GLU G 62 -49.53 -22.99 70.11
CA GLU G 62 -50.17 -23.59 71.28
C GLU G 62 -49.65 -25.00 71.57
N GLY G 63 -48.34 -25.19 71.45
CA GLY G 63 -47.72 -26.45 71.83
C GLY G 63 -47.52 -27.45 70.69
N ARG G 64 -48.35 -27.37 69.65
CA ARG G 64 -48.27 -28.31 68.53
C ARG G 64 -47.49 -27.74 67.35
N VAL G 65 -46.89 -28.62 66.55
CA VAL G 65 -46.15 -28.20 65.36
C VAL G 65 -47.10 -28.03 64.17
N VAL G 66 -47.22 -26.80 63.68
CA VAL G 66 -48.18 -26.47 62.63
C VAL G 66 -47.51 -26.36 61.25
N GLY G 67 -46.19 -26.46 61.24
CA GLY G 67 -45.43 -26.40 60.00
C GLY G 67 -43.96 -26.71 60.22
N TYR G 68 -43.25 -27.01 59.14
CA TYR G 68 -41.81 -27.24 59.21
C TYR G 68 -41.11 -26.86 57.93
N ALA G 69 -39.80 -26.67 58.02
CA ALA G 69 -39.01 -26.28 56.88
C ALA G 69 -37.59 -26.82 57.04
N TYR G 70 -36.98 -27.21 55.94
CA TYR G 70 -35.61 -27.69 55.98
C TYR G 70 -34.87 -27.33 54.71
N ALA G 71 -33.55 -27.46 54.76
CA ALA G 71 -32.72 -27.23 53.59
C ALA G 71 -32.08 -28.55 53.21
N SER G 72 -31.71 -28.68 51.95
CA SER G 72 -31.07 -29.91 51.49
C SER G 72 -30.08 -29.58 50.39
N GLN G 73 -29.28 -30.57 50.01
CA GLN G 73 -28.34 -30.42 48.92
C GLN G 73 -29.12 -30.14 47.63
N HIS G 74 -28.73 -29.09 46.92
CA HIS G 74 -29.36 -28.77 45.64
C HIS G 74 -29.02 -29.86 44.63
N ARG G 75 -27.73 -30.12 44.45
CA ARG G 75 -27.25 -31.19 43.59
C ARG G 75 -25.97 -31.80 44.15
N ALA G 76 -25.57 -32.94 43.61
CA ALA G 76 -24.45 -33.71 44.17
C ALA G 76 -23.05 -33.20 43.82
N ARG G 77 -22.86 -32.76 42.58
CA ARG G 77 -21.53 -32.31 42.13
C ARG G 77 -20.95 -31.17 42.97
N ALA G 78 -19.62 -31.07 42.99
CA ALA G 78 -18.91 -30.19 43.94
C ALA G 78 -19.18 -28.70 43.77
N ALA G 79 -19.28 -28.24 42.53
CA ALA G 79 -19.39 -26.81 42.26
C ALA G 79 -20.75 -26.21 42.64
N TYR G 80 -21.67 -27.06 43.10
CA TYR G 80 -22.99 -26.63 43.50
C TYR G 80 -23.07 -26.32 45.01
N ARG G 81 -21.97 -26.50 45.72
CA ARG G 81 -21.99 -26.48 47.19
C ARG G 81 -22.54 -25.20 47.82
N TRP G 82 -22.56 -24.11 47.07
CA TRP G 82 -23.13 -22.86 47.57
C TRP G 82 -24.62 -22.73 47.26
N ALA G 83 -25.15 -23.69 46.51
CA ALA G 83 -26.57 -23.72 46.20
C ALA G 83 -27.29 -24.67 47.16
N VAL G 84 -28.48 -24.27 47.60
CA VAL G 84 -29.23 -25.08 48.55
C VAL G 84 -30.69 -25.19 48.13
N ASP G 85 -31.30 -26.33 48.37
CA ASP G 85 -32.74 -26.50 48.13
C ASP G 85 -33.48 -26.22 49.43
N VAL G 86 -34.54 -25.41 49.38
CA VAL G 86 -35.37 -25.18 50.56
C VAL G 86 -36.78 -25.75 50.37
N THR G 87 -37.39 -26.19 51.46
CA THR G 87 -38.71 -26.80 51.42
C THR G 87 -39.54 -26.32 52.62
N VAL G 88 -40.81 -25.99 52.39
CA VAL G 88 -41.69 -25.56 53.46
C VAL G 88 -43.05 -26.25 53.38
N TYR G 89 -43.50 -26.78 54.51
CA TYR G 89 -44.80 -27.43 54.61
C TYR G 89 -45.56 -26.90 55.82
N VAL G 90 -46.85 -26.61 55.64
CA VAL G 90 -47.70 -26.18 56.76
C VAL G 90 -48.89 -27.14 56.91
N ALA G 91 -49.34 -27.35 58.14
CA ALA G 91 -50.36 -28.36 58.44
C ALA G 91 -51.71 -28.09 57.78
N GLU G 92 -52.44 -29.17 57.48
CA GLU G 92 -53.77 -29.09 56.88
C GLU G 92 -54.74 -28.30 57.76
N GLY G 93 -55.41 -27.32 57.17
CA GLY G 93 -56.32 -26.46 57.89
C GLY G 93 -55.56 -25.48 58.76
N GLN G 94 -54.37 -25.10 58.29
CA GLN G 94 -53.55 -24.12 59.01
C GLN G 94 -52.83 -23.22 58.00
N ARG G 95 -53.12 -23.43 56.72
CA ARG G 95 -52.56 -22.61 55.64
C ARG G 95 -53.04 -21.16 55.72
N ARG G 96 -53.00 -20.44 54.59
CA ARG G 96 -53.15 -18.99 54.60
C ARG G 96 -52.11 -18.46 55.58
N SER G 97 -50.86 -18.73 55.25
CA SER G 97 -49.73 -18.65 56.17
C SER G 97 -48.63 -17.72 55.64
N GLY G 98 -48.07 -16.88 56.51
CA GLY G 98 -48.35 -16.91 57.94
C GLY G 98 -47.27 -17.72 58.65
N ILE G 99 -47.50 -19.02 58.70
CA ILE G 99 -46.53 -19.98 59.20
C ILE G 99 -45.37 -20.13 58.21
N ALA G 100 -45.69 -20.21 56.93
CA ALA G 100 -44.67 -20.41 55.90
C ALA G 100 -43.81 -19.16 55.68
N ARG G 101 -44.40 -17.98 55.86
CA ARG G 101 -43.65 -16.74 55.76
C ARG G 101 -42.67 -16.60 56.93
N GLN G 102 -43.14 -16.92 58.13
CA GLN G 102 -42.29 -16.86 59.31
C GLN G 102 -41.21 -17.93 59.30
N LEU G 103 -41.56 -19.10 58.79
CA LEU G 103 -40.58 -20.18 58.62
C LEU G 103 -39.43 -19.69 57.73
N TYR G 104 -39.79 -18.99 56.66
CA TYR G 104 -38.80 -18.42 55.75
C TYR G 104 -38.03 -17.23 56.34
N ASP G 105 -38.68 -16.47 57.22
CA ASP G 105 -38.02 -15.33 57.87
C ASP G 105 -36.85 -15.75 58.76
N VAL G 106 -36.78 -17.04 59.09
CA VAL G 106 -35.69 -17.59 59.89
C VAL G 106 -34.76 -18.44 59.04
N LEU G 107 -35.35 -19.34 58.25
CA LEU G 107 -34.58 -20.26 57.41
C LEU G 107 -33.59 -19.54 56.50
N LEU G 108 -34.06 -18.48 55.83
CA LEU G 108 -33.24 -17.74 54.87
C LEU G 108 -32.08 -16.95 55.48
N PRO G 109 -32.30 -16.25 56.61
CA PRO G 109 -31.16 -15.57 57.22
C PRO G 109 -30.11 -16.54 57.76
N VAL G 110 -30.53 -17.68 58.33
CA VAL G 110 -29.58 -18.69 58.77
C VAL G 110 -28.74 -19.21 57.60
N LEU G 111 -29.41 -19.58 56.52
CA LEU G 111 -28.74 -20.06 55.32
C LEU G 111 -27.72 -19.04 54.80
N LYS G 112 -28.07 -17.77 54.89
CA LYS G 112 -27.16 -16.70 54.46
C LYS G 112 -25.92 -16.66 55.35
N ARG G 113 -26.14 -16.73 56.66
CA ARG G 113 -25.04 -16.72 57.60
C ARG G 113 -24.20 -18.00 57.53
N LEU G 114 -24.76 -19.07 56.98
CA LEU G 114 -23.98 -20.30 56.78
C LEU G 114 -23.06 -20.17 55.56
N GLY G 115 -23.31 -19.17 54.72
CA GLY G 115 -22.45 -18.91 53.58
C GLY G 115 -22.97 -19.39 52.24
N TYR G 116 -24.25 -19.75 52.17
CA TYR G 116 -24.84 -20.13 50.90
C TYR G 116 -25.10 -18.92 50.02
N ARG G 117 -25.05 -19.08 48.71
CA ARG G 117 -25.20 -17.95 47.79
C ARG G 117 -26.59 -17.87 47.19
N SER G 118 -27.28 -19.00 47.13
CA SER G 118 -28.63 -19.02 46.58
C SER G 118 -29.47 -20.18 47.12
N ALA G 119 -30.76 -19.93 47.31
CA ALA G 119 -31.68 -20.97 47.77
C ALA G 119 -32.74 -21.26 46.71
N TYR G 120 -33.11 -22.53 46.58
CA TYR G 120 -34.02 -22.91 45.51
C TYR G 120 -35.28 -23.60 46.03
N ALA G 121 -36.44 -23.08 45.62
CA ALA G 121 -37.72 -23.70 45.93
C ALA G 121 -38.36 -24.27 44.68
N GLY G 122 -38.61 -25.58 44.69
CA GLY G 122 -39.34 -26.21 43.60
C GLY G 122 -40.80 -26.24 43.97
N ILE G 123 -41.65 -25.78 43.05
CA ILE G 123 -43.08 -25.74 43.30
C ILE G 123 -43.86 -26.50 42.23
N ALA G 124 -44.71 -27.42 42.66
CA ALA G 124 -45.59 -28.15 41.73
C ALA G 124 -46.72 -27.25 41.27
N LEU G 125 -46.83 -27.03 39.98
CA LEU G 125 -47.85 -26.13 39.44
C LEU G 125 -49.09 -26.92 39.02
N PRO G 126 -50.27 -26.29 39.13
CA PRO G 126 -50.46 -24.91 39.59
C PRO G 126 -50.54 -24.79 41.11
N ASN G 127 -50.11 -23.64 41.63
CA ASN G 127 -50.20 -23.35 43.05
C ASN G 127 -50.01 -21.85 43.27
N GLU G 128 -51.06 -21.09 42.97
CA GLU G 128 -51.03 -19.63 43.04
C GLU G 128 -50.62 -19.11 44.41
N GLY G 129 -51.03 -19.80 45.46
CA GLY G 129 -50.72 -19.40 46.83
C GLY G 129 -49.25 -19.53 47.18
N SER G 130 -48.65 -20.66 46.83
CA SER G 130 -47.25 -20.89 47.11
C SER G 130 -46.36 -19.99 46.26
N VAL G 131 -46.75 -19.81 45.00
CA VAL G 131 -46.01 -18.98 44.06
C VAL G 131 -45.93 -17.51 44.50
N GLY G 132 -47.07 -16.96 44.92
CA GLY G 132 -47.12 -15.58 45.38
C GLY G 132 -46.36 -15.36 46.68
N LEU G 133 -46.37 -16.38 47.54
CA LEU G 133 -45.66 -16.33 48.80
C LEU G 133 -44.16 -16.17 48.57
N HIS G 134 -43.58 -17.07 47.78
CA HIS G 134 -42.17 -16.99 47.43
C HIS G 134 -41.85 -15.68 46.72
N GLU G 135 -42.77 -15.23 45.88
CA GLU G 135 -42.56 -14.01 45.10
C GLU G 135 -42.55 -12.73 45.94
N ARG G 136 -43.22 -12.73 47.09
CA ARG G 136 -43.18 -11.55 47.96
C ARG G 136 -41.95 -11.58 48.87
N LEU G 137 -41.46 -12.78 49.16
CA LEU G 137 -40.28 -12.93 49.98
C LEU G 137 -39.01 -12.60 49.20
N GLY G 138 -39.14 -12.47 47.89
CA GLY G 138 -38.00 -12.11 47.06
C GLY G 138 -37.48 -13.20 46.14
N PHE G 139 -38.16 -14.34 46.08
CA PHE G 139 -37.80 -15.39 45.14
C PHE G 139 -38.12 -14.96 43.71
N GLN G 140 -37.27 -15.36 42.77
CA GLN G 140 -37.48 -15.03 41.36
C GLN G 140 -37.70 -16.29 40.55
N HIS G 141 -38.72 -16.29 39.70
CA HIS G 141 -38.98 -17.41 38.80
C HIS G 141 -37.82 -17.57 37.83
N ILE G 142 -37.21 -18.76 37.79
CA ILE G 142 -36.04 -18.97 36.93
C ILE G 142 -36.25 -20.04 35.87
N GLY G 143 -37.40 -20.72 35.92
CA GLY G 143 -37.69 -21.76 34.94
C GLY G 143 -38.75 -22.74 35.41
N THR G 144 -39.42 -23.38 34.45
CA THR G 144 -40.43 -24.39 34.75
C THR G 144 -40.13 -25.70 34.03
N PHE G 145 -40.26 -26.83 34.74
CA PHE G 145 -40.17 -28.14 34.13
C PHE G 145 -41.57 -28.66 33.82
N PRO G 146 -42.00 -28.54 32.56
CA PRO G 146 -43.37 -28.89 32.17
C PRO G 146 -43.63 -30.41 32.13
N GLN G 147 -44.72 -30.85 32.77
CA GLN G 147 -45.13 -32.26 32.77
C GLN G 147 -44.02 -33.21 33.22
N VAL G 148 -43.19 -32.73 34.14
CA VAL G 148 -42.02 -33.48 34.56
C VAL G 148 -42.41 -34.69 35.41
N GLY G 149 -43.57 -34.62 36.04
CA GLY G 149 -43.99 -35.67 36.95
C GLY G 149 -45.43 -36.11 36.75
N PHE G 150 -45.74 -37.33 37.18
CA PHE G 150 -47.10 -37.84 37.10
C PHE G 150 -47.56 -38.43 38.45
N LYS G 151 -48.45 -37.71 39.11
CA LYS G 151 -49.04 -38.18 40.36
C LYS G 151 -50.53 -37.91 40.39
N LEU G 152 -51.29 -38.83 40.99
CA LEU G 152 -52.74 -38.69 41.14
C LEU G 152 -53.46 -38.45 39.81
N ASP G 153 -53.18 -39.32 38.83
CA ASP G 153 -53.88 -39.30 37.55
C ASP G 153 -53.76 -37.98 36.78
N ALA G 154 -52.60 -37.34 36.88
CA ALA G 154 -52.36 -36.09 36.16
C ALA G 154 -50.88 -35.78 36.02
N TRP G 155 -50.52 -35.06 34.96
CA TRP G 155 -49.16 -34.55 34.80
C TRP G 155 -49.08 -33.16 35.42
N HIS G 156 -47.96 -32.86 36.05
CA HIS G 156 -47.81 -31.56 36.70
C HIS G 156 -46.51 -30.91 36.27
N ASP G 157 -46.55 -29.61 36.02
CA ASP G 157 -45.32 -28.86 35.76
C ASP G 157 -44.66 -28.59 37.10
N VAL G 158 -43.34 -28.37 37.10
CA VAL G 158 -42.66 -27.95 38.31
C VAL G 158 -41.78 -26.75 38.01
N GLY G 159 -42.10 -25.62 38.63
CA GLY G 159 -41.31 -24.41 38.45
C GLY G 159 -40.34 -24.21 39.59
N TYR G 160 -39.28 -23.46 39.33
CA TYR G 160 -38.30 -23.18 40.37
C TYR G 160 -38.20 -21.69 40.66
N TRP G 161 -38.04 -21.37 41.94
CA TRP G 161 -37.87 -20.00 42.37
C TRP G 161 -36.53 -19.88 43.09
N ARG G 162 -35.79 -18.82 42.76
CA ARG G 162 -34.45 -18.61 43.31
C ARG G 162 -34.37 -17.37 44.19
N PHE G 163 -33.88 -17.54 45.42
CA PHE G 163 -33.61 -16.42 46.30
C PHE G 163 -32.11 -16.19 46.36
N ASP G 164 -31.66 -15.02 45.90
CA ASP G 164 -30.24 -14.70 45.87
C ASP G 164 -29.78 -13.97 47.13
N PHE G 165 -28.70 -14.45 47.73
CA PHE G 165 -28.12 -13.79 48.89
C PHE G 165 -27.03 -12.82 48.45
N GLY G 166 -26.58 -12.94 47.21
CA GLY G 166 -25.53 -12.07 46.67
C GLY G 166 -24.17 -12.74 46.66
N ASP G 167 -23.12 -11.92 46.82
CA ASP G 167 -21.72 -12.40 46.93
C ASP G 167 -21.11 -13.07 45.69
N GLU G 168 -19.77 -13.14 45.68
CA GLU G 168 -19.00 -13.72 44.58
C GLU G 168 -17.55 -14.01 45.00
N GLY G 169 -17.36 -14.33 46.27
CA GLY G 169 -16.03 -14.50 46.85
C GLY G 169 -15.57 -15.93 47.08
N LEU G 170 -16.53 -16.85 47.19
CA LEU G 170 -16.26 -18.29 47.25
C LEU G 170 -15.50 -18.79 48.49
N HIS G 171 -16.20 -18.89 49.61
CA HIS G 171 -15.70 -19.64 50.77
C HIS G 171 -16.72 -20.70 51.12
N PRO G 172 -16.28 -21.96 51.31
CA PRO G 172 -17.13 -23.13 51.53
C PRO G 172 -18.21 -22.91 52.59
N GLU G 173 -19.46 -23.21 52.25
CA GLU G 173 -20.57 -23.03 53.17
C GLU G 173 -20.37 -23.79 54.48
N ALA G 174 -20.70 -23.14 55.59
CA ALA G 174 -20.59 -23.75 56.91
C ALA G 174 -21.88 -24.48 57.28
N PRO G 175 -21.79 -25.58 58.02
CA PRO G 175 -22.97 -26.36 58.42
C PRO G 175 -23.62 -25.85 59.71
N LEU G 176 -24.93 -26.08 59.87
CA LEU G 176 -25.60 -25.76 61.12
C LEU G 176 -25.03 -26.70 62.16
N GLY G 177 -24.59 -26.14 63.30
CA GLY G 177 -23.88 -26.88 64.33
C GLY G 177 -24.43 -28.26 64.60
N PHE G 178 -23.70 -29.29 64.16
CA PHE G 178 -24.20 -30.67 64.17
C PHE G 178 -24.31 -31.30 65.55
N LEU G 179 -25.29 -32.20 65.72
CA LEU G 179 -25.53 -32.85 67.00
C LEU G 179 -24.37 -33.74 67.44
N GLY H 4 25.38 -24.36 -16.62
CA GLY H 4 24.34 -24.15 -17.61
C GLY H 4 24.91 -23.64 -18.92
N ILE H 5 25.16 -24.58 -19.84
CA ILE H 5 25.94 -24.31 -21.04
C ILE H 5 27.28 -23.68 -20.64
N ASP H 6 28.10 -24.45 -19.94
CA ASP H 6 29.45 -24.06 -19.57
C ASP H 6 30.44 -24.89 -20.36
N ILE H 7 31.53 -24.27 -20.79
CA ILE H 7 32.49 -24.96 -21.67
C ILE H 7 33.71 -25.49 -20.91
N ARG H 8 33.94 -26.79 -21.05
CA ARG H 8 35.05 -27.47 -20.37
C ARG H 8 35.92 -28.23 -21.35
N VAL H 9 37.20 -28.38 -21.04
CA VAL H 9 38.08 -29.23 -21.83
C VAL H 9 37.79 -30.68 -21.47
N ALA H 10 37.63 -31.53 -22.50
CA ALA H 10 37.18 -32.90 -22.28
C ALA H 10 38.30 -33.81 -21.81
N ARG H 11 37.97 -35.08 -21.59
CA ARG H 11 38.92 -36.08 -21.13
C ARG H 11 38.37 -37.48 -21.42
N PRO H 12 39.26 -38.49 -21.47
CA PRO H 12 38.80 -39.86 -21.72
C PRO H 12 37.76 -40.36 -20.70
N GLU H 13 37.67 -39.70 -19.54
CA GLU H 13 36.69 -40.08 -18.52
C GLU H 13 35.27 -39.63 -18.85
N ASP H 14 35.11 -38.92 -19.97
CA ASP H 14 33.78 -38.49 -20.41
C ASP H 14 33.23 -39.42 -21.48
N ALA H 15 33.94 -40.53 -21.71
CA ALA H 15 33.60 -41.49 -22.77
C ALA H 15 32.14 -41.94 -22.73
N GLU H 16 31.62 -42.15 -21.52
CA GLU H 16 30.23 -42.56 -21.36
C GLU H 16 29.27 -41.47 -21.84
N GLU H 17 29.43 -40.25 -21.32
CA GLU H 17 28.51 -39.16 -21.65
C GLU H 17 28.64 -38.70 -23.10
N ILE H 18 29.83 -38.88 -23.66
CA ILE H 18 30.08 -38.51 -25.05
C ILE H 18 29.47 -39.56 -25.99
N GLN H 19 29.58 -40.84 -25.62
CA GLN H 19 28.91 -41.89 -26.38
C GLN H 19 27.39 -41.71 -26.34
N ILE H 20 26.87 -41.23 -25.21
CA ILE H 20 25.45 -40.94 -25.06
C ILE H 20 24.96 -39.93 -26.11
N ILE H 21 25.83 -38.99 -26.46
CA ILE H 21 25.52 -37.99 -27.47
C ILE H 21 25.75 -38.51 -28.89
N TYR H 22 26.88 -39.19 -29.09
CA TYR H 22 27.26 -39.68 -30.41
C TYR H 22 26.34 -40.79 -30.92
N ALA H 23 25.75 -41.56 -30.01
CA ALA H 23 24.91 -42.70 -30.40
C ALA H 23 23.70 -42.38 -31.28
N PRO H 24 22.85 -41.42 -30.86
CA PRO H 24 21.72 -41.11 -31.77
C PRO H 24 22.18 -40.43 -33.06
N ILE H 25 23.28 -39.70 -33.01
CA ILE H 25 23.83 -39.08 -34.21
C ILE H 25 24.28 -40.14 -35.23
N VAL H 26 24.84 -41.25 -34.75
CA VAL H 26 25.20 -42.38 -35.60
C VAL H 26 23.98 -43.10 -36.19
N LEU H 27 22.96 -43.31 -35.35
CA LEU H 27 21.84 -44.18 -35.72
C LEU H 27 20.69 -43.47 -36.43
N ASN H 28 20.49 -42.18 -36.15
CA ASN H 28 19.32 -41.48 -36.68
C ASN H 28 19.60 -40.56 -37.85
N THR H 29 20.84 -40.06 -37.93
CA THR H 29 21.18 -39.00 -38.88
C THR H 29 22.40 -39.37 -39.70
N ALA H 30 22.75 -38.49 -40.64
CA ALA H 30 24.00 -38.57 -41.36
C ALA H 30 24.95 -37.44 -40.98
N ILE H 31 24.75 -36.85 -39.78
CA ILE H 31 25.68 -35.86 -39.24
C ILE H 31 27.08 -36.48 -39.19
N SER H 32 27.14 -37.75 -38.78
CA SER H 32 28.35 -38.55 -38.91
C SER H 32 28.08 -39.63 -39.96
N PHE H 33 29.10 -39.98 -40.74
CA PHE H 33 28.94 -41.02 -41.75
C PHE H 33 29.38 -42.37 -41.21
N GLU H 34 29.46 -42.48 -39.89
CA GLU H 34 29.76 -43.75 -39.23
C GLU H 34 28.44 -44.49 -38.98
N GLU H 35 28.42 -45.78 -39.26
CA GLU H 35 27.17 -46.54 -39.26
C GLU H 35 26.97 -47.38 -37.99
N ALA H 36 28.07 -47.79 -37.37
CA ALA H 36 27.99 -48.56 -36.12
C ALA H 36 28.44 -47.70 -34.93
N VAL H 37 27.69 -47.77 -33.83
CA VAL H 37 28.07 -47.00 -32.64
C VAL H 37 29.31 -47.58 -31.99
N PRO H 38 30.36 -46.76 -31.85
CA PRO H 38 31.61 -47.20 -31.22
C PRO H 38 31.39 -47.54 -29.75
N SER H 39 32.17 -48.48 -29.21
CA SER H 39 32.03 -48.85 -27.80
C SER H 39 32.59 -47.76 -26.89
N VAL H 40 32.26 -47.84 -25.61
CA VAL H 40 32.76 -46.87 -24.63
C VAL H 40 34.29 -46.88 -24.59
N GLU H 41 34.89 -48.07 -24.67
CA GLU H 41 36.34 -48.21 -24.67
C GLU H 41 36.98 -47.57 -25.90
N GLN H 42 36.32 -47.70 -27.05
CA GLN H 42 36.80 -47.09 -28.28
C GLN H 42 36.66 -45.57 -28.24
N MET H 43 35.57 -45.09 -27.66
CA MET H 43 35.38 -43.66 -27.46
C MET H 43 36.50 -43.09 -26.58
N ARG H 44 36.92 -43.88 -25.59
CA ARG H 44 37.98 -43.48 -24.67
C ARG H 44 39.31 -43.33 -25.42
N GLU H 45 39.60 -44.28 -26.31
CA GLU H 45 40.81 -44.21 -27.12
C GLU H 45 40.79 -43.02 -28.09
N ARG H 46 39.61 -42.69 -28.62
CA ARG H 46 39.45 -41.56 -29.53
C ARG H 46 39.82 -40.23 -28.86
N ILE H 47 39.20 -39.95 -27.72
CA ILE H 47 39.45 -38.73 -26.96
C ILE H 47 40.93 -38.61 -26.60
N SER H 48 41.48 -39.67 -26.01
CA SER H 48 42.89 -39.69 -25.61
C SER H 48 43.84 -39.50 -26.80
N THR H 49 43.46 -40.00 -27.97
CA THR H 49 44.28 -39.85 -29.17
C THR H 49 44.23 -38.42 -29.73
N THR H 50 43.05 -37.82 -29.71
CA THR H 50 42.87 -36.45 -30.19
C THR H 50 43.57 -35.45 -29.27
N LEU H 51 43.43 -35.64 -27.97
CA LEU H 51 44.01 -34.74 -26.97
C LEU H 51 45.54 -34.69 -27.01
N GLN H 52 46.17 -35.67 -27.63
CA GLN H 52 47.63 -35.69 -27.74
C GLN H 52 48.17 -34.56 -28.62
N THR H 53 47.28 -33.94 -29.40
CA THR H 53 47.69 -32.91 -30.34
C THR H 53 46.62 -31.84 -30.58
N TYR H 54 45.36 -32.18 -30.29
CA TYR H 54 44.24 -31.30 -30.61
C TYR H 54 43.30 -31.06 -29.44
N PRO H 55 42.71 -29.85 -29.37
CA PRO H 55 41.70 -29.54 -28.35
C PRO H 55 40.43 -30.37 -28.50
N TYR H 56 39.80 -30.68 -27.36
CA TYR H 56 38.60 -31.50 -27.32
C TYR H 56 37.73 -30.91 -26.21
N LEU H 57 36.59 -30.35 -26.57
CA LEU H 57 35.75 -29.65 -25.60
C LEU H 57 34.45 -30.39 -25.33
N VAL H 58 33.85 -30.14 -24.17
CA VAL H 58 32.49 -30.61 -23.87
C VAL H 58 31.66 -29.46 -23.32
N ALA H 59 30.35 -29.53 -23.54
CA ALA H 59 29.42 -28.51 -23.03
C ALA H 59 28.57 -29.12 -21.94
N VAL H 60 28.49 -28.46 -20.79
CA VAL H 60 27.72 -28.99 -19.67
C VAL H 60 26.62 -28.06 -19.18
N ARG H 61 25.43 -28.62 -18.96
CA ARG H 61 24.33 -27.91 -18.34
C ARG H 61 23.75 -28.79 -17.24
N GLU H 62 23.75 -28.26 -16.01
CA GLU H 62 23.35 -29.01 -14.82
C GLU H 62 24.20 -30.24 -14.57
N GLY H 63 25.53 -30.08 -14.72
CA GLY H 63 26.46 -31.17 -14.48
C GLY H 63 26.46 -32.23 -15.57
N ARG H 64 25.44 -32.20 -16.42
CA ARG H 64 25.29 -33.19 -17.49
C ARG H 64 25.90 -32.70 -18.79
N VAL H 65 26.50 -33.62 -19.55
CA VAL H 65 27.10 -33.29 -20.84
C VAL H 65 26.04 -33.18 -21.93
N VAL H 66 25.96 -32.01 -22.58
CA VAL H 66 24.92 -31.72 -23.56
C VAL H 66 25.46 -31.54 -24.96
N GLY H 67 26.78 -31.48 -25.09
CA GLY H 67 27.41 -31.32 -26.39
C GLY H 67 28.93 -31.36 -26.29
N TYR H 68 29.58 -31.72 -27.39
CA TYR H 68 31.03 -31.72 -27.44
C TYR H 68 31.62 -31.29 -28.78
N ALA H 69 32.91 -31.01 -28.78
CA ALA H 69 33.61 -30.58 -29.99
C ALA H 69 35.09 -30.95 -29.93
N TYR H 70 35.66 -31.25 -31.09
CA TYR H 70 37.10 -31.48 -31.17
C TYR H 70 37.61 -31.03 -32.52
N ALA H 71 38.93 -30.92 -32.63
CA ALA H 71 39.56 -30.68 -33.93
C ALA H 71 40.35 -31.91 -34.35
N SER H 72 40.81 -31.92 -35.59
CA SER H 72 41.55 -33.07 -36.13
C SER H 72 42.25 -32.66 -37.42
N GLN H 73 43.20 -33.48 -37.84
CA GLN H 73 43.95 -33.22 -39.07
C GLN H 73 43.01 -33.10 -40.27
N HIS H 74 43.19 -32.03 -41.03
CA HIS H 74 42.41 -31.83 -42.24
C HIS H 74 42.82 -32.84 -43.31
N ARG H 75 44.10 -32.79 -43.69
CA ARG H 75 44.67 -33.76 -44.62
C ARG H 75 46.08 -34.16 -44.18
N ALA H 76 46.49 -35.37 -44.54
CA ALA H 76 47.73 -35.97 -44.04
C ALA H 76 49.03 -35.33 -44.57
N ARG H 77 49.00 -34.85 -45.81
CA ARG H 77 50.18 -34.27 -46.44
C ARG H 77 50.73 -33.08 -45.66
N ALA H 78 52.05 -32.90 -45.70
CA ALA H 78 52.75 -31.93 -44.85
C ALA H 78 52.31 -30.47 -45.05
N ALA H 79 52.03 -30.09 -46.28
CA ALA H 79 51.69 -28.69 -46.58
C ALA H 79 50.29 -28.32 -46.08
N TYR H 80 49.50 -29.31 -45.67
CA TYR H 80 48.17 -29.06 -45.12
C TYR H 80 48.22 -28.85 -43.60
N ARG H 81 49.41 -28.65 -43.04
CA ARG H 81 49.57 -28.65 -41.59
C ARG H 81 49.00 -27.42 -40.89
N TRP H 82 48.81 -26.33 -41.63
CA TRP H 82 48.16 -25.16 -41.05
C TRP H 82 46.65 -25.19 -41.27
N ALA H 83 46.14 -26.34 -41.69
CA ALA H 83 44.70 -26.51 -41.87
C ALA H 83 44.17 -27.56 -40.90
N VAL H 84 43.08 -27.23 -40.22
CA VAL H 84 42.50 -28.14 -39.23
C VAL H 84 41.02 -28.36 -39.48
N ASP H 85 40.52 -29.55 -39.13
CA ASP H 85 39.09 -29.85 -39.26
C ASP H 85 38.39 -29.79 -37.91
N VAL H 86 37.21 -29.19 -37.88
CA VAL H 86 36.44 -29.04 -36.65
C VAL H 86 35.13 -29.82 -36.68
N THR H 87 34.73 -30.36 -35.54
CA THR H 87 33.53 -31.16 -35.43
C THR H 87 32.75 -30.73 -34.20
N VAL H 88 31.47 -30.42 -34.35
CA VAL H 88 30.61 -30.13 -33.21
C VAL H 88 29.36 -31.01 -33.20
N TYR H 89 29.12 -31.66 -32.07
CA TYR H 89 27.96 -32.52 -31.90
C TYR H 89 27.18 -32.05 -30.67
N VAL H 90 25.88 -31.80 -30.82
CA VAL H 90 25.04 -31.42 -29.69
C VAL H 90 24.00 -32.50 -29.44
N ALA H 91 23.46 -32.51 -28.22
CA ALA H 91 22.48 -33.53 -27.83
C ALA H 91 21.17 -33.36 -28.59
N GLU H 92 20.65 -34.47 -29.13
CA GLU H 92 19.36 -34.47 -29.79
C GLU H 92 18.25 -34.11 -28.81
N GLY H 93 17.57 -32.98 -29.07
CA GLY H 93 16.56 -32.49 -28.15
C GLY H 93 17.08 -31.33 -27.33
N GLN H 94 18.37 -31.04 -27.49
CA GLN H 94 18.99 -29.90 -26.83
C GLN H 94 19.56 -28.98 -27.90
N ARG H 95 19.10 -29.17 -29.14
CA ARG H 95 19.50 -28.31 -30.25
C ARG H 95 18.95 -26.88 -30.08
N ARG H 96 18.74 -26.19 -31.20
CA ARG H 96 18.55 -24.74 -31.17
C ARG H 96 19.73 -24.18 -30.39
N SER H 97 20.93 -24.42 -30.92
CA SER H 97 22.17 -24.12 -30.22
C SER H 97 22.83 -22.83 -30.72
N GLY H 98 23.35 -22.02 -29.80
CA GLY H 98 23.29 -22.32 -28.38
C GLY H 98 24.53 -23.04 -27.87
N ILE H 99 24.39 -24.34 -27.62
CA ILE H 99 25.50 -25.20 -27.23
C ILE H 99 26.63 -25.13 -28.24
N ALA H 100 26.32 -25.33 -29.51
CA ALA H 100 27.31 -25.39 -30.57
C ALA H 100 28.08 -24.07 -30.75
N ARG H 101 27.37 -22.95 -30.65
CA ARG H 101 28.01 -21.63 -30.74
C ARG H 101 29.02 -21.43 -29.60
N GLN H 102 28.58 -21.69 -28.38
CA GLN H 102 29.42 -21.54 -27.20
C GLN H 102 30.62 -22.49 -27.25
N LEU H 103 30.46 -23.60 -27.96
CA LEU H 103 31.56 -24.54 -28.20
C LEU H 103 32.60 -23.87 -29.12
N TYR H 104 32.12 -23.33 -30.23
CA TYR H 104 32.99 -22.71 -31.23
C TYR H 104 33.74 -21.48 -30.71
N ASP H 105 33.09 -20.71 -29.84
CA ASP H 105 33.70 -19.50 -29.30
C ASP H 105 34.95 -19.77 -28.44
N VAL H 106 35.14 -21.02 -28.05
CA VAL H 106 36.35 -21.44 -27.35
C VAL H 106 37.27 -22.21 -28.29
N LEU H 107 36.70 -23.16 -29.03
CA LEU H 107 37.45 -23.98 -29.98
C LEU H 107 38.20 -23.15 -31.01
N LEU H 108 37.52 -22.16 -31.60
CA LEU H 108 38.13 -21.35 -32.67
C LEU H 108 39.31 -20.45 -32.23
N PRO H 109 39.18 -19.75 -31.08
CA PRO H 109 40.32 -18.89 -30.70
C PRO H 109 41.54 -19.68 -30.21
N VAL H 110 41.32 -20.87 -29.63
CA VAL H 110 42.43 -21.73 -29.23
C VAL H 110 43.26 -22.18 -30.44
N LEU H 111 42.58 -22.68 -31.47
CA LEU H 111 43.23 -23.05 -32.73
C LEU H 111 44.07 -21.91 -33.28
N LYS H 112 43.53 -20.69 -33.20
CA LYS H 112 44.23 -19.50 -33.69
C LYS H 112 45.51 -19.23 -32.88
N ARG H 113 45.44 -19.46 -31.58
CA ARG H 113 46.61 -19.29 -30.72
C ARG H 113 47.59 -20.45 -30.86
N LEU H 114 47.13 -21.55 -31.44
CA LEU H 114 48.00 -22.70 -31.71
C LEU H 114 48.80 -22.50 -32.99
N GLY H 115 48.28 -21.66 -33.90
CA GLY H 115 49.02 -21.34 -35.10
C GLY H 115 48.39 -21.83 -36.39
N TYR H 116 47.15 -22.31 -36.32
CA TYR H 116 46.45 -22.75 -37.52
C TYR H 116 45.93 -21.54 -38.30
N ARG H 117 45.87 -21.68 -39.62
CA ARG H 117 45.49 -20.55 -40.46
C ARG H 117 44.03 -20.61 -40.91
N SER H 118 43.51 -21.81 -41.10
CA SER H 118 42.11 -21.97 -41.46
C SER H 118 41.49 -23.20 -40.83
N ALA H 119 40.18 -23.17 -40.62
CA ALA H 119 39.46 -24.31 -40.06
C ALA H 119 38.38 -24.77 -41.03
N TYR H 120 38.08 -26.07 -41.03
CA TYR H 120 37.09 -26.60 -41.97
C TYR H 120 36.09 -27.53 -41.27
N ALA H 121 34.81 -27.34 -41.58
CA ALA H 121 33.75 -28.21 -41.06
C ALA H 121 32.94 -28.81 -42.20
N GLY H 122 32.80 -30.13 -42.20
CA GLY H 122 31.98 -30.81 -43.20
C GLY H 122 30.58 -31.02 -42.67
N ILE H 123 29.58 -30.66 -43.47
CA ILE H 123 28.18 -30.77 -43.05
C ILE H 123 27.33 -31.51 -44.08
N ALA H 124 26.75 -32.64 -43.68
CA ALA H 124 25.83 -33.37 -44.55
C ALA H 124 24.59 -32.53 -44.84
N LEU H 125 24.24 -32.43 -46.11
CA LEU H 125 23.12 -31.58 -46.53
C LEU H 125 21.88 -32.39 -46.89
N PRO H 126 20.68 -31.82 -46.63
CA PRO H 126 20.45 -30.49 -46.06
C PRO H 126 20.50 -30.47 -44.53
N ASN H 127 20.87 -29.31 -43.99
CA ASN H 127 20.88 -29.08 -42.55
C ASN H 127 20.98 -27.59 -42.31
N GLU H 128 19.84 -26.91 -42.43
CA GLU H 128 19.80 -25.45 -42.39
C GLU H 128 20.25 -24.93 -41.04
N GLY H 129 19.97 -25.69 -39.98
CA GLY H 129 20.34 -25.30 -38.63
C GLY H 129 21.85 -25.28 -38.44
N SER H 130 22.53 -26.27 -39.01
CA SER H 130 23.98 -26.34 -38.93
C SER H 130 24.66 -25.36 -39.91
N VAL H 131 24.16 -25.30 -41.14
CA VAL H 131 24.70 -24.38 -42.13
C VAL H 131 24.54 -22.94 -41.66
N GLY H 132 23.35 -22.62 -41.15
CA GLY H 132 23.08 -21.31 -40.61
C GLY H 132 23.99 -20.96 -39.45
N LEU H 133 24.18 -21.92 -38.52
CA LEU H 133 25.04 -21.72 -37.36
C LEU H 133 26.47 -21.37 -37.75
N HIS H 134 27.04 -22.12 -38.68
CA HIS H 134 28.41 -21.88 -39.12
C HIS H 134 28.54 -20.55 -39.86
N GLU H 135 27.57 -20.28 -40.73
CA GLU H 135 27.58 -19.06 -41.51
C GLU H 135 27.47 -17.81 -40.62
N ARG H 136 26.79 -17.94 -39.48
CA ARG H 136 26.64 -16.80 -38.56
C ARG H 136 27.77 -16.69 -37.55
N LEU H 137 28.69 -17.63 -37.59
CA LEU H 137 29.92 -17.53 -36.80
C LEU H 137 31.04 -16.99 -37.69
N GLY H 138 30.82 -17.01 -39.01
CA GLY H 138 31.80 -16.48 -39.95
C GLY H 138 32.42 -17.50 -40.90
N PHE H 139 31.92 -18.73 -40.89
CA PHE H 139 32.39 -19.73 -41.84
C PHE H 139 31.94 -19.33 -43.25
N GLN H 140 32.76 -19.63 -44.25
CA GLN H 140 32.41 -19.37 -45.64
C GLN H 140 32.24 -20.68 -46.38
N HIS H 141 31.12 -20.83 -47.09
CA HIS H 141 30.89 -22.02 -47.90
C HIS H 141 31.87 -22.05 -49.07
N ILE H 142 32.65 -23.13 -49.19
CA ILE H 142 33.66 -23.22 -50.23
C ILE H 142 33.52 -24.43 -51.15
N GLY H 143 32.37 -25.11 -51.07
CA GLY H 143 32.11 -26.22 -51.97
C GLY H 143 31.27 -27.34 -51.39
N THR H 144 30.71 -28.16 -52.28
CA THR H 144 29.88 -29.29 -51.89
C THR H 144 30.24 -30.52 -52.74
N PHE H 145 30.47 -31.65 -52.09
CA PHE H 145 30.69 -32.91 -52.79
C PHE H 145 29.34 -33.62 -52.94
N PRO H 146 28.72 -33.51 -54.14
CA PRO H 146 27.37 -34.07 -54.30
C PRO H 146 27.33 -35.60 -54.25
N GLN H 147 26.28 -36.14 -53.63
CA GLN H 147 26.02 -37.58 -53.56
C GLN H 147 27.22 -38.42 -53.10
N VAL H 148 28.11 -37.81 -52.32
CA VAL H 148 29.39 -38.43 -52.01
C VAL H 148 29.28 -39.59 -51.02
N GLY H 149 28.20 -39.61 -50.24
CA GLY H 149 28.04 -40.63 -49.22
C GLY H 149 26.70 -41.33 -49.25
N PHE H 150 26.68 -42.60 -48.84
CA PHE H 150 25.44 -43.37 -48.78
C PHE H 150 25.20 -43.90 -47.38
N LYS H 151 24.06 -43.52 -46.80
CA LYS H 151 23.72 -43.90 -45.44
C LYS H 151 22.22 -43.77 -45.21
N LEU H 152 21.64 -44.74 -44.50
CA LEU H 152 20.21 -44.75 -44.18
C LEU H 152 19.33 -44.65 -45.43
N ASP H 153 19.60 -45.51 -46.41
CA ASP H 153 18.79 -45.59 -47.64
C ASP H 153 18.71 -44.26 -48.40
N ALA H 154 19.77 -43.48 -48.36
CA ALA H 154 19.82 -42.22 -49.10
C ALA H 154 21.25 -41.75 -49.38
N TRP H 155 21.45 -41.10 -50.51
CA TRP H 155 22.73 -40.47 -50.81
C TRP H 155 22.71 -39.04 -50.29
N HIS H 156 23.81 -38.60 -49.70
CA HIS H 156 23.85 -37.30 -49.05
C HIS H 156 24.96 -36.42 -49.63
N ASP H 157 24.68 -35.13 -49.80
CA ASP H 157 25.73 -34.19 -50.18
C ASP H 157 26.49 -33.75 -48.93
N VAL H 158 27.76 -33.39 -49.10
CA VAL H 158 28.55 -32.86 -48.00
C VAL H 158 29.16 -31.54 -48.40
N GLY H 159 28.86 -30.48 -47.64
CA GLY H 159 29.43 -29.18 -47.90
C GLY H 159 30.53 -28.87 -46.91
N TYR H 160 31.50 -28.05 -47.34
CA TYR H 160 32.58 -27.67 -46.44
C TYR H 160 32.58 -26.18 -46.20
N TRP H 161 32.63 -25.81 -44.94
CA TRP H 161 32.68 -24.40 -44.56
C TRP H 161 34.04 -24.05 -44.00
N ARG H 162 34.53 -22.86 -44.34
CA ARG H 162 35.87 -22.45 -43.96
C ARG H 162 35.85 -21.26 -43.01
N PHE H 163 36.59 -21.38 -41.91
CA PHE H 163 36.85 -20.26 -41.02
C PHE H 163 38.31 -19.83 -41.22
N ASP H 164 38.52 -18.60 -41.68
CA ASP H 164 39.88 -18.11 -41.90
C ASP H 164 40.34 -17.35 -40.68
N PHE H 165 41.60 -17.57 -40.29
CA PHE H 165 42.17 -16.88 -39.15
C PHE H 165 43.07 -15.75 -39.62
N GLY H 166 43.46 -15.78 -40.89
CA GLY H 166 44.36 -14.78 -41.44
C GLY H 166 45.78 -15.30 -41.59
N ASP H 167 46.76 -14.43 -41.33
CA ASP H 167 48.19 -14.79 -41.32
C ASP H 167 48.79 -15.26 -42.66
N GLU H 168 50.11 -15.18 -42.75
CA GLU H 168 50.86 -15.57 -43.95
C GLU H 168 52.37 -15.67 -43.71
N GLY H 169 52.75 -15.87 -42.45
CA GLY H 169 54.16 -15.96 -42.06
C GLY H 169 54.71 -17.37 -42.02
N LEU H 170 53.84 -18.33 -41.71
CA LEU H 170 54.16 -19.75 -41.75
C LEU H 170 55.17 -20.24 -40.71
N HIS H 171 54.67 -20.54 -39.51
CA HIS H 171 55.44 -21.26 -38.49
C HIS H 171 54.59 -22.43 -38.03
N PRO H 172 55.17 -23.64 -38.05
CA PRO H 172 54.46 -24.90 -37.78
C PRO H 172 53.56 -24.85 -36.54
N GLU H 173 52.31 -25.29 -36.69
CA GLU H 173 51.33 -25.24 -35.61
C GLU H 173 51.80 -25.95 -34.33
N ALA H 174 51.36 -25.42 -33.18
CA ALA H 174 51.69 -26.01 -31.88
C ALA H 174 50.51 -26.82 -31.34
N PRO H 175 50.79 -27.93 -30.64
CA PRO H 175 49.73 -28.80 -30.13
C PRO H 175 49.12 -28.34 -28.80
N LEU H 176 47.88 -28.75 -28.53
CA LEU H 176 47.27 -28.51 -27.22
C LEU H 176 48.00 -29.40 -26.22
N GLY H 177 48.63 -28.77 -25.23
CA GLY H 177 49.49 -29.51 -24.30
C GLY H 177 48.73 -30.46 -23.41
N GLY I 4 -0.03 -34.75 -37.65
CA GLY I 4 -1.31 -34.44 -38.26
C GLY I 4 -2.47 -34.69 -37.31
N ILE I 5 -2.65 -33.78 -36.37
CA ILE I 5 -3.65 -33.90 -35.31
C ILE I 5 -3.48 -35.20 -34.51
N ASP I 6 -2.65 -35.15 -33.48
CA ASP I 6 -2.50 -36.25 -32.54
C ASP I 6 -2.79 -35.75 -31.13
N ILE I 7 -3.46 -36.57 -30.33
CA ILE I 7 -3.83 -36.13 -28.98
C ILE I 7 -2.85 -36.66 -27.92
N ARG I 8 -2.15 -35.74 -27.27
CA ARG I 8 -1.21 -36.07 -26.22
C ARG I 8 -1.67 -35.52 -24.87
N VAL I 9 -1.11 -36.05 -23.79
CA VAL I 9 -1.36 -35.50 -22.45
C VAL I 9 -0.43 -34.32 -22.25
N ALA I 10 -0.95 -33.24 -21.66
CA ALA I 10 -0.18 -32.02 -21.51
C ALA I 10 0.77 -32.08 -20.32
N ARG I 11 1.61 -31.07 -20.20
CA ARG I 11 2.57 -30.95 -19.10
C ARG I 11 3.03 -29.52 -19.00
N PRO I 12 3.52 -29.11 -17.80
CA PRO I 12 4.03 -27.76 -17.59
C PRO I 12 5.07 -27.32 -18.62
N GLU I 13 5.72 -28.26 -19.29
CA GLU I 13 6.71 -27.95 -20.31
C GLU I 13 6.07 -27.54 -21.65
N ASP I 14 4.74 -27.54 -21.70
CA ASP I 14 4.03 -27.07 -22.88
C ASP I 14 3.54 -25.64 -22.68
N ALA I 15 3.93 -25.04 -21.55
CA ALA I 15 3.44 -23.72 -21.14
C ALA I 15 3.60 -22.64 -22.21
N GLU I 16 4.76 -22.63 -22.88
CA GLU I 16 5.02 -21.66 -23.93
C GLU I 16 3.99 -21.76 -25.05
N GLU I 17 3.85 -22.94 -25.63
CA GLU I 17 3.00 -23.14 -26.81
C GLU I 17 1.51 -23.12 -26.45
N ILE I 18 1.21 -23.24 -25.17
CA ILE I 18 -0.16 -23.12 -24.70
C ILE I 18 -0.51 -21.64 -24.52
N GLN I 19 0.45 -20.84 -24.07
CA GLN I 19 0.29 -19.38 -24.02
C GLN I 19 0.12 -18.81 -25.42
N ILE I 20 0.80 -19.42 -26.40
CA ILE I 20 0.66 -19.04 -27.81
C ILE I 20 -0.78 -19.22 -28.30
N ILE I 21 -1.44 -20.26 -27.80
CA ILE I 21 -2.84 -20.51 -28.16
C ILE I 21 -3.81 -19.66 -27.33
N TYR I 22 -3.49 -19.47 -26.05
CA TYR I 22 -4.37 -18.73 -25.14
C TYR I 22 -4.34 -17.21 -25.35
N ALA I 23 -3.20 -16.69 -25.81
CA ALA I 23 -3.05 -15.23 -25.98
C ALA I 23 -4.09 -14.53 -26.89
N PRO I 24 -4.26 -15.01 -28.14
CA PRO I 24 -5.24 -14.33 -28.99
C PRO I 24 -6.67 -14.52 -28.48
N ILE I 25 -6.92 -15.62 -27.78
CA ILE I 25 -8.24 -15.87 -27.22
C ILE I 25 -8.56 -14.88 -26.09
N VAL I 26 -7.56 -14.54 -25.29
CA VAL I 26 -7.71 -13.52 -24.24
C VAL I 26 -7.92 -12.13 -24.85
N LEU I 27 -7.21 -11.83 -25.93
CA LEU I 27 -7.14 -10.47 -26.47
C LEU I 27 -8.17 -10.13 -27.56
N ASN I 28 -8.60 -11.12 -28.32
CA ASN I 28 -9.45 -10.86 -29.48
C ASN I 28 -10.90 -11.29 -29.29
N THR I 29 -11.13 -12.20 -28.35
CA THR I 29 -12.45 -12.80 -28.20
C THR I 29 -12.95 -12.73 -26.77
N ALA I 30 -14.15 -13.28 -26.55
CA ALA I 30 -14.68 -13.47 -25.21
C ALA I 30 -14.83 -14.97 -24.92
N ILE I 31 -14.10 -15.81 -25.66
CA ILE I 31 -14.09 -17.25 -25.41
C ILE I 31 -13.61 -17.49 -23.98
N SER I 32 -12.65 -16.68 -23.53
CA SER I 32 -12.28 -16.63 -22.14
C SER I 32 -12.61 -15.23 -21.60
N PHE I 33 -13.15 -15.16 -20.39
CA PHE I 33 -13.50 -13.86 -19.83
C PHE I 33 -12.33 -13.22 -19.09
N GLU I 34 -11.12 -13.73 -19.36
CA GLU I 34 -9.91 -13.13 -18.82
C GLU I 34 -9.49 -11.99 -19.73
N GLU I 35 -9.00 -10.89 -19.16
CA GLU I 35 -8.65 -9.72 -19.96
C GLU I 35 -7.15 -9.52 -20.11
N ALA I 36 -6.37 -10.05 -19.17
CA ALA I 36 -4.91 -9.94 -19.24
C ALA I 36 -4.28 -11.29 -19.54
N VAL I 37 -3.38 -11.31 -20.51
CA VAL I 37 -2.69 -12.54 -20.87
C VAL I 37 -1.77 -12.98 -19.74
N PRO I 38 -2.01 -14.17 -19.18
CA PRO I 38 -1.16 -14.71 -18.12
C PRO I 38 0.28 -14.89 -18.60
N SER I 39 1.24 -14.82 -17.70
CA SER I 39 2.65 -15.00 -18.06
C SER I 39 2.97 -16.46 -18.33
N VAL I 40 4.14 -16.72 -18.91
CA VAL I 40 4.54 -18.08 -19.23
C VAL I 40 4.75 -18.92 -17.97
N GLU I 41 5.16 -18.26 -16.89
CA GLU I 41 5.36 -18.95 -15.62
C GLU I 41 4.03 -19.24 -14.94
N GLN I 42 3.09 -18.31 -15.05
CA GLN I 42 1.75 -18.51 -14.51
C GLN I 42 1.02 -19.63 -15.23
N MET I 43 1.26 -19.75 -16.54
CA MET I 43 0.70 -20.85 -17.32
C MET I 43 1.29 -22.18 -16.87
N ARG I 44 2.53 -22.14 -16.39
CA ARG I 44 3.22 -23.34 -15.92
C ARG I 44 2.59 -23.85 -14.63
N GLU I 45 2.08 -22.93 -13.79
CA GLU I 45 1.44 -23.31 -12.54
C GLU I 45 0.03 -23.85 -12.75
N ARG I 46 -0.68 -23.30 -13.74
CA ARG I 46 -2.05 -23.71 -14.03
C ARG I 46 -2.14 -25.18 -14.47
N ILE I 47 -1.32 -25.54 -15.44
CA ILE I 47 -1.25 -26.92 -15.92
C ILE I 47 -0.88 -27.85 -14.79
N SER I 48 0.14 -27.45 -14.02
CA SER I 48 0.63 -28.27 -12.91
C SER I 48 -0.44 -28.45 -11.83
N THR I 49 -1.20 -27.38 -11.55
CA THR I 49 -2.29 -27.46 -10.58
C THR I 49 -3.47 -28.29 -11.12
N THR I 50 -3.77 -28.13 -12.41
CA THR I 50 -4.83 -28.92 -13.05
C THR I 50 -4.49 -30.42 -13.10
N LEU I 51 -3.26 -30.73 -13.50
CA LEU I 51 -2.80 -32.12 -13.64
C LEU I 51 -2.75 -32.90 -12.31
N GLN I 52 -2.96 -32.21 -11.19
CA GLN I 52 -2.96 -32.87 -9.89
C GLN I 52 -4.25 -33.66 -9.62
N THR I 53 -5.29 -33.39 -10.39
CA THR I 53 -6.58 -34.06 -10.21
C THR I 53 -7.36 -34.23 -11.51
N TYR I 54 -7.06 -33.41 -12.50
CA TYR I 54 -7.81 -33.42 -13.75
C TYR I 54 -6.95 -33.62 -14.98
N PRO I 55 -7.49 -34.31 -16.00
CA PRO I 55 -6.79 -34.49 -17.28
C PRO I 55 -6.57 -33.15 -17.99
N TYR I 56 -5.46 -33.07 -18.74
CA TYR I 56 -5.09 -31.87 -19.47
C TYR I 56 -4.49 -32.35 -20.79
N LEU I 57 -5.10 -31.97 -21.91
CA LEU I 57 -4.66 -32.48 -23.21
C LEU I 57 -4.12 -31.36 -24.11
N VAL I 58 -3.33 -31.73 -25.10
CA VAL I 58 -2.90 -30.81 -26.16
C VAL I 58 -3.03 -31.48 -27.53
N ALA I 59 -3.20 -30.66 -28.57
CA ALA I 59 -3.32 -31.17 -29.93
C ALA I 59 -2.08 -30.81 -30.75
N VAL I 60 -1.50 -31.80 -31.42
CA VAL I 60 -0.26 -31.57 -32.17
C VAL I 60 -0.34 -31.98 -33.64
N ARG I 61 0.05 -31.05 -34.51
CA ARG I 61 0.20 -31.33 -35.94
C ARG I 61 1.53 -30.76 -36.41
N GLU I 62 2.34 -31.60 -37.05
CA GLU I 62 3.70 -31.26 -37.45
C GLU I 62 4.57 -30.91 -36.24
N GLY I 63 4.30 -31.57 -35.12
CA GLY I 63 5.05 -31.33 -33.89
C GLY I 63 4.63 -30.07 -33.15
N ARG I 64 3.91 -29.18 -33.85
CA ARG I 64 3.47 -27.92 -33.27
C ARG I 64 2.15 -28.07 -32.52
N VAL I 65 2.03 -27.35 -31.40
CA VAL I 65 0.80 -27.36 -30.62
C VAL I 65 -0.28 -26.47 -31.25
N VAL I 66 -1.43 -27.07 -31.55
CA VAL I 66 -2.48 -26.36 -32.28
C VAL I 66 -3.79 -26.24 -31.49
N GLY I 67 -3.90 -27.02 -30.42
CA GLY I 67 -5.08 -26.96 -29.58
C GLY I 67 -4.86 -27.62 -28.23
N TYR I 68 -5.63 -27.24 -27.23
CA TYR I 68 -5.58 -27.90 -25.94
C TYR I 68 -6.93 -27.92 -25.22
N ALA I 69 -7.06 -28.84 -24.26
CA ALA I 69 -8.28 -28.98 -23.49
C ALA I 69 -7.98 -29.48 -22.09
N TYR I 70 -8.78 -29.04 -21.13
CA TYR I 70 -8.65 -29.54 -19.76
C TYR I 70 -10.00 -29.58 -19.05
N ALA I 71 -10.03 -30.28 -17.92
CA ALA I 71 -11.21 -30.30 -17.07
C ALA I 71 -10.93 -29.57 -15.77
N SER I 72 -11.99 -29.25 -15.03
CA SER I 72 -11.84 -28.57 -13.75
C SER I 72 -13.12 -28.71 -12.93
N GLN I 73 -13.04 -28.31 -11.67
CA GLN I 73 -14.18 -28.38 -10.76
C GLN I 73 -15.34 -27.57 -11.29
N HIS I 74 -16.52 -28.19 -11.35
CA HIS I 74 -17.72 -27.47 -11.76
C HIS I 74 -18.12 -26.45 -10.69
N ARG I 75 -18.29 -26.94 -9.46
CA ARG I 75 -18.60 -26.09 -8.32
C ARG I 75 -18.00 -26.65 -7.03
N ALA I 76 -17.62 -25.76 -6.11
CA ALA I 76 -16.85 -26.13 -4.92
C ALA I 76 -17.55 -27.08 -3.94
N ARG I 77 -18.87 -26.93 -3.81
CA ARG I 77 -19.63 -27.71 -2.85
C ARG I 77 -19.50 -29.24 -3.07
N ALA I 78 -19.52 -29.98 -1.97
CA ALA I 78 -19.20 -31.41 -1.98
C ALA I 78 -20.11 -32.28 -2.85
N ALA I 79 -21.41 -31.97 -2.85
CA ALA I 79 -22.37 -32.77 -3.61
C ALA I 79 -22.26 -32.56 -5.11
N TYR I 80 -21.45 -31.59 -5.53
CA TYR I 80 -21.21 -31.35 -6.95
C TYR I 80 -20.04 -32.18 -7.45
N ARG I 81 -19.50 -33.06 -6.62
CA ARG I 81 -18.23 -33.70 -6.92
C ARG I 81 -18.26 -34.65 -8.14
N TRP I 82 -19.45 -35.06 -8.54
CA TRP I 82 -19.59 -35.90 -9.72
C TRP I 82 -19.81 -35.10 -11.01
N ALA I 83 -19.76 -33.78 -10.90
CA ALA I 83 -19.88 -32.92 -12.08
C ALA I 83 -18.52 -32.30 -12.40
N VAL I 84 -18.23 -32.13 -13.69
CA VAL I 84 -16.94 -31.58 -14.10
C VAL I 84 -17.10 -30.56 -15.23
N ASP I 85 -16.21 -29.57 -15.25
CA ASP I 85 -16.21 -28.58 -16.32
C ASP I 85 -15.18 -28.92 -17.38
N VAL I 86 -15.49 -28.59 -18.63
CA VAL I 86 -14.60 -28.87 -19.75
C VAL I 86 -14.30 -27.60 -20.56
N THR I 87 -13.05 -27.45 -20.94
CA THR I 87 -12.62 -26.26 -21.65
C THR I 87 -11.78 -26.69 -22.84
N VAL I 88 -12.17 -26.29 -24.05
CA VAL I 88 -11.37 -26.57 -25.24
C VAL I 88 -10.97 -25.26 -25.94
N TYR I 89 -9.72 -25.19 -26.36
CA TYR I 89 -9.21 -24.03 -27.10
C TYR I 89 -8.46 -24.52 -28.33
N VAL I 90 -8.71 -23.91 -29.48
CA VAL I 90 -7.93 -24.20 -30.68
C VAL I 90 -7.20 -22.95 -31.14
N ALA I 91 -6.13 -23.13 -31.92
CA ALA I 91 -5.35 -22.01 -32.43
C ALA I 91 -6.16 -21.21 -33.44
N GLU I 92 -6.18 -19.89 -33.27
CA GLU I 92 -6.88 -19.01 -34.19
C GLU I 92 -6.23 -19.04 -35.56
N GLY I 93 -6.91 -19.65 -36.53
CA GLY I 93 -6.34 -19.87 -37.85
C GLY I 93 -6.11 -21.34 -38.09
N GLN I 94 -6.59 -22.16 -37.17
CA GLN I 94 -6.50 -23.61 -37.29
C GLN I 94 -7.85 -24.20 -36.85
N ARG I 95 -8.89 -23.36 -36.86
CA ARG I 95 -10.24 -23.80 -36.51
C ARG I 95 -10.82 -24.75 -37.55
N ARG I 96 -12.14 -24.67 -37.76
CA ARG I 96 -12.86 -25.69 -38.54
C ARG I 96 -12.47 -27.04 -37.95
N SER I 97 -12.61 -27.14 -36.63
CA SER I 97 -12.13 -28.29 -35.87
C SER I 97 -13.21 -29.38 -35.72
N GLY I 98 -12.83 -30.64 -35.96
CA GLY I 98 -11.48 -31.00 -36.31
C GLY I 98 -10.64 -31.27 -35.08
N ILE I 99 -9.74 -30.35 -34.77
CA ILE I 99 -8.95 -30.36 -33.55
C ILE I 99 -9.80 -30.58 -32.29
N ALA I 100 -10.73 -29.67 -32.05
CA ALA I 100 -11.58 -29.70 -30.85
C ALA I 100 -12.33 -31.02 -30.68
N ARG I 101 -12.80 -31.61 -31.77
CA ARG I 101 -13.48 -32.89 -31.72
C ARG I 101 -12.54 -34.00 -31.26
N GLN I 102 -11.34 -34.01 -31.82
CA GLN I 102 -10.35 -35.03 -31.49
C GLN I 102 -9.87 -34.88 -30.05
N LEU I 103 -9.87 -33.64 -29.55
CA LEU I 103 -9.59 -33.35 -28.15
C LEU I 103 -10.69 -33.97 -27.28
N TYR I 104 -11.94 -33.71 -27.66
CA TYR I 104 -13.09 -34.19 -26.91
C TYR I 104 -13.21 -35.72 -26.90
N ASP I 105 -12.78 -36.36 -27.99
CA ASP I 105 -12.89 -37.81 -28.11
C ASP I 105 -11.99 -38.59 -27.14
N VAL I 106 -11.04 -37.87 -26.52
CA VAL I 106 -10.19 -38.44 -25.49
C VAL I 106 -10.63 -37.94 -24.12
N LEU I 107 -10.82 -36.63 -24.00
CA LEU I 107 -11.23 -36.02 -22.74
C LEU I 107 -12.49 -36.65 -22.14
N LEU I 108 -13.53 -36.77 -22.95
CA LEU I 108 -14.81 -37.30 -22.47
C LEU I 108 -14.75 -38.75 -21.97
N PRO I 109 -14.09 -39.66 -22.71
CA PRO I 109 -13.99 -41.04 -22.17
C PRO I 109 -13.12 -41.16 -20.92
N VAL I 110 -12.11 -40.30 -20.77
CA VAL I 110 -11.30 -40.29 -19.55
C VAL I 110 -12.12 -39.89 -18.33
N LEU I 111 -12.86 -38.79 -18.46
CA LEU I 111 -13.75 -38.33 -17.40
C LEU I 111 -14.69 -39.44 -16.93
N LYS I 112 -15.32 -40.14 -17.88
CA LYS I 112 -16.25 -41.21 -17.56
C LYS I 112 -15.59 -42.35 -16.79
N ARG I 113 -14.37 -42.72 -17.21
CA ARG I 113 -13.65 -43.79 -16.53
C ARG I 113 -13.05 -43.32 -15.19
N LEU I 114 -13.10 -42.02 -14.94
CA LEU I 114 -12.68 -41.50 -13.64
C LEU I 114 -13.85 -41.48 -12.66
N GLY I 115 -15.07 -41.58 -13.20
CA GLY I 115 -16.24 -41.70 -12.35
C GLY I 115 -17.17 -40.50 -12.32
N TYR I 116 -16.94 -39.54 -13.21
CA TYR I 116 -17.83 -38.38 -13.28
C TYR I 116 -19.13 -38.76 -13.97
N ARG I 117 -20.21 -38.06 -13.62
CA ARG I 117 -21.53 -38.36 -14.16
C ARG I 117 -21.96 -37.42 -15.28
N SER I 118 -21.55 -36.15 -15.19
CA SER I 118 -21.86 -35.19 -16.23
C SER I 118 -20.75 -34.18 -16.46
N ALA I 119 -20.65 -33.67 -17.68
CA ALA I 119 -19.65 -32.66 -18.02
C ALA I 119 -20.34 -31.38 -18.46
N TYR I 120 -19.69 -30.24 -18.24
CA TYR I 120 -20.31 -28.96 -18.57
C TYR I 120 -19.35 -28.03 -19.29
N ALA I 121 -19.77 -27.55 -20.45
CA ALA I 121 -18.99 -26.57 -21.21
C ALA I 121 -19.70 -25.23 -21.22
N GLY I 122 -18.98 -24.18 -20.82
CA GLY I 122 -19.51 -22.83 -20.90
C GLY I 122 -19.05 -22.17 -22.17
N ILE I 123 -19.98 -21.60 -22.93
CA ILE I 123 -19.65 -20.99 -24.21
C ILE I 123 -20.21 -19.58 -24.34
N ALA I 124 -19.34 -18.61 -24.57
CA ALA I 124 -19.78 -17.23 -24.80
C ALA I 124 -20.55 -17.13 -26.12
N LEU I 125 -21.76 -16.57 -26.06
CA LEU I 125 -22.60 -16.46 -27.26
C LEU I 125 -22.55 -15.05 -27.86
N PRO I 126 -22.72 -14.94 -29.18
CA PRO I 126 -22.94 -16.03 -30.14
C PRO I 126 -21.65 -16.70 -30.61
N ASN I 127 -21.73 -18.00 -30.91
CA ASN I 127 -20.61 -18.76 -31.42
C ASN I 127 -21.11 -20.05 -32.06
N GLU I 128 -21.56 -19.94 -33.31
CA GLU I 128 -22.26 -21.04 -33.98
C GLU I 128 -21.35 -22.24 -34.21
N GLY I 129 -20.06 -22.00 -34.36
CA GLY I 129 -19.10 -23.06 -34.59
C GLY I 129 -18.79 -23.85 -33.34
N SER I 130 -18.68 -23.16 -32.21
CA SER I 130 -18.44 -23.82 -30.94
C SER I 130 -19.71 -24.51 -30.44
N VAL I 131 -20.84 -23.84 -30.61
CA VAL I 131 -22.12 -24.41 -30.23
C VAL I 131 -22.43 -25.63 -31.08
N GLY I 132 -22.21 -25.49 -32.39
CA GLY I 132 -22.43 -26.56 -33.33
C GLY I 132 -21.60 -27.79 -33.01
N LEU I 133 -20.31 -27.60 -32.76
CA LEU I 133 -19.41 -28.71 -32.46
C LEU I 133 -19.86 -29.51 -31.23
N HIS I 134 -20.18 -28.81 -30.15
CA HIS I 134 -20.63 -29.44 -28.92
C HIS I 134 -21.92 -30.22 -29.14
N GLU I 135 -22.85 -29.61 -29.87
CA GLU I 135 -24.13 -30.25 -30.13
C GLU I 135 -23.99 -31.55 -30.92
N ARG I 136 -23.08 -31.56 -31.89
CA ARG I 136 -22.87 -32.78 -32.68
C ARG I 136 -21.91 -33.76 -32.01
N LEU I 137 -21.65 -33.53 -30.73
CA LEU I 137 -20.92 -34.49 -29.91
C LEU I 137 -21.84 -35.14 -28.88
N GLY I 138 -23.05 -34.58 -28.72
CA GLY I 138 -24.00 -35.10 -27.77
C GLY I 138 -24.28 -34.16 -26.61
N PHE I 139 -23.59 -33.03 -26.58
CA PHE I 139 -23.88 -32.01 -25.56
C PHE I 139 -25.30 -31.50 -25.74
N GLN I 140 -25.98 -31.26 -24.62
CA GLN I 140 -27.33 -30.70 -24.64
C GLN I 140 -27.32 -29.31 -24.04
N HIS I 141 -27.99 -28.37 -24.70
CA HIS I 141 -28.15 -27.03 -24.16
C HIS I 141 -29.07 -27.07 -22.94
N ILE I 142 -28.62 -26.51 -21.82
CA ILE I 142 -29.37 -26.56 -20.57
C ILE I 142 -29.64 -25.19 -19.94
N GLY I 143 -29.18 -24.11 -20.59
CA GLY I 143 -29.42 -22.78 -20.09
C GLY I 143 -28.43 -21.72 -20.54
N THR I 144 -28.88 -20.45 -20.54
CA THR I 144 -28.02 -19.33 -20.90
C THR I 144 -28.11 -18.22 -19.87
N PHE I 145 -26.95 -17.74 -19.40
CA PHE I 145 -26.90 -16.60 -18.49
C PHE I 145 -26.78 -15.32 -19.32
N PRO I 146 -27.90 -14.60 -19.52
CA PRO I 146 -27.87 -13.46 -20.43
C PRO I 146 -27.09 -12.27 -19.86
N GLN I 147 -26.30 -11.62 -20.72
CA GLN I 147 -25.55 -10.40 -20.36
C GLN I 147 -24.72 -10.54 -19.09
N VAL I 148 -24.24 -11.74 -18.81
CA VAL I 148 -23.60 -12.03 -17.53
C VAL I 148 -22.17 -11.49 -17.48
N GLY I 149 -21.55 -11.33 -18.64
CA GLY I 149 -20.17 -10.88 -18.71
C GLY I 149 -19.99 -9.64 -19.56
N PHE I 150 -18.99 -8.83 -19.21
CA PHE I 150 -18.67 -7.64 -19.99
C PHE I 150 -17.19 -7.65 -20.38
N LYS I 151 -16.93 -7.61 -21.68
CA LYS I 151 -15.56 -7.66 -22.18
C LYS I 151 -15.51 -7.10 -23.60
N LEU I 152 -14.43 -6.36 -23.91
CA LEU I 152 -14.25 -5.73 -25.21
C LEU I 152 -15.43 -4.84 -25.58
N ASP I 153 -15.84 -3.97 -24.65
CA ASP I 153 -16.94 -3.04 -24.86
C ASP I 153 -18.24 -3.72 -25.31
N ALA I 154 -18.51 -4.91 -24.74
CA ALA I 154 -19.74 -5.63 -25.09
C ALA I 154 -20.20 -6.55 -23.98
N TRP I 155 -21.50 -6.62 -23.76
CA TRP I 155 -22.09 -7.59 -22.85
C TRP I 155 -22.38 -8.87 -23.61
N HIS I 156 -21.91 -10.00 -23.09
CA HIS I 156 -22.06 -11.27 -23.78
C HIS I 156 -22.90 -12.23 -22.97
N ASP I 157 -23.71 -13.04 -23.65
CA ASP I 157 -24.42 -14.12 -22.97
C ASP I 157 -23.46 -15.31 -22.84
N VAL I 158 -23.74 -16.20 -21.89
CA VAL I 158 -22.97 -17.42 -21.75
C VAL I 158 -23.93 -18.59 -21.60
N GLY I 159 -23.88 -19.53 -22.53
CA GLY I 159 -24.73 -20.70 -22.44
C GLY I 159 -23.93 -21.88 -21.89
N TYR I 160 -24.62 -22.81 -21.24
CA TYR I 160 -23.94 -24.00 -20.77
C TYR I 160 -24.46 -25.24 -21.48
N TRP I 161 -23.53 -26.08 -21.92
CA TRP I 161 -23.89 -27.33 -22.57
C TRP I 161 -23.50 -28.50 -21.68
N ARG I 162 -24.34 -29.53 -21.66
CA ARG I 162 -24.13 -30.67 -20.77
C ARG I 162 -23.93 -31.98 -21.53
N PHE I 163 -22.93 -32.75 -21.11
CA PHE I 163 -22.72 -34.10 -21.63
C PHE I 163 -23.01 -35.07 -20.48
N ASP I 164 -23.99 -35.96 -20.68
CA ASP I 164 -24.38 -36.92 -19.65
C ASP I 164 -23.65 -38.24 -19.86
N PHE I 165 -23.04 -38.75 -18.80
CA PHE I 165 -22.39 -40.05 -18.86
C PHE I 165 -23.32 -41.15 -18.37
N GLY I 166 -24.43 -40.78 -17.74
CA GLY I 166 -25.37 -41.76 -17.21
C GLY I 166 -25.14 -42.03 -15.73
N ASP I 167 -25.29 -43.29 -15.33
CA ASP I 167 -25.01 -43.76 -13.97
C ASP I 167 -25.86 -43.15 -12.83
N GLU I 168 -25.91 -43.86 -11.70
CA GLU I 168 -26.67 -43.42 -10.53
C GLU I 168 -26.36 -44.24 -9.27
N GLY I 169 -25.13 -44.75 -9.16
CA GLY I 169 -24.71 -45.54 -8.02
C GLY I 169 -23.86 -44.77 -7.01
N LEU I 170 -23.24 -43.69 -7.48
CA LEU I 170 -22.51 -42.75 -6.64
C LEU I 170 -21.30 -43.34 -5.90
N HIS I 171 -20.14 -43.29 -6.56
CA HIS I 171 -18.85 -43.53 -5.92
C HIS I 171 -17.95 -42.34 -6.27
N PRO I 172 -17.21 -41.83 -5.27
CA PRO I 172 -16.42 -40.59 -5.45
C PRO I 172 -15.42 -40.68 -6.60
N GLU I 173 -15.40 -39.65 -7.45
CA GLU I 173 -14.55 -39.64 -8.64
C GLU I 173 -13.06 -39.76 -8.31
N ALA I 174 -12.33 -40.48 -9.16
CA ALA I 174 -10.89 -40.69 -8.98
C ALA I 174 -10.11 -39.67 -9.83
N PRO I 175 -8.93 -39.26 -9.36
CA PRO I 175 -8.11 -38.27 -10.08
C PRO I 175 -7.25 -38.88 -11.19
N LEU I 176 -6.95 -38.10 -12.23
CA LEU I 176 -5.99 -38.53 -13.25
C LEU I 176 -4.64 -38.65 -12.56
N GLY I 177 -3.96 -39.77 -12.77
CA GLY I 177 -2.72 -40.08 -12.07
C GLY I 177 -1.75 -38.93 -12.05
N PHE I 178 -1.70 -38.23 -10.92
CA PHE I 178 -0.93 -36.99 -10.79
C PHE I 178 0.57 -37.18 -10.95
N LEU I 179 1.30 -36.08 -11.09
CA LEU I 179 2.74 -36.12 -11.31
C LEU I 179 3.53 -36.73 -10.15
N GLY J 4 6.84 -25.83 -47.40
CA GLY J 4 8.19 -26.19 -47.00
C GLY J 4 9.18 -25.06 -47.23
N ILE J 5 9.00 -23.98 -46.46
CA ILE J 5 9.82 -22.76 -46.57
C ILE J 5 9.69 -22.06 -47.92
N ASP J 6 8.67 -21.22 -48.04
CA ASP J 6 8.47 -20.40 -49.23
C ASP J 6 8.02 -19.00 -48.83
N ILE J 7 8.49 -17.98 -49.55
CA ILE J 7 8.21 -16.59 -49.18
C ILE J 7 7.04 -16.01 -49.96
N ARG J 8 6.00 -15.60 -49.24
CA ARG J 8 4.80 -15.05 -49.87
C ARG J 8 4.59 -13.60 -49.46
N VAL J 9 3.84 -12.85 -50.27
CA VAL J 9 3.49 -11.49 -49.92
C VAL J 9 2.36 -11.52 -48.90
N ALA J 10 2.57 -10.87 -47.76
CA ALA J 10 1.59 -10.87 -46.68
C ALA J 10 0.31 -10.11 -47.04
N ARG J 11 -0.72 -10.32 -46.24
CA ARG J 11 -2.04 -9.73 -46.46
C ARG J 11 -2.73 -9.54 -45.12
N PRO J 12 -3.66 -8.58 -45.03
CA PRO J 12 -4.42 -8.37 -43.79
C PRO J 12 -5.11 -9.65 -43.28
N GLU J 13 -5.39 -10.59 -44.18
CA GLU J 13 -6.00 -11.86 -43.79
C GLU J 13 -4.99 -12.77 -43.05
N ASP J 14 -3.74 -12.34 -42.97
CA ASP J 14 -2.71 -13.10 -42.27
C ASP J 14 -2.57 -12.66 -40.81
N ALA J 15 -3.35 -11.65 -40.41
CA ALA J 15 -3.20 -11.04 -39.08
C ALA J 15 -3.36 -12.02 -37.92
N GLU J 16 -4.15 -13.07 -38.10
CA GLU J 16 -4.32 -14.06 -37.05
C GLU J 16 -3.01 -14.80 -36.78
N GLU J 17 -2.35 -15.23 -37.85
CA GLU J 17 -1.12 -16.03 -37.71
C GLU J 17 0.12 -15.17 -37.43
N ILE J 18 0.05 -13.89 -37.76
CA ILE J 18 1.14 -12.97 -37.48
C ILE J 18 1.14 -12.57 -36.01
N GLN J 19 -0.06 -12.37 -35.46
CA GLN J 19 -0.22 -12.07 -34.03
C GLN J 19 0.27 -13.20 -33.15
N ILE J 20 0.07 -14.44 -33.61
CA ILE J 20 0.53 -15.63 -32.90
C ILE J 20 2.06 -15.68 -32.77
N ILE J 21 2.75 -15.22 -33.81
CA ILE J 21 4.21 -15.13 -33.77
C ILE J 21 4.67 -13.96 -32.90
N TYR J 22 3.99 -12.83 -33.03
CA TYR J 22 4.43 -11.57 -32.42
C TYR J 22 4.14 -11.45 -30.93
N ALA J 23 3.02 -12.03 -30.49
CA ALA J 23 2.62 -11.95 -29.08
C ALA J 23 3.65 -12.43 -28.06
N PRO J 24 4.23 -13.64 -28.25
CA PRO J 24 5.17 -14.09 -27.23
C PRO J 24 6.51 -13.35 -27.30
N ILE J 25 6.74 -12.64 -28.41
CA ILE J 25 7.92 -11.80 -28.53
C ILE J 25 7.74 -10.53 -27.68
N VAL J 26 6.51 -10.00 -27.70
CA VAL J 26 6.15 -8.86 -26.86
C VAL J 26 6.05 -9.27 -25.39
N LEU J 27 5.49 -10.46 -25.15
CA LEU J 27 5.22 -10.92 -23.79
C LEU J 27 6.44 -11.46 -23.05
N ASN J 28 7.28 -12.22 -23.76
CA ASN J 28 8.33 -12.99 -23.09
C ASN J 28 9.77 -12.56 -23.40
N THR J 29 9.96 -11.75 -24.44
CA THR J 29 11.31 -11.35 -24.84
C THR J 29 11.48 -9.83 -24.87
N ALA J 30 12.71 -9.39 -25.17
CA ALA J 30 13.00 -7.99 -25.41
C ALA J 30 13.32 -7.76 -26.88
N ILE J 31 13.01 -8.74 -27.73
CA ILE J 31 13.16 -8.60 -29.17
C ILE J 31 12.37 -7.38 -29.66
N SER J 32 11.19 -7.18 -29.11
CA SER J 32 10.37 -6.00 -29.39
C SER J 32 10.22 -5.16 -28.13
N PHE J 33 10.27 -3.84 -28.28
CA PHE J 33 10.11 -2.94 -27.12
C PHE J 33 8.66 -2.51 -26.88
N GLU J 34 7.73 -3.18 -27.57
CA GLU J 34 6.33 -3.01 -27.27
C GLU J 34 6.04 -3.74 -25.96
N GLU J 35 5.14 -3.18 -25.15
CA GLU J 35 4.81 -3.81 -23.88
C GLU J 35 3.40 -4.39 -23.89
N ALA J 36 2.48 -3.69 -24.55
CA ALA J 36 1.11 -4.18 -24.71
C ALA J 36 0.98 -4.91 -26.04
N VAL J 37 0.32 -6.06 -26.04
CA VAL J 37 0.13 -6.83 -27.27
C VAL J 37 -1.05 -6.29 -28.08
N PRO J 38 -0.79 -5.95 -29.36
CA PRO J 38 -1.82 -5.40 -30.25
C PRO J 38 -2.90 -6.45 -30.54
N SER J 39 -4.16 -6.02 -30.62
CA SER J 39 -5.25 -6.93 -30.95
C SER J 39 -5.14 -7.36 -32.41
N VAL J 40 -5.97 -8.33 -32.82
CA VAL J 40 -5.92 -8.86 -34.18
C VAL J 40 -6.49 -7.86 -35.21
N GLU J 41 -7.38 -6.98 -34.76
CA GLU J 41 -7.93 -5.96 -35.65
C GLU J 41 -6.88 -4.88 -35.86
N GLN J 42 -6.06 -4.67 -34.84
CA GLN J 42 -4.97 -3.71 -34.89
C GLN J 42 -3.86 -4.19 -35.82
N MET J 43 -3.58 -5.49 -35.80
CA MET J 43 -2.55 -6.04 -36.66
C MET J 43 -2.98 -5.91 -38.12
N ARG J 44 -4.28 -6.07 -38.37
CA ARG J 44 -4.84 -5.88 -39.71
C ARG J 44 -4.60 -4.47 -40.21
N GLU J 45 -4.77 -3.48 -39.33
CA GLU J 45 -4.57 -2.09 -39.72
C GLU J 45 -3.09 -1.79 -39.96
N ARG J 46 -2.21 -2.48 -39.24
CA ARG J 46 -0.77 -2.33 -39.44
C ARG J 46 -0.33 -2.87 -40.79
N ILE J 47 -0.70 -4.11 -41.09
CA ILE J 47 -0.33 -4.78 -42.33
C ILE J 47 -0.90 -4.05 -43.54
N SER J 48 -2.16 -3.64 -43.44
CA SER J 48 -2.81 -2.85 -44.49
C SER J 48 -2.04 -1.55 -44.73
N THR J 49 -1.77 -0.81 -43.66
CA THR J 49 -1.10 0.48 -43.74
C THR J 49 0.33 0.38 -44.30
N THR J 50 1.04 -0.69 -43.92
CA THR J 50 2.39 -0.92 -44.41
C THR J 50 2.40 -1.26 -45.91
N LEU J 51 1.43 -2.06 -46.34
CA LEU J 51 1.35 -2.49 -47.72
C LEU J 51 0.96 -1.36 -48.69
N GLN J 52 0.57 -0.21 -48.16
CA GLN J 52 0.20 0.93 -49.00
C GLN J 52 1.42 1.69 -49.53
N THR J 53 2.61 1.27 -49.10
CA THR J 53 3.86 1.89 -49.53
C THR J 53 5.06 0.96 -49.40
N TYR J 54 4.97 -0.01 -48.48
CA TYR J 54 6.12 -0.89 -48.20
C TYR J 54 5.80 -2.36 -48.42
N PRO J 55 6.83 -3.18 -48.65
CA PRO J 55 6.59 -4.62 -48.78
C PRO J 55 6.41 -5.30 -47.44
N TYR J 56 5.55 -6.33 -47.41
CA TYR J 56 5.29 -7.09 -46.21
C TYR J 56 5.25 -8.56 -46.64
N LEU J 57 6.19 -9.35 -46.14
CA LEU J 57 6.31 -10.75 -46.56
C LEU J 57 6.06 -11.69 -45.39
N VAL J 58 5.60 -12.90 -45.71
CA VAL J 58 5.49 -13.97 -44.72
C VAL J 58 6.22 -15.21 -45.23
N ALA J 59 6.65 -16.07 -44.30
CA ALA J 59 7.29 -17.33 -44.67
C ALA J 59 6.36 -18.49 -44.32
N VAL J 60 6.09 -19.35 -45.29
CA VAL J 60 5.13 -20.44 -45.10
C VAL J 60 5.78 -21.82 -45.15
N ARG J 61 5.34 -22.69 -44.25
CA ARG J 61 5.83 -24.06 -44.19
C ARG J 61 4.65 -24.97 -43.89
N GLU J 62 4.35 -25.87 -44.82
CA GLU J 62 3.21 -26.77 -44.71
C GLU J 62 1.90 -26.02 -44.50
N GLY J 63 1.72 -24.91 -45.21
CA GLY J 63 0.46 -24.18 -45.21
C GLY J 63 0.27 -23.13 -44.13
N ARG J 64 1.14 -23.15 -43.11
CA ARG J 64 1.05 -22.16 -42.03
C ARG J 64 2.17 -21.13 -42.10
N VAL J 65 1.98 -19.98 -41.47
CA VAL J 65 2.98 -18.91 -41.46
C VAL J 65 3.93 -19.06 -40.27
N VAL J 66 5.22 -19.16 -40.56
CA VAL J 66 6.21 -19.44 -39.53
C VAL J 66 7.16 -18.27 -39.31
N GLY J 67 6.94 -17.20 -40.08
CA GLY J 67 7.76 -16.00 -39.98
C GLY J 67 7.24 -14.89 -40.87
N TYR J 68 7.58 -13.65 -40.54
CA TYR J 68 7.18 -12.51 -41.36
C TYR J 68 8.20 -11.38 -41.33
N ALA J 69 8.06 -10.49 -42.30
CA ALA J 69 8.99 -9.37 -42.42
C ALA J 69 8.27 -8.20 -43.07
N TYR J 70 8.67 -6.99 -42.70
CA TYR J 70 8.11 -5.80 -43.34
C TYR J 70 9.12 -4.67 -43.36
N ALA J 71 8.84 -3.67 -44.17
CA ALA J 71 9.65 -2.46 -44.20
C ALA J 71 8.81 -1.31 -43.66
N SER J 72 9.48 -0.27 -43.18
CA SER J 72 8.80 0.88 -42.62
C SER J 72 9.69 2.10 -42.75
N GLN J 73 9.11 3.27 -42.58
CA GLN J 73 9.84 4.52 -42.63
C GLN J 73 10.95 4.51 -41.59
N HIS J 74 12.18 4.77 -42.03
CA HIS J 74 13.31 4.89 -41.11
C HIS J 74 13.09 6.09 -40.19
N ARG J 75 12.81 7.24 -40.80
CA ARG J 75 12.48 8.46 -40.06
C ARG J 75 11.52 9.37 -40.84
N ALA J 76 10.97 10.37 -40.18
CA ALA J 76 9.90 11.18 -40.76
C ALA J 76 10.35 12.22 -41.80
N ARG J 77 11.39 12.97 -41.48
CA ARG J 77 11.89 14.03 -42.38
C ARG J 77 12.14 13.56 -43.82
N ALA J 78 11.93 14.46 -44.78
CA ALA J 78 11.91 14.10 -46.19
C ALA J 78 13.24 13.63 -46.78
N ALA J 79 14.35 14.07 -46.20
CA ALA J 79 15.66 13.70 -46.71
C ALA J 79 16.05 12.26 -46.34
N TYR J 80 15.17 11.59 -45.60
CA TYR J 80 15.38 10.19 -45.22
C TYR J 80 14.66 9.22 -46.15
N ARG J 81 13.97 9.74 -47.15
CA ARG J 81 13.06 8.92 -47.95
C ARG J 81 13.71 7.70 -48.63
N TRP J 82 15.03 7.74 -48.79
CA TRP J 82 15.74 6.64 -49.43
C TRP J 82 16.24 5.60 -48.44
N ALA J 83 16.19 5.95 -47.16
CA ALA J 83 16.52 5.00 -46.09
C ALA J 83 15.24 4.28 -45.66
N VAL J 84 15.38 3.05 -45.21
CA VAL J 84 14.21 2.26 -44.81
C VAL J 84 14.53 1.33 -43.64
N ASP J 85 13.57 1.14 -42.74
CA ASP J 85 13.75 0.18 -41.64
C ASP J 85 13.31 -1.20 -42.09
N VAL J 86 14.00 -2.24 -41.63
CA VAL J 86 13.55 -3.61 -41.85
C VAL J 86 13.34 -4.34 -40.52
N THR J 87 12.43 -5.30 -40.52
CA THR J 87 12.09 -6.05 -39.31
C THR J 87 11.75 -7.50 -39.66
N VAL J 88 12.36 -8.44 -38.94
CA VAL J 88 12.09 -9.85 -39.18
C VAL J 88 11.74 -10.58 -37.88
N TYR J 89 10.66 -11.35 -37.92
CA TYR J 89 10.26 -12.21 -36.81
C TYR J 89 9.99 -13.61 -37.35
N VAL J 90 10.47 -14.64 -36.65
CA VAL J 90 10.16 -16.02 -37.00
C VAL J 90 9.46 -16.67 -35.81
N ALA J 91 8.66 -17.69 -36.06
CA ALA J 91 7.85 -18.31 -35.01
C ALA J 91 8.67 -18.98 -33.92
N GLU J 92 8.28 -18.74 -32.68
CA GLU J 92 8.95 -19.34 -31.52
C GLU J 92 8.90 -20.87 -31.59
N GLY J 93 10.06 -21.48 -31.81
CA GLY J 93 10.13 -22.93 -31.96
C GLY J 93 10.49 -23.30 -33.38
N GLN J 94 10.56 -22.28 -34.24
CA GLN J 94 10.95 -22.49 -35.64
C GLN J 94 12.20 -21.70 -35.98
N ARG J 95 12.89 -21.19 -34.95
CA ARG J 95 14.15 -20.47 -35.13
C ARG J 95 15.25 -21.40 -35.70
N ARG J 96 16.52 -21.00 -35.54
CA ARG J 96 17.60 -21.58 -36.32
C ARG J 96 17.19 -21.40 -37.77
N SER J 97 17.14 -20.14 -38.18
CA SER J 97 16.51 -19.74 -39.43
C SER J 97 17.49 -18.97 -40.33
N GLY J 98 17.50 -19.32 -41.63
CA GLY J 98 16.56 -20.26 -42.21
C GLY J 98 15.38 -19.49 -42.81
N ILE J 99 14.31 -19.42 -42.03
CA ILE J 99 13.18 -18.56 -42.34
C ILE J 99 13.65 -17.11 -42.46
N ALA J 100 14.44 -16.66 -41.48
CA ALA J 100 14.91 -15.29 -41.45
C ALA J 100 15.83 -14.93 -42.63
N ARG J 101 16.72 -15.86 -43.01
CA ARG J 101 17.60 -15.64 -44.15
C ARG J 101 16.83 -15.61 -45.46
N GLN J 102 15.86 -16.52 -45.61
CA GLN J 102 15.06 -16.60 -46.82
C GLN J 102 14.10 -15.41 -46.92
N LEU J 103 13.68 -14.89 -45.77
CA LEU J 103 12.81 -13.73 -45.71
C LEU J 103 13.56 -12.49 -46.19
N TYR J 104 14.83 -12.41 -45.79
CA TYR J 104 15.72 -11.32 -46.21
C TYR J 104 16.19 -11.47 -47.66
N ASP J 105 16.29 -12.71 -48.14
CA ASP J 105 16.70 -12.97 -49.53
C ASP J 105 15.67 -12.47 -50.55
N VAL J 106 14.46 -12.18 -50.08
CA VAL J 106 13.40 -11.61 -50.94
C VAL J 106 13.18 -10.13 -50.63
N LEU J 107 13.09 -9.80 -49.34
CA LEU J 107 12.81 -8.44 -48.89
C LEU J 107 13.85 -7.44 -49.39
N LEU J 108 15.12 -7.79 -49.24
CA LEU J 108 16.20 -6.87 -49.63
C LEU J 108 16.26 -6.57 -51.15
N PRO J 109 16.18 -7.60 -52.01
CA PRO J 109 16.18 -7.30 -53.45
C PRO J 109 14.97 -6.50 -53.89
N VAL J 110 13.82 -6.68 -53.24
CA VAL J 110 12.65 -5.86 -53.55
C VAL J 110 12.87 -4.40 -53.18
N LEU J 111 13.36 -4.18 -51.96
CA LEU J 111 13.71 -2.85 -51.49
C LEU J 111 14.65 -2.12 -52.45
N LYS J 112 15.59 -2.86 -53.04
CA LYS J 112 16.54 -2.28 -53.97
C LYS J 112 15.88 -1.86 -55.27
N ARG J 113 15.10 -2.75 -55.86
CA ARG J 113 14.37 -2.42 -57.07
C ARG J 113 13.37 -1.29 -56.83
N LEU J 114 12.89 -1.16 -55.60
CA LEU J 114 11.96 -0.09 -55.25
C LEU J 114 12.65 1.27 -55.25
N GLY J 115 13.98 1.28 -55.15
CA GLY J 115 14.73 2.52 -55.24
C GLY J 115 15.35 3.00 -53.94
N TYR J 116 15.26 2.19 -52.89
CA TYR J 116 15.88 2.57 -51.62
C TYR J 116 17.39 2.41 -51.68
N ARG J 117 18.11 3.12 -50.81
CA ARG J 117 19.57 3.09 -50.85
C ARG J 117 20.18 2.36 -49.66
N SER J 118 19.43 2.28 -48.57
CA SER J 118 19.92 1.56 -47.39
C SER J 118 18.79 0.99 -46.55
N ALA J 119 19.07 -0.13 -45.88
CA ALA J 119 18.10 -0.73 -44.97
C ALA J 119 18.69 -0.78 -43.56
N TYR J 120 17.82 -0.66 -42.56
CA TYR J 120 18.29 -0.62 -41.19
C TYR J 120 17.55 -1.61 -40.29
N ALA J 121 18.30 -2.52 -39.69
CA ALA J 121 17.75 -3.42 -38.69
C ALA J 121 18.15 -2.95 -37.30
N GLY J 122 17.16 -2.67 -36.47
CA GLY J 122 17.41 -2.38 -35.08
C GLY J 122 17.36 -3.69 -34.34
N ILE J 123 18.41 -4.00 -33.58
CA ILE J 123 18.49 -5.26 -32.86
C ILE J 123 18.74 -5.05 -31.37
N ALA J 124 17.86 -5.57 -30.52
CA ALA J 124 18.07 -5.49 -29.08
C ALA J 124 19.22 -6.41 -28.67
N LEU J 125 20.07 -5.92 -27.79
CA LEU J 125 21.24 -6.67 -27.37
C LEU J 125 21.09 -7.17 -25.94
N PRO J 126 21.68 -8.33 -25.62
CA PRO J 126 22.45 -9.16 -26.56
C PRO J 126 21.59 -10.12 -27.39
N ASN J 127 22.06 -10.43 -28.58
CA ASN J 127 21.42 -11.41 -29.47
C ASN J 127 22.39 -11.86 -30.56
N GLU J 128 23.38 -12.65 -30.17
CA GLU J 128 24.43 -13.11 -31.09
C GLU J 128 23.85 -13.84 -32.31
N GLY J 129 22.73 -14.52 -32.11
CA GLY J 129 22.05 -15.22 -33.19
C GLY J 129 21.55 -14.28 -34.27
N SER J 130 20.83 -13.24 -33.88
CA SER J 130 20.30 -12.27 -34.82
C SER J 130 21.43 -11.41 -35.42
N VAL J 131 22.43 -11.07 -34.60
CA VAL J 131 23.58 -10.29 -35.03
C VAL J 131 24.41 -11.02 -36.10
N GLY J 132 24.58 -12.32 -35.91
CA GLY J 132 25.30 -13.14 -36.88
C GLY J 132 24.54 -13.27 -38.19
N LEU J 133 23.22 -13.40 -38.08
CA LEU J 133 22.36 -13.49 -39.26
C LEU J 133 22.52 -12.27 -40.16
N HIS J 134 22.38 -11.08 -39.58
CA HIS J 134 22.50 -9.86 -40.37
C HIS J 134 23.92 -9.67 -40.91
N GLU J 135 24.90 -10.18 -40.19
CA GLU J 135 26.29 -9.99 -40.59
C GLU J 135 26.73 -10.91 -41.74
N ARG J 136 26.12 -12.08 -41.86
CA ARG J 136 26.43 -12.94 -43.00
C ARG J 136 25.72 -12.42 -44.24
N LEU J 137 24.61 -11.72 -44.02
CA LEU J 137 23.84 -11.14 -45.11
C LEU J 137 24.49 -9.88 -45.66
N GLY J 138 25.45 -9.33 -44.94
CA GLY J 138 26.14 -8.13 -45.40
C GLY J 138 25.81 -6.85 -44.66
N PHE J 139 24.98 -6.92 -43.62
CA PHE J 139 24.72 -5.76 -42.78
C PHE J 139 25.98 -5.37 -42.01
N GLN J 140 26.28 -4.08 -41.97
CA GLN J 140 27.44 -3.59 -41.22
C GLN J 140 26.97 -2.90 -39.95
N HIS J 141 27.62 -3.22 -38.84
CA HIS J 141 27.32 -2.55 -37.56
C HIS J 141 27.69 -1.07 -37.65
N ILE J 142 26.73 -0.19 -37.41
CA ILE J 142 26.98 1.24 -37.54
C ILE J 142 26.99 1.99 -36.21
N GLY J 143 26.64 1.29 -35.13
CA GLY J 143 26.63 1.92 -33.82
C GLY J 143 25.58 1.31 -32.89
N THR J 144 25.73 1.55 -31.59
CA THR J 144 24.82 1.00 -30.60
C THR J 144 24.23 2.09 -29.71
N PHE J 145 22.94 1.97 -29.41
CA PHE J 145 22.30 2.84 -28.42
C PHE J 145 22.29 2.11 -27.07
N PRO J 146 23.25 2.47 -26.19
CA PRO J 146 23.42 1.76 -24.92
C PRO J 146 22.32 2.09 -23.91
N GLN J 147 21.75 1.04 -23.30
CA GLN J 147 20.75 1.18 -22.24
C GLN J 147 19.59 2.09 -22.64
N VAL J 148 19.27 2.10 -23.93
CA VAL J 148 18.24 2.98 -24.46
C VAL J 148 16.84 2.56 -24.02
N GLY J 149 16.65 1.27 -23.75
CA GLY J 149 15.34 0.77 -23.41
C GLY J 149 15.25 0.00 -22.11
N PHE J 150 14.06 -0.07 -21.53
CA PHE J 150 13.82 -0.86 -20.33
C PHE J 150 12.54 -1.68 -20.45
N LYS J 151 12.70 -2.99 -20.44
CA LYS J 151 11.57 -3.91 -20.49
C LYS J 151 11.95 -5.20 -19.79
N LEU J 152 10.97 -5.84 -19.15
CA LEU J 152 11.18 -7.09 -18.42
C LEU J 152 12.31 -6.98 -17.38
N ASP J 153 12.25 -5.90 -16.60
CA ASP J 153 13.15 -5.71 -15.46
C ASP J 153 14.65 -5.74 -15.81
N ALA J 154 15.02 -5.09 -16.92
CA ALA J 154 16.42 -4.96 -17.31
C ALA J 154 16.60 -3.84 -18.34
N TRP J 155 17.77 -3.21 -18.35
CA TRP J 155 18.09 -2.25 -19.39
C TRP J 155 18.75 -2.96 -20.56
N HIS J 156 18.32 -2.65 -21.77
CA HIS J 156 18.83 -3.33 -22.95
C HIS J 156 19.49 -2.34 -23.90
N ASP J 157 20.59 -2.76 -24.52
CA ASP J 157 21.19 -1.98 -25.59
C ASP J 157 20.46 -2.28 -26.90
N VAL J 158 20.47 -1.34 -27.82
CA VAL J 158 19.94 -1.58 -29.15
C VAL J 158 20.96 -1.09 -30.19
N GLY J 159 21.51 -2.02 -30.96
CA GLY J 159 22.47 -1.68 -31.99
C GLY J 159 21.80 -1.63 -33.34
N TYR J 160 22.41 -0.94 -34.30
CA TYR J 160 21.83 -0.85 -35.62
C TYR J 160 22.75 -1.41 -36.70
N TRP J 161 22.16 -2.15 -37.62
CA TRP J 161 22.90 -2.74 -38.72
C TRP J 161 22.41 -2.18 -40.04
N ARG J 162 23.36 -1.83 -40.91
CA ARG J 162 23.05 -1.18 -42.19
C ARG J 162 23.41 -2.07 -43.38
N PHE J 163 22.48 -2.19 -44.32
CA PHE J 163 22.77 -2.86 -45.58
C PHE J 163 22.69 -1.85 -46.72
N ASP J 164 23.85 -1.55 -47.31
CA ASP J 164 23.92 -0.55 -48.37
C ASP J 164 23.57 -1.17 -49.72
N PHE J 165 22.77 -0.47 -50.51
CA PHE J 165 22.41 -0.92 -51.85
C PHE J 165 23.27 -0.23 -52.90
N GLY J 166 23.90 0.88 -52.52
CA GLY J 166 24.71 1.65 -53.45
C GLY J 166 24.01 2.91 -53.94
N ASP J 167 24.40 3.40 -55.11
CA ASP J 167 23.79 4.56 -55.78
C ASP J 167 24.03 5.93 -55.10
N GLU J 168 24.03 6.98 -55.93
CA GLU J 168 24.26 8.36 -55.46
C GLU J 168 23.68 9.41 -56.41
N GLY J 169 22.58 9.07 -57.09
CA GLY J 169 21.94 9.96 -58.05
C GLY J 169 20.56 10.44 -57.65
N LEU J 170 19.99 9.82 -56.61
CA LEU J 170 18.75 10.27 -55.99
C LEU J 170 17.52 10.36 -56.89
N HIS J 171 16.82 9.24 -57.05
CA HIS J 171 15.49 9.22 -57.65
C HIS J 171 14.51 8.64 -56.63
N PRO J 172 13.41 9.37 -56.37
CA PRO J 172 12.40 9.10 -55.33
C PRO J 172 11.93 7.64 -55.28
N GLU J 173 12.08 7.01 -54.12
CA GLU J 173 11.72 5.61 -53.94
C GLU J 173 10.27 5.30 -54.31
N ALA J 174 10.08 4.28 -55.16
CA ALA J 174 8.74 3.88 -55.59
C ALA J 174 8.09 2.92 -54.60
N PRO J 175 6.76 3.01 -54.44
CA PRO J 175 6.03 2.15 -53.50
C PRO J 175 5.71 0.76 -54.05
N LEU J 176 5.62 -0.24 -53.17
CA LEU J 176 5.15 -1.56 -53.55
C LEU J 176 3.70 -1.40 -53.99
N GLY J 177 3.31 -2.05 -55.09
CA GLY J 177 2.00 -1.87 -55.70
C GLY J 177 0.85 -1.82 -54.72
N PHE J 178 0.32 -0.62 -54.49
CA PHE J 178 -0.67 -0.39 -53.44
C PHE J 178 -2.01 -1.06 -53.71
N LEU J 179 -2.51 -1.79 -52.70
CA LEU J 179 -3.77 -2.52 -52.81
C LEU J 179 -4.95 -1.60 -53.08
N GLY K 4 49.51 5.55 -28.21
CA GLY K 4 49.95 5.50 -26.83
C GLY K 4 50.93 6.61 -26.50
N ILE K 5 50.43 7.85 -26.54
CA ILE K 5 51.25 9.05 -26.35
C ILE K 5 52.31 9.23 -27.43
N ASP K 6 51.89 9.74 -28.59
CA ASP K 6 52.81 10.08 -29.67
C ASP K 6 52.76 11.59 -29.95
N ILE K 7 53.92 12.22 -30.05
CA ILE K 7 53.98 13.68 -30.23
C ILE K 7 54.18 14.09 -31.69
N ARG K 8 53.20 14.82 -32.24
CA ARG K 8 53.27 15.33 -33.61
C ARG K 8 53.28 16.86 -33.61
N VAL K 9 53.71 17.44 -34.73
CA VAL K 9 53.55 18.87 -34.94
C VAL K 9 52.09 19.16 -35.32
N ALA K 10 51.51 20.16 -34.69
CA ALA K 10 50.12 20.52 -34.95
C ALA K 10 49.87 20.96 -36.40
N ARG K 11 48.61 20.84 -36.82
CA ARG K 11 48.18 21.33 -38.13
C ARG K 11 46.82 21.98 -37.94
N PRO K 12 46.51 23.01 -38.76
CA PRO K 12 45.23 23.71 -38.65
C PRO K 12 44.02 22.78 -38.70
N GLU K 13 44.21 21.57 -39.22
CA GLU K 13 43.15 20.57 -39.23
C GLU K 13 42.98 19.84 -37.88
N ASP K 14 43.73 20.28 -36.87
CA ASP K 14 43.57 19.76 -35.52
C ASP K 14 42.69 20.71 -34.71
N ALA K 15 42.25 21.79 -35.34
CA ALA K 15 41.50 22.86 -34.68
C ALA K 15 40.33 22.35 -33.83
N GLU K 16 39.55 21.44 -34.38
CA GLU K 16 38.43 20.85 -33.63
C GLU K 16 38.91 20.18 -32.35
N GLU K 17 39.82 19.21 -32.49
CA GLU K 17 40.29 18.46 -31.34
C GLU K 17 40.99 19.32 -30.27
N ILE K 18 41.65 20.40 -30.70
CA ILE K 18 42.30 21.33 -29.78
C ILE K 18 41.28 22.17 -29.00
N GLN K 19 40.26 22.65 -29.71
CA GLN K 19 39.22 23.50 -29.14
C GLN K 19 38.38 22.77 -28.07
N ILE K 20 38.36 21.44 -28.14
CA ILE K 20 37.63 20.62 -27.17
C ILE K 20 38.38 20.65 -25.83
N ILE K 21 39.70 20.65 -25.90
CA ILE K 21 40.54 20.67 -24.72
C ILE K 21 40.58 22.05 -24.07
N TYR K 22 40.55 23.10 -24.90
CA TYR K 22 40.73 24.46 -24.41
C TYR K 22 39.45 25.13 -23.91
N ALA K 23 38.32 24.88 -24.56
CA ALA K 23 37.06 25.55 -24.22
C ALA K 23 36.62 25.43 -22.75
N PRO K 24 36.62 24.20 -22.20
CA PRO K 24 36.26 24.09 -20.78
C PRO K 24 37.28 24.76 -19.86
N ILE K 25 38.53 24.82 -20.29
CA ILE K 25 39.56 25.52 -19.53
C ILE K 25 39.23 27.01 -19.44
N VAL K 26 38.78 27.59 -20.55
CA VAL K 26 38.33 28.99 -20.56
C VAL K 26 37.08 29.19 -19.70
N LEU K 27 36.13 28.26 -19.79
CA LEU K 27 34.83 28.44 -19.15
C LEU K 27 34.76 28.07 -17.67
N ASN K 28 35.36 26.95 -17.29
CA ASN K 28 35.15 26.40 -15.95
C ASN K 28 36.37 26.54 -15.04
N THR K 29 37.51 26.89 -15.62
CA THR K 29 38.74 26.98 -14.86
C THR K 29 39.34 28.38 -14.91
N ALA K 30 40.45 28.55 -14.19
CA ALA K 30 41.24 29.77 -14.26
C ALA K 30 42.66 29.44 -14.75
N ILE K 31 42.81 28.27 -15.37
CA ILE K 31 44.07 27.89 -15.99
C ILE K 31 44.43 28.92 -17.07
N SER K 32 43.40 29.34 -17.81
CA SER K 32 43.55 30.43 -18.77
C SER K 32 42.78 31.65 -18.25
N PHE K 33 43.22 32.84 -18.63
CA PHE K 33 42.52 34.05 -18.21
C PHE K 33 41.62 34.63 -19.30
N GLU K 34 41.55 33.94 -20.43
CA GLU K 34 40.59 34.28 -21.48
C GLU K 34 39.18 34.05 -20.96
N GLU K 35 38.24 34.92 -21.31
CA GLU K 35 36.88 34.76 -20.83
C GLU K 35 35.91 34.32 -21.93
N ALA K 36 36.24 34.64 -23.18
CA ALA K 36 35.42 34.20 -24.30
C ALA K 36 36.03 32.99 -25.00
N VAL K 37 35.20 31.98 -25.26
CA VAL K 37 35.64 30.78 -25.98
C VAL K 37 35.87 31.07 -27.46
N PRO K 38 37.11 30.86 -27.92
CA PRO K 38 37.36 30.99 -29.36
C PRO K 38 36.68 29.85 -30.12
N SER K 39 36.15 30.16 -31.30
CA SER K 39 35.51 29.14 -32.13
C SER K 39 36.56 28.24 -32.77
N VAL K 40 36.12 27.19 -33.44
CA VAL K 40 37.04 26.29 -34.13
C VAL K 40 37.73 27.00 -35.29
N GLU K 41 37.03 27.94 -35.92
CA GLU K 41 37.61 28.73 -37.00
C GLU K 41 38.70 29.65 -36.47
N GLN K 42 38.47 30.22 -35.29
CA GLN K 42 39.46 31.10 -34.66
C GLN K 42 40.74 30.36 -34.28
N MET K 43 40.57 29.25 -33.56
CA MET K 43 41.69 28.37 -33.20
C MET K 43 42.53 28.01 -34.41
N ARG K 44 41.86 27.71 -35.53
CA ARG K 44 42.53 27.36 -36.77
C ARG K 44 43.46 28.48 -37.22
N GLU K 45 43.01 29.73 -37.08
CA GLU K 45 43.84 30.88 -37.43
C GLU K 45 44.99 31.08 -36.44
N ARG K 46 44.75 30.73 -35.17
CA ARG K 46 45.79 30.82 -34.14
C ARG K 46 46.95 29.86 -34.43
N ILE K 47 46.61 28.59 -34.59
CA ILE K 47 47.58 27.55 -34.94
C ILE K 47 48.44 27.92 -36.13
N SER K 48 47.80 28.45 -37.18
CA SER K 48 48.52 28.86 -38.38
C SER K 48 49.44 30.05 -38.06
N THR K 49 48.94 30.98 -37.26
CA THR K 49 49.71 32.16 -36.87
C THR K 49 50.94 31.80 -36.04
N THR K 50 50.76 30.89 -35.09
CA THR K 50 51.84 30.44 -34.23
C THR K 50 52.92 29.69 -35.00
N LEU K 51 52.49 28.86 -35.94
CA LEU K 51 53.42 28.05 -36.74
C LEU K 51 54.35 28.88 -37.63
N GLN K 52 54.00 30.14 -37.86
CA GLN K 52 54.82 31.03 -38.69
C GLN K 52 56.21 31.27 -38.10
N THR K 53 56.32 31.15 -36.78
CA THR K 53 57.59 31.41 -36.12
C THR K 53 57.87 30.53 -34.89
N TYR K 54 56.81 30.01 -34.27
CA TYR K 54 56.95 29.22 -33.06
C TYR K 54 56.48 27.78 -33.24
N PRO K 55 57.03 26.84 -32.43
CA PRO K 55 56.53 25.47 -32.54
C PRO K 55 55.14 25.32 -31.91
N TYR K 56 54.42 24.31 -32.37
CA TYR K 56 53.07 24.02 -31.89
C TYR K 56 52.91 22.51 -32.04
N LEU K 57 52.81 21.82 -30.90
CA LEU K 57 52.78 20.36 -30.92
C LEU K 57 51.46 19.83 -30.40
N VAL K 58 51.09 18.62 -30.81
CA VAL K 58 49.93 17.94 -30.27
C VAL K 58 50.30 16.55 -29.77
N ALA K 59 49.53 16.04 -28.80
CA ALA K 59 49.69 14.67 -28.35
C ALA K 59 48.53 13.83 -28.88
N VAL K 60 48.85 12.69 -29.50
CA VAL K 60 47.80 11.81 -30.02
C VAL K 60 47.80 10.44 -29.35
N ARG K 61 46.62 10.00 -28.93
CA ARG K 61 46.44 8.65 -28.41
C ARG K 61 45.22 8.01 -29.09
N GLU K 62 45.45 6.86 -29.72
CA GLU K 62 44.41 6.13 -30.46
C GLU K 62 43.79 6.97 -31.59
N GLY K 63 44.52 7.96 -32.06
CA GLY K 63 44.07 8.76 -33.19
C GLY K 63 43.57 10.14 -32.81
N ARG K 64 43.30 10.36 -31.52
CA ARG K 64 42.73 11.63 -31.07
C ARG K 64 43.76 12.54 -30.40
N VAL K 65 43.61 13.86 -30.59
CA VAL K 65 44.43 14.84 -29.87
C VAL K 65 43.98 14.95 -28.41
N VAL K 66 44.90 14.65 -27.50
CA VAL K 66 44.59 14.60 -26.07
C VAL K 66 45.37 15.66 -25.30
N GLY K 67 46.24 16.37 -26.00
CA GLY K 67 47.01 17.44 -25.41
C GLY K 67 47.75 18.25 -26.46
N TYR K 68 48.03 19.51 -26.16
CA TYR K 68 48.81 20.33 -27.07
C TYR K 68 49.71 21.33 -26.34
N ALA K 69 50.69 21.86 -27.07
CA ALA K 69 51.66 22.77 -26.47
C ALA K 69 52.18 23.69 -27.55
N TYR K 70 52.34 24.97 -27.20
CA TYR K 70 52.90 25.92 -28.14
C TYR K 70 53.76 26.96 -27.43
N ALA K 71 54.61 27.62 -28.19
CA ALA K 71 55.42 28.72 -27.67
C ALA K 71 54.92 30.03 -28.27
N SER K 72 55.30 31.14 -27.66
CA SER K 72 54.87 32.46 -28.14
C SER K 72 55.85 33.55 -27.71
N GLN K 73 55.69 34.72 -28.31
CA GLN K 73 56.51 35.88 -27.97
C GLN K 73 56.33 36.22 -26.48
N HIS K 74 57.45 36.47 -25.79
CA HIS K 74 57.38 36.83 -24.38
C HIS K 74 56.94 38.28 -24.24
N ARG K 75 57.68 39.19 -24.86
CA ARG K 75 57.30 40.59 -24.93
C ARG K 75 57.61 41.18 -26.30
N ALA K 76 57.05 42.34 -26.59
CA ALA K 76 57.10 42.91 -27.94
C ALA K 76 58.49 43.43 -28.34
N ARG K 77 59.12 44.18 -27.44
CA ARG K 77 60.43 44.77 -27.71
C ARG K 77 61.48 43.75 -28.15
N ALA K 78 62.33 44.15 -29.07
CA ALA K 78 63.33 43.27 -29.67
C ALA K 78 64.43 42.84 -28.68
N ALA K 79 64.54 43.56 -27.57
CA ALA K 79 65.50 43.18 -26.54
C ALA K 79 65.04 41.93 -25.81
N TYR K 80 63.75 41.60 -25.93
CA TYR K 80 63.21 40.37 -25.36
C TYR K 80 63.23 39.20 -26.34
N ARG K 81 63.92 39.36 -27.47
CA ARG K 81 63.82 38.38 -28.55
C ARG K 81 64.45 37.00 -28.24
N TRP K 82 65.15 36.89 -27.11
CA TRP K 82 65.69 35.59 -26.70
C TRP K 82 64.89 34.95 -25.57
N ALA K 83 63.82 35.62 -25.14
CA ALA K 83 62.90 35.04 -24.16
C ALA K 83 61.70 34.49 -24.91
N VAL K 84 61.13 33.40 -24.40
CA VAL K 84 59.99 32.76 -25.05
C VAL K 84 59.01 32.20 -24.02
N ASP K 85 57.73 32.44 -24.24
CA ASP K 85 56.68 31.90 -23.36
C ASP K 85 56.24 30.51 -23.82
N VAL K 86 55.98 29.62 -22.88
CA VAL K 86 55.50 28.28 -23.21
C VAL K 86 54.18 27.98 -22.51
N THR K 87 53.35 27.18 -23.18
CA THR K 87 52.03 26.84 -22.67
C THR K 87 51.71 25.39 -23.01
N VAL K 88 51.27 24.62 -22.02
CA VAL K 88 50.88 23.23 -22.24
C VAL K 88 49.50 22.96 -21.67
N TYR K 89 48.64 22.35 -22.48
CA TYR K 89 47.31 21.93 -22.05
C TYR K 89 47.08 20.46 -22.39
N VAL K 90 46.62 19.67 -21.43
CA VAL K 90 46.19 18.30 -21.71
C VAL K 90 44.69 18.17 -21.44
N ALA K 91 44.01 17.30 -22.18
CA ALA K 91 42.57 17.16 -22.06
C ALA K 91 42.16 16.68 -20.69
N GLU K 92 41.07 17.23 -20.17
CA GLU K 92 40.50 16.75 -18.91
C GLU K 92 39.98 15.33 -19.12
N GLY K 93 40.31 14.44 -18.20
CA GLY K 93 40.00 13.03 -18.36
C GLY K 93 41.21 12.29 -18.87
N GLN K 94 42.23 13.05 -19.26
CA GLN K 94 43.45 12.45 -19.75
C GLN K 94 44.67 13.02 -19.01
N ARG K 95 44.40 13.73 -17.92
CA ARG K 95 45.48 14.27 -17.07
C ARG K 95 46.27 13.14 -16.40
N ARG K 96 46.88 13.41 -15.26
CA ARG K 96 47.87 12.52 -14.69
C ARG K 96 48.93 12.28 -15.76
N SER K 97 49.73 13.31 -15.99
CA SER K 97 50.55 13.43 -17.19
C SER K 97 51.99 13.85 -16.87
N GLY K 98 52.97 13.23 -17.53
CA GLY K 98 52.71 12.25 -18.58
C GLY K 98 52.71 12.94 -19.92
N ILE K 99 51.50 13.24 -20.41
CA ILE K 99 51.30 13.99 -21.64
C ILE K 99 51.99 15.36 -21.59
N ALA K 100 51.73 16.11 -20.52
CA ALA K 100 52.34 17.43 -20.37
C ALA K 100 53.86 17.36 -20.29
N ARG K 101 54.36 16.35 -19.57
CA ARG K 101 55.80 16.16 -19.44
C ARG K 101 56.42 15.75 -20.77
N GLN K 102 55.74 14.91 -21.53
CA GLN K 102 56.23 14.49 -22.83
C GLN K 102 56.19 15.66 -23.79
N LEU K 103 55.14 16.48 -23.67
CA LEU K 103 55.02 17.72 -24.42
C LEU K 103 56.24 18.62 -24.21
N TYR K 104 56.58 18.84 -22.94
CA TYR K 104 57.76 19.63 -22.58
C TYR K 104 59.04 18.96 -23.05
N ASP K 105 59.10 17.63 -22.93
CA ASP K 105 60.27 16.85 -23.32
C ASP K 105 60.63 17.01 -24.81
N VAL K 106 59.70 17.51 -25.59
CA VAL K 106 59.96 17.81 -26.99
C VAL K 106 60.07 19.33 -27.22
N LEU K 107 59.16 20.08 -26.60
CA LEU K 107 59.08 21.53 -26.77
C LEU K 107 60.35 22.27 -26.31
N LEU K 108 60.92 21.85 -25.19
CA LEU K 108 62.11 22.51 -24.66
C LEU K 108 63.39 22.31 -25.52
N PRO K 109 63.70 21.05 -25.90
CA PRO K 109 64.90 20.89 -26.73
C PRO K 109 64.81 21.62 -28.07
N VAL K 110 63.61 21.65 -28.66
CA VAL K 110 63.41 22.38 -29.90
C VAL K 110 63.69 23.87 -29.70
N LEU K 111 63.18 24.41 -28.58
CA LEU K 111 63.41 25.81 -28.24
C LEU K 111 64.91 26.14 -28.06
N LYS K 112 65.65 25.24 -27.42
CA LYS K 112 67.08 25.46 -27.20
C LYS K 112 67.86 25.54 -28.51
N ARG K 113 67.44 24.74 -29.49
CA ARG K 113 68.15 24.66 -30.77
C ARG K 113 67.77 25.79 -31.71
N LEU K 114 66.62 26.41 -31.49
CA LEU K 114 66.20 27.55 -32.29
C LEU K 114 66.97 28.81 -31.88
N GLY K 115 67.59 28.77 -30.70
CA GLY K 115 68.43 29.87 -30.27
C GLY K 115 67.90 30.68 -29.11
N TYR K 116 66.90 30.16 -28.41
CA TYR K 116 66.36 30.86 -27.24
C TYR K 116 67.21 30.60 -26.01
N ARG K 117 67.22 31.58 -25.10
CA ARG K 117 68.09 31.51 -23.92
C ARG K 117 67.32 31.13 -22.65
N SER K 118 66.02 31.44 -22.63
CA SER K 118 65.19 31.13 -21.47
C SER K 118 63.72 30.96 -21.86
N ALA K 119 63.03 30.05 -21.17
CA ALA K 119 61.62 29.79 -21.45
C ALA K 119 60.76 30.04 -20.21
N TYR K 120 59.64 30.76 -20.39
CA TYR K 120 58.81 31.12 -19.26
C TYR K 120 57.41 30.50 -19.31
N ALA K 121 56.97 29.95 -18.17
CA ALA K 121 55.63 29.42 -18.04
C ALA K 121 54.89 30.15 -16.92
N GLY K 122 53.76 30.75 -17.25
CA GLY K 122 52.93 31.38 -16.24
C GLY K 122 51.92 30.38 -15.71
N ILE K 123 51.81 30.26 -14.40
CA ILE K 123 50.85 29.35 -13.81
C ILE K 123 49.89 30.11 -12.89
N ALA K 124 48.59 30.03 -13.19
CA ALA K 124 47.59 30.56 -12.27
C ALA K 124 47.55 29.70 -11.03
N LEU K 125 47.62 30.33 -9.86
CA LEU K 125 47.72 29.62 -8.60
C LEU K 125 46.40 29.64 -7.82
N PRO K 126 46.14 28.59 -7.01
CA PRO K 126 47.03 27.46 -6.75
C PRO K 126 46.92 26.37 -7.80
N ASN K 127 48.01 25.63 -8.01
CA ASN K 127 48.06 24.50 -8.93
C ASN K 127 49.30 23.67 -8.64
N GLU K 128 49.26 22.94 -7.52
CA GLU K 128 50.43 22.23 -7.01
C GLU K 128 50.98 21.20 -7.99
N GLY K 129 50.09 20.56 -8.74
CA GLY K 129 50.50 19.55 -9.70
C GLY K 129 51.29 20.14 -10.84
N SER K 130 50.82 21.27 -11.36
CA SER K 130 51.49 21.94 -12.46
C SER K 130 52.81 22.58 -11.99
N VAL K 131 52.80 23.11 -10.77
CA VAL K 131 54.02 23.67 -10.17
C VAL K 131 55.02 22.55 -9.91
N GLY K 132 54.54 21.43 -9.41
CA GLY K 132 55.39 20.28 -9.15
C GLY K 132 55.99 19.73 -10.43
N LEU K 133 55.21 19.77 -11.50
CA LEU K 133 55.68 19.32 -12.81
C LEU K 133 56.84 20.18 -13.33
N HIS K 134 56.66 21.50 -13.30
CA HIS K 134 57.68 22.41 -13.81
C HIS K 134 58.97 22.36 -13.00
N GLU K 135 58.85 22.26 -11.68
CA GLU K 135 60.03 22.19 -10.83
C GLU K 135 60.89 20.96 -11.10
N ARG K 136 60.27 19.80 -11.31
CA ARG K 136 61.02 18.59 -11.64
C ARG K 136 61.50 18.57 -13.10
N LEU K 137 61.19 19.63 -13.85
CA LEU K 137 61.67 19.77 -15.22
C LEU K 137 62.92 20.64 -15.30
N GLY K 138 63.06 21.58 -14.36
CA GLY K 138 64.22 22.46 -14.35
C GLY K 138 63.84 23.93 -14.26
N PHE K 139 62.54 24.19 -14.23
CA PHE K 139 62.04 25.56 -14.10
C PHE K 139 62.26 26.07 -12.68
N GLN K 140 62.76 27.29 -12.57
CA GLN K 140 62.88 27.95 -11.27
C GLN K 140 61.77 28.98 -11.12
N HIS K 141 61.23 29.10 -9.92
CA HIS K 141 60.23 30.12 -9.63
C HIS K 141 60.92 31.48 -9.53
N ILE K 142 60.49 32.44 -10.34
CA ILE K 142 61.14 33.76 -10.35
C ILE K 142 60.24 34.91 -9.93
N GLY K 143 58.96 34.64 -9.70
CA GLY K 143 58.04 35.68 -9.27
C GLY K 143 56.59 35.29 -9.35
N THR K 144 55.79 35.86 -8.45
CA THR K 144 54.35 35.67 -8.47
C THR K 144 53.64 37.01 -8.55
N PHE K 145 52.76 37.17 -9.53
CA PHE K 145 51.88 38.33 -9.58
C PHE K 145 50.63 38.01 -8.76
N PRO K 146 50.52 38.56 -7.54
CA PRO K 146 49.42 38.20 -6.65
C PRO K 146 48.14 38.96 -6.94
N GLN K 147 47.00 38.25 -6.92
CA GLN K 147 45.68 38.86 -7.14
C GLN K 147 45.61 39.71 -8.42
N VAL K 148 46.28 39.25 -9.48
CA VAL K 148 46.41 40.03 -10.70
C VAL K 148 45.24 39.80 -11.65
N GLY K 149 44.48 38.73 -11.43
CA GLY K 149 43.39 38.39 -12.32
C GLY K 149 42.10 38.09 -11.57
N PHE K 150 40.98 38.40 -12.19
CA PHE K 150 39.68 38.06 -11.62
C PHE K 150 38.88 37.23 -12.61
N LYS K 151 38.45 36.05 -12.19
CA LYS K 151 37.70 35.16 -13.05
C LYS K 151 36.95 34.13 -12.22
N LEU K 152 35.70 33.89 -12.61
CA LEU K 152 34.80 32.98 -11.90
C LEU K 152 34.68 33.34 -10.42
N ASP K 153 34.39 34.62 -10.17
CA ASP K 153 34.06 35.11 -8.83
C ASP K 153 35.20 35.00 -7.82
N ALA K 154 36.44 35.07 -8.30
CA ALA K 154 37.60 35.03 -7.41
C ALA K 154 38.82 35.71 -8.01
N TRP K 155 39.71 36.18 -7.13
CA TRP K 155 40.98 36.72 -7.60
C TRP K 155 42.04 35.62 -7.64
N HIS K 156 42.99 35.76 -8.56
CA HIS K 156 43.98 34.72 -8.75
C HIS K 156 45.40 35.27 -8.87
N ASP K 157 46.35 34.58 -8.24
CA ASP K 157 47.76 34.91 -8.42
C ASP K 157 48.29 34.17 -9.65
N VAL K 158 49.27 34.77 -10.32
CA VAL K 158 49.94 34.07 -11.42
C VAL K 158 51.44 33.99 -11.12
N GLY K 159 51.94 32.77 -10.97
CA GLY K 159 53.35 32.57 -10.75
C GLY K 159 54.08 32.37 -12.06
N TYR K 160 55.34 32.76 -12.12
CA TYR K 160 56.14 32.55 -13.33
C TYR K 160 57.35 31.67 -13.08
N TRP K 161 57.51 30.65 -13.92
CA TRP K 161 58.64 29.74 -13.82
C TRP K 161 59.58 29.94 -14.99
N ARG K 162 60.87 29.76 -14.75
CA ARG K 162 61.87 30.02 -15.77
C ARG K 162 62.75 28.80 -16.01
N PHE K 163 62.80 28.35 -17.25
CA PHE K 163 63.76 27.35 -17.66
C PHE K 163 64.92 28.05 -18.35
N ASP K 164 66.13 27.79 -17.89
CA ASP K 164 67.32 28.44 -18.46
C ASP K 164 68.04 27.47 -19.40
N PHE K 165 68.21 27.90 -20.65
CA PHE K 165 68.94 27.12 -21.64
C PHE K 165 70.45 27.33 -21.55
N GLY K 166 70.85 28.52 -21.12
CA GLY K 166 72.26 28.87 -21.01
C GLY K 166 72.67 29.95 -22.01
N ASP K 167 73.94 29.93 -22.42
CA ASP K 167 74.51 30.88 -23.39
C ASP K 167 74.60 32.34 -22.92
N GLU K 168 75.29 33.16 -23.71
CA GLU K 168 75.43 34.60 -23.49
C GLU K 168 76.14 35.26 -24.67
N GLY K 169 75.92 34.71 -25.87
CA GLY K 169 76.62 35.15 -27.07
C GLY K 169 75.84 36.05 -27.99
N LEU K 170 74.51 35.89 -27.99
CA LEU K 170 73.59 36.78 -28.71
C LEU K 170 73.62 36.69 -30.24
N HIS K 171 73.11 35.59 -30.79
CA HIS K 171 72.77 35.51 -32.20
C HIS K 171 71.25 35.33 -32.25
N PRO K 172 70.58 36.00 -33.22
CA PRO K 172 69.11 36.04 -33.20
C PRO K 172 68.44 34.67 -33.25
N GLU K 173 67.51 34.44 -32.34
CA GLU K 173 66.74 33.20 -32.30
C GLU K 173 66.07 32.92 -33.64
N ALA K 174 65.97 31.64 -34.00
CA ALA K 174 65.44 31.24 -35.30
C ALA K 174 64.02 30.69 -35.18
N PRO K 175 63.24 30.74 -36.28
CA PRO K 175 61.86 30.23 -36.27
C PRO K 175 61.75 28.75 -36.66
N LEU K 176 60.75 28.06 -36.13
CA LEU K 176 60.44 26.69 -36.53
C LEU K 176 60.16 26.70 -38.03
N GLY K 177 60.93 25.90 -38.78
CA GLY K 177 60.88 25.86 -40.25
C GLY K 177 59.59 26.33 -40.89
N PHE K 178 59.56 27.62 -41.24
CA PHE K 178 58.33 28.35 -41.60
C PHE K 178 57.36 27.61 -42.52
N LEU K 179 56.16 27.37 -42.00
CA LEU K 179 55.11 26.65 -42.71
C LEU K 179 54.47 27.52 -43.79
N GLY L 4 -15.61 -44.92 11.88
CA GLY L 4 -15.82 -43.62 11.25
C GLY L 4 -17.16 -43.04 11.65
N ILE L 5 -17.24 -42.60 12.91
CA ILE L 5 -18.50 -42.24 13.54
C ILE L 5 -19.43 -43.46 13.58
N ASP L 6 -19.08 -44.43 14.42
CA ASP L 6 -19.94 -45.58 14.69
C ASP L 6 -20.38 -45.57 16.15
N ILE L 7 -21.67 -45.73 16.38
CA ILE L 7 -22.22 -45.71 17.74
C ILE L 7 -22.39 -47.13 18.31
N ARG L 8 -21.65 -47.42 19.37
CA ARG L 8 -21.73 -48.73 20.04
C ARG L 8 -22.22 -48.55 21.47
N VAL L 9 -22.81 -49.59 22.03
CA VAL L 9 -23.15 -49.59 23.45
C VAL L 9 -21.84 -49.73 24.21
N ALA L 10 -21.69 -48.96 25.29
CA ALA L 10 -20.45 -48.98 26.06
C ALA L 10 -20.31 -50.23 26.92
N ARG L 11 -19.09 -50.46 27.42
CA ARG L 11 -18.80 -51.55 28.35
C ARG L 11 -17.70 -51.12 29.32
N PRO L 12 -17.63 -51.76 30.51
CA PRO L 12 -16.63 -51.42 31.53
C PRO L 12 -15.19 -51.34 31.00
N GLU L 13 -14.87 -52.13 29.99
CA GLU L 13 -13.53 -52.11 29.41
C GLU L 13 -13.18 -50.76 28.75
N ASP L 14 -14.20 -49.95 28.48
CA ASP L 14 -13.99 -48.65 27.85
C ASP L 14 -13.64 -47.55 28.85
N ALA L 15 -13.46 -47.93 30.11
CA ALA L 15 -13.21 -46.95 31.18
C ALA L 15 -12.00 -46.05 30.92
N GLU L 16 -10.87 -46.66 30.57
CA GLU L 16 -9.64 -45.91 30.33
C GLU L 16 -9.80 -44.85 29.22
N GLU L 17 -10.47 -45.21 28.14
CA GLU L 17 -10.69 -44.28 27.03
C GLU L 17 -11.69 -43.20 27.40
N ILE L 18 -12.68 -43.57 28.22
CA ILE L 18 -13.71 -42.62 28.63
C ILE L 18 -13.15 -41.59 29.61
N GLN L 19 -12.27 -42.03 30.50
CA GLN L 19 -11.62 -41.13 31.46
C GLN L 19 -10.68 -40.13 30.77
N ILE L 20 -10.10 -40.54 29.64
CA ILE L 20 -9.24 -39.65 28.86
C ILE L 20 -10.04 -38.44 28.35
N ILE L 21 -11.29 -38.70 27.96
CA ILE L 21 -12.18 -37.65 27.47
C ILE L 21 -12.75 -36.79 28.61
N TYR L 22 -13.05 -37.44 29.73
CA TYR L 22 -13.69 -36.74 30.84
C TYR L 22 -12.70 -35.93 31.67
N ALA L 23 -11.42 -36.31 31.63
CA ALA L 23 -10.41 -35.65 32.44
C ALA L 23 -10.23 -34.15 32.17
N PRO L 24 -9.98 -33.76 30.90
CA PRO L 24 -9.85 -32.32 30.70
C PRO L 24 -11.18 -31.58 30.89
N ILE L 25 -12.28 -32.27 30.64
CA ILE L 25 -13.61 -31.68 30.84
C ILE L 25 -13.81 -31.28 32.31
N VAL L 26 -13.42 -32.15 33.23
CA VAL L 26 -13.50 -31.85 34.66
C VAL L 26 -12.49 -30.78 35.07
N LEU L 27 -11.25 -30.91 34.60
CA LEU L 27 -10.16 -30.03 35.03
C LEU L 27 -10.17 -28.64 34.39
N ASN L 28 -10.42 -28.56 33.09
CA ASN L 28 -10.24 -27.32 32.35
C ASN L 28 -11.54 -26.58 32.00
N THR L 29 -12.68 -27.25 32.17
CA THR L 29 -13.95 -26.65 31.75
C THR L 29 -15.01 -26.61 32.85
N ALA L 30 -16.16 -26.01 32.52
CA ALA L 30 -17.33 -26.02 33.40
C ALA L 30 -18.44 -26.85 32.80
N ILE L 31 -18.11 -27.61 31.74
CA ILE L 31 -19.04 -28.57 31.15
C ILE L 31 -19.53 -29.55 32.23
N SER L 32 -18.63 -29.91 33.14
CA SER L 32 -18.97 -30.74 34.29
C SER L 32 -18.66 -29.98 35.58
N PHE L 33 -19.52 -30.13 36.59
CA PHE L 33 -19.31 -29.45 37.86
C PHE L 33 -18.54 -30.31 38.87
N GLU L 34 -18.11 -31.49 38.44
CA GLU L 34 -17.14 -32.25 39.22
C GLU L 34 -15.83 -31.45 39.21
N GLU L 35 -15.08 -31.52 40.31
CA GLU L 35 -13.81 -30.81 40.40
C GLU L 35 -12.66 -31.79 40.52
N ALA L 36 -12.96 -32.98 41.02
CA ALA L 36 -11.97 -34.05 41.13
C ALA L 36 -12.20 -35.09 40.05
N VAL L 37 -11.13 -35.48 39.36
CA VAL L 37 -11.24 -36.50 38.31
C VAL L 37 -11.39 -37.89 38.89
N PRO L 38 -12.48 -38.58 38.51
CA PRO L 38 -12.72 -39.95 38.96
C PRO L 38 -11.66 -40.91 38.42
N SER L 39 -11.31 -41.94 39.19
CA SER L 39 -10.29 -42.89 38.76
C SER L 39 -10.85 -43.83 37.70
N VAL L 40 -9.95 -44.57 37.05
CA VAL L 40 -10.35 -45.46 35.96
C VAL L 40 -11.24 -46.59 36.47
N GLU L 41 -11.02 -47.02 37.71
CA GLU L 41 -11.87 -48.04 38.31
C GLU L 41 -13.19 -47.44 38.73
N GLN L 42 -13.17 -46.16 39.11
CA GLN L 42 -14.40 -45.43 39.42
C GLN L 42 -15.25 -45.28 38.16
N MET L 43 -14.60 -44.99 37.03
CA MET L 43 -15.31 -44.92 35.76
C MET L 43 -15.91 -46.27 35.41
N ARG L 44 -15.18 -47.34 35.75
CA ARG L 44 -15.64 -48.70 35.50
C ARG L 44 -16.92 -49.00 36.29
N GLU L 45 -16.98 -48.54 37.53
CA GLU L 45 -18.15 -48.78 38.35
C GLU L 45 -19.34 -47.97 37.86
N ARG L 46 -19.08 -46.74 37.42
CA ARG L 46 -20.14 -45.87 36.91
C ARG L 46 -20.81 -46.47 35.67
N ILE L 47 -20.02 -46.77 34.66
CA ILE L 47 -20.51 -47.40 33.43
C ILE L 47 -21.31 -48.66 33.76
N SER L 48 -20.76 -49.50 34.63
CA SER L 48 -21.45 -50.69 35.09
C SER L 48 -22.73 -50.37 35.87
N THR L 49 -22.70 -49.32 36.68
CA THR L 49 -23.87 -48.93 37.47
C THR L 49 -24.97 -48.31 36.59
N THR L 50 -24.56 -47.59 35.56
CA THR L 50 -25.51 -47.00 34.61
C THR L 50 -26.18 -48.08 33.77
N LEU L 51 -25.37 -49.00 33.24
CA LEU L 51 -25.86 -50.09 32.39
C LEU L 51 -26.95 -50.95 33.02
N GLN L 52 -27.00 -50.95 34.36
CA GLN L 52 -27.99 -51.75 35.08
C GLN L 52 -29.44 -51.29 34.83
N THR L 53 -29.62 -50.05 34.41
CA THR L 53 -30.96 -49.53 34.12
C THR L 53 -31.04 -48.60 32.91
N TYR L 54 -29.98 -47.82 32.68
CA TYR L 54 -29.97 -46.83 31.62
C TYR L 54 -28.96 -47.16 30.51
N PRO L 55 -29.21 -46.65 29.28
CA PRO L 55 -28.26 -46.83 28.18
C PRO L 55 -27.01 -45.97 28.32
N TYR L 56 -25.87 -46.53 27.92
CA TYR L 56 -24.58 -45.84 27.94
C TYR L 56 -23.93 -46.11 26.59
N LEU L 57 -23.70 -45.05 25.81
CA LEU L 57 -23.22 -45.23 24.44
C LEU L 57 -21.82 -44.65 24.24
N VAL L 58 -21.11 -45.17 23.23
CA VAL L 58 -19.82 -44.61 22.83
C VAL L 58 -19.76 -44.36 21.33
N ALA L 59 -19.03 -43.32 20.94
CA ALA L 59 -18.75 -43.08 19.54
C ALA L 59 -17.31 -43.49 19.27
N VAL L 60 -17.13 -44.39 18.31
CA VAL L 60 -15.79 -44.84 17.96
C VAL L 60 -15.39 -44.42 16.54
N ARG L 61 -14.20 -43.83 16.43
CA ARG L 61 -13.63 -43.48 15.12
C ARG L 61 -12.23 -44.05 14.99
N GLU L 62 -12.02 -44.82 13.92
CA GLU L 62 -10.72 -45.44 13.63
C GLU L 62 -10.21 -46.31 14.77
N GLY L 63 -11.13 -46.87 15.56
CA GLY L 63 -10.76 -47.80 16.61
C GLY L 63 -10.71 -47.21 18.02
N ARG L 64 -10.87 -45.90 18.14
CA ARG L 64 -10.80 -45.24 19.45
C ARG L 64 -12.09 -44.49 19.80
N VAL L 65 -12.38 -44.40 21.10
CA VAL L 65 -13.57 -43.69 21.58
C VAL L 65 -13.37 -42.17 21.54
N VAL L 66 -14.25 -41.46 20.85
CA VAL L 66 -14.12 -40.01 20.67
C VAL L 66 -15.26 -39.26 21.35
N GLY L 67 -16.26 -40.00 21.80
CA GLY L 67 -17.38 -39.40 22.51
C GLY L 67 -18.21 -40.47 23.19
N TYR L 68 -18.87 -40.10 24.28
CA TYR L 68 -19.77 -41.01 24.98
C TYR L 68 -20.99 -40.29 25.53
N ALA L 69 -22.07 -41.05 25.70
CA ALA L 69 -23.32 -40.48 26.18
C ALA L 69 -24.01 -41.47 27.09
N TYR L 70 -24.72 -40.95 28.10
CA TYR L 70 -25.48 -41.82 28.98
C TYR L 70 -26.70 -41.11 29.56
N ALA L 71 -27.69 -41.90 29.98
CA ALA L 71 -28.86 -41.37 30.64
C ALA L 71 -28.78 -41.67 32.13
N SER L 72 -29.45 -40.86 32.94
CA SER L 72 -29.42 -41.05 34.38
C SER L 72 -30.75 -40.65 35.00
N GLN L 73 -30.95 -41.01 36.25
CA GLN L 73 -32.16 -40.62 36.97
C GLN L 73 -32.24 -39.09 37.03
N HIS L 74 -33.40 -38.56 36.67
CA HIS L 74 -33.63 -37.11 36.74
C HIS L 74 -33.77 -36.65 38.19
N ARG L 75 -34.65 -37.32 38.94
CA ARG L 75 -34.81 -37.07 40.37
C ARG L 75 -35.30 -38.31 41.10
N ALA L 76 -35.03 -38.38 42.41
CA ALA L 76 -35.24 -39.61 43.17
C ALA L 76 -36.71 -39.97 43.43
N ARG L 77 -37.56 -38.95 43.56
CA ARG L 77 -38.98 -39.16 43.86
C ARG L 77 -39.72 -39.97 42.78
N ALA L 78 -40.73 -40.71 43.20
CA ALA L 78 -41.42 -41.68 42.35
C ALA L 78 -42.12 -41.06 41.13
N ALA L 79 -42.80 -39.94 41.34
CA ALA L 79 -43.55 -39.30 40.26
C ALA L 79 -42.65 -38.79 39.12
N TYR L 80 -41.35 -38.70 39.39
CA TYR L 80 -40.40 -38.24 38.39
C TYR L 80 -39.88 -39.37 37.49
N ARG L 81 -40.47 -40.56 37.61
CA ARG L 81 -39.91 -41.75 36.95
C ARG L 81 -39.96 -41.78 35.42
N TRP L 82 -40.79 -40.96 34.81
CA TRP L 82 -40.83 -40.88 33.34
C TRP L 82 -39.90 -39.80 32.80
N ALA L 83 -39.15 -39.17 33.70
CA ALA L 83 -38.20 -38.15 33.32
C ALA L 83 -36.78 -38.71 33.41
N VAL L 84 -35.93 -38.34 32.45
CA VAL L 84 -34.58 -38.87 32.42
C VAL L 84 -33.58 -37.76 32.10
N ASP L 85 -32.40 -37.83 32.71
CA ASP L 85 -31.37 -36.87 32.40
C ASP L 85 -30.48 -37.49 31.34
N VAL L 86 -30.07 -36.69 30.36
CA VAL L 86 -29.13 -37.15 29.35
C VAL L 86 -27.86 -36.31 29.42
N THR L 87 -26.73 -36.92 29.06
CA THR L 87 -25.43 -36.27 29.15
C THR L 87 -24.57 -36.68 27.95
N VAL L 88 -23.93 -35.71 27.30
CA VAL L 88 -23.08 -36.02 26.16
C VAL L 88 -21.72 -35.32 26.26
N TYR L 89 -20.65 -36.08 26.03
CA TYR L 89 -19.29 -35.54 26.07
C TYR L 89 -18.54 -35.95 24.81
N VAL L 90 -17.69 -35.06 24.29
CA VAL L 90 -16.81 -35.41 23.17
C VAL L 90 -15.36 -35.03 23.48
N ALA L 91 -14.42 -35.73 22.86
CA ALA L 91 -13.00 -35.51 23.14
C ALA L 91 -12.51 -34.13 22.67
N GLU L 92 -11.49 -33.61 23.36
CA GLU L 92 -10.90 -32.32 23.01
C GLU L 92 -10.24 -32.36 21.62
N GLY L 93 -10.55 -31.38 20.79
CA GLY L 93 -9.96 -31.30 19.46
C GLY L 93 -10.74 -32.06 18.42
N GLN L 94 -11.78 -32.77 18.85
CA GLN L 94 -12.64 -33.49 17.92
C GLN L 94 -14.05 -32.90 17.98
N ARG L 95 -14.14 -31.61 18.28
CA ARG L 95 -15.41 -30.89 18.28
C ARG L 95 -15.94 -30.75 16.86
N ARG L 96 -16.69 -29.67 16.62
CA ARG L 96 -17.48 -29.55 15.39
C ARG L 96 -18.29 -30.83 15.26
N SER L 97 -19.20 -31.03 16.20
CA SER L 97 -19.87 -32.32 16.41
C SER L 97 -21.39 -32.21 16.31
N GLY L 98 -22.00 -33.13 15.56
CA GLY L 98 -21.26 -34.19 14.88
C GLY L 98 -21.28 -35.48 15.67
N ILE L 99 -20.21 -35.70 16.44
CA ILE L 99 -20.14 -36.83 17.36
C ILE L 99 -21.29 -36.76 18.37
N ALA L 100 -21.46 -35.58 18.96
CA ALA L 100 -22.51 -35.39 19.94
C ALA L 100 -23.90 -35.54 19.31
N ARG L 101 -24.06 -35.09 18.06
CA ARG L 101 -25.34 -35.23 17.36
C ARG L 101 -25.68 -36.68 17.09
N GLN L 102 -24.69 -37.46 16.65
CA GLN L 102 -24.91 -38.88 16.36
C GLN L 102 -25.15 -39.68 17.63
N LEU L 103 -24.65 -39.18 18.75
CA LEU L 103 -24.93 -39.79 20.04
C LEU L 103 -26.41 -39.67 20.39
N TYR L 104 -26.90 -38.44 20.47
CA TYR L 104 -28.32 -38.17 20.73
C TYR L 104 -29.25 -38.87 19.72
N ASP L 105 -28.82 -38.98 18.48
CA ASP L 105 -29.62 -39.64 17.44
C ASP L 105 -29.90 -41.12 17.74
N VAL L 106 -29.06 -41.73 18.56
CA VAL L 106 -29.30 -43.11 19.00
C VAL L 106 -29.93 -43.14 20.39
N LEU L 107 -29.36 -42.33 21.29
CA LEU L 107 -29.78 -42.31 22.69
C LEU L 107 -31.24 -41.96 22.86
N LEU L 108 -31.69 -40.94 22.15
CA LEU L 108 -33.05 -40.43 22.29
C LEU L 108 -34.15 -41.43 21.86
N PRO L 109 -34.03 -42.05 20.67
CA PRO L 109 -35.06 -43.03 20.32
C PRO L 109 -35.09 -44.22 21.25
N VAL L 110 -33.93 -44.63 21.78
CA VAL L 110 -33.89 -45.73 22.74
C VAL L 110 -34.69 -45.36 23.98
N LEU L 111 -34.42 -44.17 24.53
CA LEU L 111 -35.18 -43.65 25.65
C LEU L 111 -36.69 -43.66 25.40
N LYS L 112 -37.10 -43.26 24.20
CA LYS L 112 -38.51 -43.23 23.83
C LYS L 112 -39.17 -44.61 23.90
N ARG L 113 -38.43 -45.64 23.46
CA ARG L 113 -38.93 -47.01 23.45
C ARG L 113 -38.99 -47.62 24.86
N LEU L 114 -38.18 -47.10 25.76
CA LEU L 114 -38.18 -47.60 27.13
C LEU L 114 -39.35 -47.02 27.92
N GLY L 115 -39.99 -46.00 27.36
CA GLY L 115 -41.19 -45.45 27.96
C GLY L 115 -41.02 -44.12 28.66
N TYR L 116 -39.91 -43.43 28.39
CA TYR L 116 -39.72 -42.11 28.99
C TYR L 116 -40.56 -41.06 28.25
N ARG L 117 -41.01 -40.04 28.98
CA ARG L 117 -41.86 -39.02 28.39
C ARG L 117 -41.10 -37.75 28.04
N SER L 118 -40.06 -37.46 28.81
CA SER L 118 -39.24 -36.28 28.56
C SER L 118 -37.79 -36.48 29.01
N ALA L 119 -36.86 -35.92 28.24
CA ALA L 119 -35.45 -36.00 28.58
C ALA L 119 -34.93 -34.61 28.91
N TYR L 120 -33.99 -34.52 29.85
CA TYR L 120 -33.46 -33.22 30.24
C TYR L 120 -31.93 -33.14 30.14
N ALA L 121 -31.46 -32.00 29.64
CA ALA L 121 -30.03 -31.77 29.51
C ALA L 121 -29.64 -30.43 30.12
N GLY L 122 -28.72 -30.46 31.08
CA GLY L 122 -28.23 -29.24 31.69
C GLY L 122 -26.96 -28.77 31.01
N ILE L 123 -26.95 -27.51 30.59
CA ILE L 123 -25.80 -26.95 29.92
C ILE L 123 -25.26 -25.75 30.68
N ALA L 124 -24.00 -25.81 31.07
CA ALA L 124 -23.33 -24.65 31.65
C ALA L 124 -23.22 -23.54 30.60
N LEU L 125 -23.56 -22.32 31.00
CA LEU L 125 -23.55 -21.20 30.08
C LEU L 125 -22.40 -20.23 30.38
N PRO L 126 -21.84 -19.60 29.33
CA PRO L 126 -22.23 -19.73 27.92
C PRO L 126 -21.60 -20.92 27.20
N ASN L 127 -22.32 -21.43 26.20
CA ASN L 127 -21.84 -22.54 25.37
C ASN L 127 -22.60 -22.56 24.04
N GLU L 128 -22.13 -21.77 23.08
CA GLU L 128 -22.81 -21.62 21.79
C GLU L 128 -22.90 -22.92 20.99
N GLY L 129 -21.81 -23.69 20.98
CA GLY L 129 -21.79 -24.96 20.28
C GLY L 129 -22.82 -25.93 20.82
N SER L 130 -22.91 -26.04 22.15
CA SER L 130 -23.82 -26.97 22.79
C SER L 130 -25.28 -26.49 22.76
N VAL L 131 -25.51 -25.22 23.04
CA VAL L 131 -26.85 -24.66 22.96
C VAL L 131 -27.41 -24.80 21.54
N GLY L 132 -26.52 -24.66 20.56
CA GLY L 132 -26.91 -24.80 19.17
C GLY L 132 -27.35 -26.21 18.81
N LEU L 133 -26.57 -27.18 19.25
CA LEU L 133 -26.87 -28.58 18.95
C LEU L 133 -28.21 -29.03 19.54
N HIS L 134 -28.46 -28.68 20.79
CA HIS L 134 -29.71 -29.05 21.43
C HIS L 134 -30.89 -28.39 20.75
N GLU L 135 -30.74 -27.10 20.41
CA GLU L 135 -31.83 -26.37 19.78
C GLU L 135 -32.24 -26.99 18.45
N ARG L 136 -31.27 -27.47 17.67
CA ARG L 136 -31.57 -28.08 16.38
C ARG L 136 -31.85 -29.59 16.46
N LEU L 137 -31.97 -30.10 17.68
CA LEU L 137 -32.39 -31.48 17.88
C LEU L 137 -33.83 -31.52 18.41
N GLY L 138 -34.40 -30.35 18.65
CA GLY L 138 -35.76 -30.26 19.13
C GLY L 138 -35.86 -30.07 20.63
N PHE L 139 -34.75 -29.74 21.27
CA PHE L 139 -34.78 -29.45 22.69
C PHE L 139 -35.40 -28.06 22.93
N GLN L 140 -36.12 -27.92 24.04
CA GLN L 140 -36.72 -26.65 24.41
C GLN L 140 -36.07 -26.08 25.67
N HIS L 141 -35.57 -24.84 25.57
CA HIS L 141 -35.04 -24.15 26.74
C HIS L 141 -36.19 -23.94 27.71
N ILE L 142 -36.12 -24.54 28.88
CA ILE L 142 -37.18 -24.41 29.86
C ILE L 142 -36.77 -23.67 31.13
N GLY L 143 -35.55 -23.14 31.15
CA GLY L 143 -35.10 -22.39 32.31
C GLY L 143 -33.59 -22.27 32.44
N THR L 144 -33.15 -21.36 33.32
CA THR L 144 -31.74 -21.18 33.61
C THR L 144 -31.54 -20.94 35.11
N PHE L 145 -30.61 -21.67 35.70
CA PHE L 145 -30.20 -21.44 37.08
C PHE L 145 -28.98 -20.52 37.06
N PRO L 146 -29.19 -19.23 37.38
CA PRO L 146 -28.12 -18.23 37.28
C PRO L 146 -27.17 -18.26 38.47
N GLN L 147 -25.86 -18.23 38.19
CA GLN L 147 -24.82 -18.23 39.22
C GLN L 147 -24.97 -19.37 40.23
N VAL L 148 -25.43 -20.52 39.74
CA VAL L 148 -25.71 -21.66 40.60
C VAL L 148 -24.43 -22.47 40.88
N GLY L 149 -23.39 -22.26 40.09
CA GLY L 149 -22.16 -23.02 40.27
C GLY L 149 -20.92 -22.15 40.26
N PHE L 150 -20.00 -22.43 41.18
CA PHE L 150 -18.70 -21.75 41.18
C PHE L 150 -17.58 -22.73 40.85
N LYS L 151 -16.91 -22.48 39.74
CA LYS L 151 -15.80 -23.33 39.33
C LYS L 151 -14.85 -22.52 38.45
N LEU L 152 -13.56 -22.83 38.58
CA LEU L 152 -12.50 -22.17 37.82
C LEU L 152 -12.58 -20.65 37.97
N ASP L 153 -12.70 -20.19 39.23
CA ASP L 153 -12.74 -18.76 39.55
C ASP L 153 -13.83 -18.00 38.79
N ALA L 154 -14.98 -18.65 38.60
CA ALA L 154 -16.12 -18.02 37.94
C ALA L 154 -17.44 -18.65 38.35
N TRP L 155 -18.46 -17.82 38.52
CA TRP L 155 -19.81 -18.31 38.73
C TRP L 155 -20.44 -18.65 37.37
N HIS L 156 -21.20 -19.74 37.33
CA HIS L 156 -21.72 -20.24 36.06
C HIS L 156 -23.23 -20.42 36.07
N ASP L 157 -23.89 -19.88 35.05
CA ASP L 157 -25.30 -20.13 34.85
C ASP L 157 -25.46 -21.53 34.27
N VAL L 158 -26.52 -22.23 34.64
CA VAL L 158 -26.82 -23.53 34.04
C VAL L 158 -28.22 -23.51 33.46
N GLY L 159 -28.31 -23.72 32.15
CA GLY L 159 -29.61 -23.77 31.48
C GLY L 159 -30.09 -25.19 31.26
N TYR L 160 -31.41 -25.38 31.26
CA TYR L 160 -31.98 -26.71 31.02
C TYR L 160 -32.80 -26.79 29.74
N TRP L 161 -32.46 -27.77 28.91
CA TRP L 161 -33.21 -28.00 27.68
C TRP L 161 -34.06 -29.25 27.80
N ARG L 162 -35.29 -29.18 27.33
CA ARG L 162 -36.20 -30.32 27.40
C ARG L 162 -36.50 -30.87 26.01
N PHE L 163 -36.37 -32.19 25.88
CA PHE L 163 -36.86 -32.87 24.70
C PHE L 163 -38.07 -33.71 25.12
N ASP L 164 -39.20 -33.48 24.46
CA ASP L 164 -40.45 -34.16 24.81
C ASP L 164 -40.73 -35.31 23.85
N PHE L 165 -41.02 -36.48 24.41
CA PHE L 165 -41.31 -37.66 23.61
C PHE L 165 -42.81 -37.77 23.31
N GLY L 166 -43.64 -37.25 24.20
CA GLY L 166 -45.09 -37.32 24.03
C GLY L 166 -45.77 -38.17 25.10
N ASP L 167 -46.98 -38.64 24.80
CA ASP L 167 -47.76 -39.56 25.65
C ASP L 167 -48.32 -38.98 26.97
N GLU L 168 -49.38 -39.61 27.49
CA GLU L 168 -50.05 -39.19 28.72
C GLU L 168 -50.94 -40.29 29.34
N GLY L 169 -50.61 -41.55 29.03
CA GLY L 169 -51.35 -42.69 29.56
C GLY L 169 -50.71 -43.32 30.80
N LEU L 170 -49.40 -43.16 30.90
CA LEU L 170 -48.62 -43.55 32.07
C LEU L 170 -48.46 -45.07 32.29
N HIS L 171 -47.26 -45.57 31.99
CA HIS L 171 -46.83 -46.92 32.32
C HIS L 171 -45.32 -46.88 32.56
N PRO L 172 -44.87 -47.36 33.74
CA PRO L 172 -43.50 -47.22 34.26
C PRO L 172 -42.43 -47.55 33.22
N GLU L 173 -41.37 -46.74 33.17
CA GLU L 173 -40.32 -46.91 32.17
C GLU L 173 -39.61 -48.26 32.29
N ALA L 174 -39.06 -48.73 31.18
CA ALA L 174 -38.36 -50.01 31.13
C ALA L 174 -36.84 -49.81 31.22
N PRO L 175 -36.11 -50.82 31.71
CA PRO L 175 -34.64 -50.76 31.73
C PRO L 175 -34.03 -51.11 30.38
N LEU L 176 -32.85 -50.56 30.07
CA LEU L 176 -32.08 -51.02 28.92
C LEU L 176 -31.62 -52.44 29.23
N GLY L 177 -31.91 -53.37 28.32
CA GLY L 177 -31.72 -54.80 28.52
C GLY L 177 -30.60 -55.19 29.47
N PHE L 178 -30.96 -55.32 30.74
CA PHE L 178 -30.01 -55.48 31.84
C PHE L 178 -28.94 -56.56 31.61
N LEU L 179 -27.71 -56.25 32.00
CA LEU L 179 -26.57 -57.15 31.84
C LEU L 179 -26.81 -58.51 32.48
#